data_3P4W
#
_entry.id   3P4W
#
_cell.length_a   181.120
_cell.length_b   132.370
_cell.length_c   159.690
_cell.angle_alpha   90.00
_cell.angle_beta   102.13
_cell.angle_gamma   90.00
#
_symmetry.space_group_name_H-M   'C 1 2 1'
#
loop_
_entity.id
_entity.type
_entity.pdbx_description
1 polymer 'Glr4197 protein'
2 non-polymer DODECYL-BETA-D-MALTOSIDE
3 non-polymer (2S)-2-(difluoromethoxy)-1,1,1,2-tetrafluoroethane
4 non-polymer 'DIUNDECYL PHOSPHATIDYL CHOLINE'
5 water water
#
_entity_poly.entity_id   1
_entity_poly.type   'polypeptide(L)'
_entity_poly.pdbx_seq_one_letter_code
;AQDMVSPPPPIADEPLTVNTGIYLIECYSLDDKAETFKVNAFLSLSWKDRRLAFDPVRSGVRVKTYEPEAIWIPEIRFVN
VENARDADVVDISVSPDGTVQYLERFSARVLSPLDFRRYPFDSQTLHIYLIVRSVDTRNIVLAVDLEKVGKNDDVFLTGW
DIESFTAVVKPANFALEDRLESKLDYQLRISRQYFSYIPNIILPMLFILFISWTAFWSTSYEANVTLVVSTLIAHIAFNI
LVETNLPKTPYMTYTGAIIFMIYLFYFVAVIEVTVQHYLKVESQPARAASITRASRIAFPVVFLLANIILAFLFFGFG
;
_entity_poly.pdbx_strand_id   A,B,C,D,E
#
loop_
_chem_comp.id
_chem_comp.type
_chem_comp.name
_chem_comp.formula
DSF non-polymer (2S)-2-(difluoromethoxy)-1,1,1,2-tetrafluoroethane 'C3 H2 F6 O'
LMT D-saccharide DODECYL-BETA-D-MALTOSIDE 'C24 H46 O11'
PLC non-polymer 'DIUNDECYL PHOSPHATIDYL CHOLINE' 'C32 H65 N O8 P 1'
#
# COMPACT_ATOMS: atom_id res chain seq x y z
N VAL A 5 38.92 -18.13 12.55
CA VAL A 5 37.88 -17.57 13.40
C VAL A 5 36.93 -18.63 13.88
N SER A 6 36.91 -18.80 15.20
CA SER A 6 36.13 -19.77 15.95
C SER A 6 36.04 -19.22 17.38
N PRO A 7 35.03 -19.64 18.20
CA PRO A 7 34.88 -19.06 19.55
C PRO A 7 36.09 -19.05 20.46
N PRO A 8 36.23 -18.02 21.34
CA PRO A 8 37.35 -18.03 22.30
C PRO A 8 37.21 -19.23 23.26
N PRO A 9 38.24 -20.08 23.45
CA PRO A 9 38.06 -21.26 24.30
C PRO A 9 37.98 -20.97 25.81
N PRO A 10 37.27 -21.84 26.59
CA PRO A 10 37.13 -21.56 28.02
C PRO A 10 38.39 -21.78 28.83
N ILE A 11 38.64 -20.87 29.81
CA ILE A 11 39.78 -21.01 30.72
C ILE A 11 39.54 -22.30 31.52
N ALA A 12 38.42 -22.36 32.24
CA ALA A 12 37.96 -23.55 32.95
C ALA A 12 37.02 -24.27 31.95
N ASP A 13 35.70 -24.21 32.22
CA ASP A 13 34.63 -24.74 31.38
C ASP A 13 33.38 -23.84 31.59
N GLU A 14 33.63 -22.53 31.69
CA GLU A 14 32.59 -21.54 31.90
C GLU A 14 31.93 -21.14 30.57
N PRO A 15 30.67 -20.65 30.59
CA PRO A 15 30.09 -20.18 29.33
C PRO A 15 30.59 -18.76 29.03
N LEU A 16 30.50 -18.36 27.75
CA LEU A 16 30.93 -17.04 27.30
C LEU A 16 29.84 -15.98 27.50
N THR A 17 30.18 -14.95 28.27
CA THR A 17 29.26 -13.87 28.50
C THR A 17 29.44 -12.74 27.51
N VAL A 18 28.33 -12.44 26.80
CA VAL A 18 28.25 -11.37 25.82
C VAL A 18 27.35 -10.29 26.43
N ASN A 19 27.98 -9.16 26.75
CA ASN A 19 27.39 -8.01 27.39
C ASN A 19 26.75 -7.09 26.34
N THR A 20 25.41 -7.00 26.41
CA THR A 20 24.62 -6.26 25.45
C THR A 20 24.10 -4.93 25.94
N GLY A 21 23.55 -4.17 25.01
CA GLY A 21 22.98 -2.85 25.22
C GLY A 21 22.40 -2.27 23.94
N ILE A 22 21.17 -1.81 24.04
CA ILE A 22 20.44 -1.21 22.94
C ILE A 22 20.21 0.26 23.28
N TYR A 23 20.60 1.15 22.38
CA TYR A 23 20.37 2.58 22.56
C TYR A 23 19.52 3.11 21.42
N LEU A 24 18.20 3.31 21.68
CA LEU A 24 17.23 3.79 20.69
C LEU A 24 17.58 5.14 20.13
N ILE A 25 17.51 5.26 18.80
CA ILE A 25 17.78 6.51 18.07
C ILE A 25 16.45 7.00 17.45
N GLU A 26 15.68 6.07 16.83
CA GLU A 26 14.40 6.37 16.21
C GLU A 26 13.31 5.33 16.55
N CYS A 27 12.09 5.82 16.75
CA CYS A 27 10.93 4.99 16.97
C CYS A 27 9.81 5.48 16.16
N TYR A 28 9.32 4.63 15.29
CA TYR A 28 8.28 5.05 14.37
C TYR A 28 7.40 3.88 13.97
N SER A 29 6.36 4.19 13.19
CA SER A 29 5.43 3.25 12.61
C SER A 29 4.87 2.20 13.59
N LEU A 30 4.21 2.66 14.67
CA LEU A 30 3.56 1.70 15.52
C LEU A 30 2.21 1.42 14.85
N ASP A 31 2.13 0.31 14.11
CA ASP A 31 0.95 -0.13 13.39
C ASP A 31 0.09 -0.96 14.32
N ASP A 32 -1.12 -0.48 14.66
CA ASP A 32 -1.99 -1.21 15.58
C ASP A 32 -2.55 -2.48 14.98
N LYS A 33 -3.04 -2.38 13.76
CA LYS A 33 -3.60 -3.49 13.01
C LYS A 33 -2.57 -4.63 12.86
N ALA A 34 -1.32 -4.28 12.50
CA ALA A 34 -0.22 -5.24 12.31
C ALA A 34 0.45 -5.69 13.59
N GLU A 35 0.33 -4.88 14.67
CA GLU A 35 1.00 -5.09 15.96
C GLU A 35 2.54 -5.13 15.76
N THR A 36 3.05 -4.13 14.99
CA THR A 36 4.46 -3.96 14.68
C THR A 36 4.89 -2.51 14.90
N PHE A 37 6.20 -2.31 15.04
CA PHE A 37 6.84 -1.00 15.17
C PHE A 37 8.23 -1.06 14.57
N LYS A 38 8.71 0.08 14.11
CA LYS A 38 10.04 0.11 13.52
C LYS A 38 10.97 0.77 14.53
N VAL A 39 12.19 0.29 14.55
CA VAL A 39 13.19 0.77 15.50
C VAL A 39 14.53 0.99 14.81
N ASN A 40 15.24 2.05 15.20
CA ASN A 40 16.57 2.38 14.70
C ASN A 40 17.39 2.68 15.94
N ALA A 41 18.42 1.86 16.20
CA ALA A 41 19.16 1.93 17.44
C ALA A 41 20.56 1.44 17.30
N PHE A 42 21.36 1.65 18.36
CA PHE A 42 22.73 1.15 18.44
C PHE A 42 22.63 -0.15 19.18
N LEU A 43 23.34 -1.17 18.70
CA LEU A 43 23.47 -2.47 19.38
C LEU A 43 24.92 -2.56 19.79
N SER A 44 25.17 -2.65 21.10
CA SER A 44 26.51 -2.75 21.65
C SER A 44 26.76 -4.16 22.21
N LEU A 45 27.84 -4.83 21.74
CA LEU A 45 28.25 -6.17 22.19
C LEU A 45 29.64 -6.15 22.80
N SER A 46 29.82 -6.85 23.93
CA SER A 46 31.10 -6.88 24.62
C SER A 46 31.33 -8.22 25.29
N TRP A 47 32.47 -8.84 24.97
CA TRP A 47 32.86 -10.16 25.46
C TRP A 47 34.36 -10.17 25.57
N LYS A 48 34.92 -11.16 26.27
CA LYS A 48 36.36 -11.30 26.41
C LYS A 48 36.88 -12.41 25.47
N ASP A 49 37.91 -12.11 24.68
CA ASP A 49 38.58 -13.07 23.79
C ASP A 49 40.08 -12.91 24.03
N ARG A 50 40.60 -13.70 25.01
CA ARG A 50 42.01 -13.70 25.41
C ARG A 50 42.99 -13.90 24.26
N ARG A 51 42.64 -14.70 23.24
CA ARG A 51 43.47 -14.89 22.03
C ARG A 51 43.84 -13.54 21.40
N LEU A 52 43.05 -12.46 21.71
CA LEU A 52 43.23 -11.08 21.23
C LEU A 52 43.99 -10.13 22.20
N ALA A 53 44.25 -10.59 23.46
CA ALA A 53 44.98 -9.82 24.46
C ALA A 53 46.39 -9.47 23.99
N PHE A 54 46.90 -8.33 24.47
CA PHE A 54 48.21 -7.80 24.09
C PHE A 54 48.84 -6.93 25.21
N ASP A 55 50.18 -6.74 25.15
CA ASP A 55 50.94 -5.89 26.08
C ASP A 55 50.94 -4.47 25.48
N PRO A 56 50.38 -3.49 26.24
CA PRO A 56 50.29 -2.11 25.72
C PRO A 56 51.64 -1.45 25.45
N VAL A 57 52.70 -1.92 26.17
CA VAL A 57 54.09 -1.46 26.09
C VAL A 57 54.78 -1.80 24.75
N ARG A 58 54.89 -3.12 24.44
CA ARG A 58 55.52 -3.64 23.21
C ARG A 58 54.83 -3.14 21.95
N SER A 59 53.49 -3.05 21.98
CA SER A 59 52.66 -2.62 20.85
C SER A 59 52.57 -1.11 20.66
N GLY A 60 52.68 -0.38 21.77
CA GLY A 60 52.68 1.08 21.76
C GLY A 60 51.36 1.72 21.40
N VAL A 61 50.24 0.99 21.66
CA VAL A 61 48.83 1.38 21.46
C VAL A 61 48.01 0.79 22.62
N ARG A 62 47.10 1.58 23.22
CA ARG A 62 46.28 1.10 24.35
C ARG A 62 44.97 0.44 23.95
N VAL A 63 44.69 0.38 22.64
CA VAL A 63 43.48 -0.22 22.02
C VAL A 63 43.81 -0.79 20.65
N LYS A 64 43.01 -1.75 20.21
CA LYS A 64 43.19 -2.32 18.88
C LYS A 64 41.88 -2.37 18.14
N THR A 65 41.89 -1.83 16.93
CA THR A 65 40.74 -1.81 16.04
C THR A 65 40.77 -3.00 15.07
N TYR A 66 39.59 -3.58 14.81
CA TYR A 66 39.45 -4.71 13.90
C TYR A 66 38.27 -4.56 12.97
N GLU A 67 38.38 -5.23 11.82
CA GLU A 67 37.33 -5.32 10.82
C GLU A 67 36.54 -6.58 11.17
N PRO A 68 35.19 -6.55 11.06
CA PRO A 68 34.38 -7.72 11.45
C PRO A 68 34.96 -9.11 11.13
N GLU A 69 35.36 -9.30 9.86
CA GLU A 69 35.92 -10.53 9.29
C GLU A 69 37.22 -10.97 9.96
N ALA A 70 38.00 -10.01 10.49
CA ALA A 70 39.28 -10.28 11.13
C ALA A 70 39.15 -11.11 12.41
N ILE A 71 38.08 -10.89 13.19
CA ILE A 71 37.86 -11.57 14.48
C ILE A 71 36.54 -12.31 14.64
N TRP A 72 36.48 -13.17 15.66
CA TRP A 72 35.26 -13.88 16.01
C TRP A 72 34.31 -12.91 16.71
N ILE A 73 33.07 -12.82 16.17
CA ILE A 73 31.98 -11.98 16.65
C ILE A 73 30.75 -12.86 16.87
N PRO A 74 30.12 -12.81 18.05
CA PRO A 74 28.94 -13.66 18.28
C PRO A 74 27.76 -13.33 17.35
N GLU A 75 27.06 -14.39 16.95
CA GLU A 75 25.88 -14.31 16.11
C GLU A 75 24.67 -13.97 16.98
N ILE A 76 24.46 -12.64 17.17
CA ILE A 76 23.30 -12.11 17.92
C ILE A 76 22.21 -11.87 16.90
N ARG A 77 21.01 -12.36 17.19
CA ARG A 77 19.82 -12.20 16.35
C ARG A 77 18.63 -11.70 17.21
N PHE A 78 17.63 -11.08 16.57
CA PHE A 78 16.44 -10.66 17.30
C PHE A 78 15.43 -11.74 17.07
N VAL A 79 14.61 -12.02 18.08
CA VAL A 79 13.60 -13.06 17.96
C VAL A 79 12.38 -12.55 17.23
N ASN A 80 11.73 -11.53 17.80
CA ASN A 80 10.49 -10.95 17.29
C ASN A 80 10.64 -9.93 16.16
N VAL A 81 11.39 -10.30 15.12
CA VAL A 81 11.52 -9.44 13.95
C VAL A 81 10.87 -10.11 12.76
N GLU A 82 10.47 -9.28 11.77
CA GLU A 82 9.88 -9.72 10.51
C GLU A 82 11.00 -10.38 9.68
N ASN A 83 12.08 -9.61 9.41
CA ASN A 83 13.25 -10.09 8.72
C ASN A 83 14.45 -9.67 9.54
N ALA A 84 15.59 -10.32 9.28
CA ALA A 84 16.82 -10.02 9.98
C ALA A 84 17.14 -8.53 9.86
N ARG A 85 17.53 -7.91 10.98
CA ARG A 85 17.89 -6.50 11.05
C ARG A 85 18.91 -6.03 10.01
N ASP A 86 18.78 -4.78 9.62
CA ASP A 86 19.66 -4.09 8.70
C ASP A 86 20.72 -3.45 9.58
N ALA A 87 21.95 -3.99 9.55
CA ALA A 87 22.98 -3.45 10.42
C ALA A 87 24.20 -2.96 9.69
N ASP A 88 24.84 -1.95 10.28
CA ASP A 88 26.08 -1.34 9.80
C ASP A 88 27.01 -1.35 10.99
N VAL A 89 28.20 -1.99 10.86
CA VAL A 89 29.16 -2.03 11.96
C VAL A 89 29.77 -0.64 12.06
N VAL A 90 29.67 -0.05 13.25
CA VAL A 90 30.16 1.29 13.52
C VAL A 90 31.61 1.19 13.95
N ASP A 91 31.94 0.29 14.90
CA ASP A 91 33.28 0.19 15.46
C ASP A 91 33.50 -1.09 16.27
N ILE A 92 34.73 -1.64 16.18
CA ILE A 92 35.21 -2.80 16.95
C ILE A 92 36.55 -2.43 17.61
N SER A 93 36.58 -2.38 18.96
CA SER A 93 37.77 -1.99 19.74
C SER A 93 38.20 -3.07 20.75
N VAL A 94 39.49 -3.44 20.74
CA VAL A 94 40.04 -4.44 21.66
C VAL A 94 40.98 -3.79 22.63
N SER A 95 40.72 -4.05 23.92
CA SER A 95 41.55 -3.51 25.00
C SER A 95 42.70 -4.48 25.33
N PRO A 96 43.78 -4.04 26.05
CA PRO A 96 44.91 -4.96 26.32
C PRO A 96 44.59 -6.35 26.84
N ASP A 97 43.60 -6.47 27.73
CA ASP A 97 43.21 -7.75 28.29
C ASP A 97 42.32 -8.61 27.37
N GLY A 98 42.15 -8.20 26.12
CA GLY A 98 41.33 -8.90 25.15
C GLY A 98 39.85 -8.75 25.38
N THR A 99 39.42 -7.57 25.89
CA THR A 99 38.00 -7.28 26.04
C THR A 99 37.55 -6.67 24.71
N VAL A 100 36.63 -7.37 24.03
CA VAL A 100 36.10 -6.86 22.77
C VAL A 100 34.86 -5.95 22.96
N GLN A 101 34.94 -4.74 22.37
CA GLN A 101 33.87 -3.74 22.37
C GLN A 101 33.43 -3.46 20.93
N TYR A 102 32.26 -4.04 20.60
CA TYR A 102 31.59 -4.00 19.32
C TYR A 102 30.41 -3.02 19.39
N LEU A 103 30.15 -2.32 18.26
CA LEU A 103 29.03 -1.40 18.09
C LEU A 103 28.55 -1.35 16.63
N GLU A 104 27.24 -1.48 16.48
CA GLU A 104 26.56 -1.49 15.19
C GLU A 104 25.31 -0.66 15.31
N ARG A 105 24.90 -0.05 14.19
CA ARG A 105 23.66 0.70 14.17
C ARG A 105 22.72 -0.10 13.30
N PHE A 106 21.52 -0.39 13.82
CA PHE A 106 20.60 -1.23 13.10
C PHE A 106 19.22 -0.63 13.02
N SER A 107 18.41 -1.19 12.10
CA SER A 107 17.01 -0.86 11.90
C SER A 107 16.29 -2.20 11.77
N ALA A 108 15.09 -2.32 12.41
CA ALA A 108 14.30 -3.56 12.33
C ALA A 108 12.82 -3.33 12.51
N ARG A 109 11.97 -4.24 11.96
CA ARG A 109 10.50 -4.17 12.16
C ARG A 109 10.12 -5.21 13.20
N VAL A 110 9.80 -4.73 14.40
CA VAL A 110 9.54 -5.57 15.55
C VAL A 110 8.06 -5.99 15.65
N LEU A 111 7.83 -7.28 15.89
CA LEU A 111 6.52 -7.89 16.06
C LEU A 111 6.25 -7.90 17.55
N SER A 112 5.36 -7.07 18.04
CA SER A 112 5.09 -7.09 19.48
C SER A 112 3.59 -6.96 19.68
N PRO A 113 2.92 -8.01 20.23
CA PRO A 113 1.45 -7.94 20.39
C PRO A 113 1.06 -6.86 21.38
N LEU A 114 -0.14 -6.33 21.14
CA LEU A 114 -0.74 -5.26 21.92
C LEU A 114 -2.04 -5.74 22.58
N ASP A 115 -2.33 -5.17 23.79
CA ASP A 115 -3.54 -5.45 24.55
C ASP A 115 -4.50 -4.33 24.28
N PHE A 116 -5.46 -4.58 23.39
CA PHE A 116 -6.44 -3.56 22.98
C PHE A 116 -7.60 -3.34 23.95
N ARG A 117 -7.62 -4.09 25.07
CA ARG A 117 -8.66 -4.05 26.08
C ARG A 117 -9.08 -2.65 26.52
N ARG A 118 -8.11 -1.77 26.78
CA ARG A 118 -8.42 -0.39 27.21
C ARG A 118 -8.38 0.71 26.14
N TYR A 119 -8.29 0.35 24.84
CA TYR A 119 -8.21 1.29 23.73
C TYR A 119 -9.39 2.26 23.74
N PRO A 120 -9.17 3.58 23.47
CA PRO A 120 -7.89 4.24 23.18
C PRO A 120 -7.16 4.78 24.41
N PHE A 121 -7.50 4.28 25.62
CA PHE A 121 -6.88 4.71 26.91
C PHE A 121 -5.87 3.69 27.42
N ASP A 122 -5.29 2.91 26.50
CA ASP A 122 -4.35 1.81 26.80
C ASP A 122 -2.91 2.23 26.88
N SER A 123 -2.12 1.37 27.56
CA SER A 123 -0.67 1.44 27.64
C SER A 123 -0.16 0.10 27.16
N GLN A 124 1.08 0.08 26.65
CA GLN A 124 1.67 -1.13 26.12
C GLN A 124 3.12 -1.27 26.56
N THR A 125 3.62 -2.52 26.53
CA THR A 125 5.02 -2.86 26.80
C THR A 125 5.58 -3.53 25.55
N LEU A 126 6.28 -2.77 24.73
CA LEU A 126 6.85 -3.36 23.54
C LEU A 126 8.11 -4.15 23.91
N HIS A 127 8.34 -5.28 23.20
CA HIS A 127 9.51 -6.12 23.48
C HIS A 127 10.44 -6.22 22.31
N ILE A 128 11.72 -6.33 22.65
CA ILE A 128 12.79 -6.53 21.69
C ILE A 128 13.59 -7.67 22.33
N TYR A 129 13.47 -8.89 21.76
CA TYR A 129 14.14 -10.05 22.30
C TYR A 129 15.43 -10.34 21.60
N LEU A 130 16.54 -10.23 22.33
CA LEU A 130 17.89 -10.52 21.83
C LEU A 130 18.20 -11.97 22.06
N ILE A 131 18.81 -12.64 21.09
CA ILE A 131 19.13 -14.04 21.25
C ILE A 131 20.52 -14.43 20.72
N VAL A 132 21.10 -15.49 21.30
CA VAL A 132 22.37 -16.07 20.88
C VAL A 132 22.29 -17.58 21.03
N ARG A 133 22.77 -18.29 20.01
CA ARG A 133 22.75 -19.74 20.03
C ARG A 133 24.15 -20.18 20.33
N SER A 134 24.30 -21.10 21.28
CA SER A 134 25.60 -21.63 21.65
C SER A 134 26.14 -22.57 20.54
N VAL A 135 27.46 -22.49 20.33
CA VAL A 135 28.24 -23.26 19.36
C VAL A 135 28.67 -24.64 19.94
N ASP A 136 29.34 -25.51 19.13
CA ASP A 136 29.76 -26.81 19.66
C ASP A 136 30.87 -26.73 20.72
N THR A 137 31.90 -25.91 20.45
CA THR A 137 33.01 -25.71 21.36
C THR A 137 32.60 -25.01 22.66
N ARG A 138 31.59 -24.08 22.64
CA ARG A 138 31.12 -23.44 23.87
C ARG A 138 29.74 -22.79 23.92
N ASN A 139 29.26 -22.65 25.16
CA ASN A 139 28.00 -22.08 25.55
C ASN A 139 28.13 -20.59 25.70
N ILE A 140 27.23 -19.88 25.00
CA ILE A 140 27.14 -18.41 24.98
C ILE A 140 25.93 -17.96 25.76
N VAL A 141 26.15 -16.97 26.62
CA VAL A 141 25.16 -16.40 27.50
C VAL A 141 25.14 -14.87 27.45
N LEU A 142 23.94 -14.30 27.30
CA LEU A 142 23.78 -12.85 27.19
C LEU A 142 23.62 -12.14 28.54
N ALA A 143 24.07 -10.89 28.62
CA ALA A 143 23.99 -10.10 29.82
C ALA A 143 23.73 -8.66 29.42
N VAL A 144 23.12 -7.86 30.33
CA VAL A 144 22.80 -6.46 30.08
C VAL A 144 23.86 -5.55 30.71
N ASP A 145 24.50 -4.70 29.91
CA ASP A 145 25.42 -3.71 30.43
C ASP A 145 24.55 -2.45 30.56
N LEU A 146 23.97 -2.21 31.77
CA LEU A 146 23.05 -1.08 32.01
C LEU A 146 23.55 0.30 31.56
N GLU A 147 24.86 0.46 31.52
CA GLU A 147 25.56 1.68 31.09
C GLU A 147 25.33 1.94 29.59
N LYS A 148 24.92 0.90 28.84
CA LYS A 148 24.74 0.93 27.39
C LYS A 148 23.30 0.70 26.88
N VAL A 149 22.33 0.80 27.79
CA VAL A 149 20.91 0.70 27.49
C VAL A 149 20.37 2.12 27.66
N GLY A 150 19.68 2.61 26.64
CA GLY A 150 19.12 3.95 26.66
C GLY A 150 18.31 4.28 25.43
N LYS A 151 18.02 5.58 25.27
CA LYS A 151 17.31 6.18 24.17
C LYS A 151 17.66 7.67 24.13
N ASN A 152 17.67 8.28 22.92
CA ASN A 152 17.96 9.72 22.89
C ASN A 152 16.68 10.52 23.22
N ASP A 153 16.86 11.76 23.69
CA ASP A 153 15.77 12.64 24.13
C ASP A 153 14.71 12.91 23.07
N ASP A 154 15.16 13.07 21.81
CA ASP A 154 14.31 13.28 20.63
C ASP A 154 13.48 12.05 20.19
N VAL A 155 13.71 10.85 20.79
CA VAL A 155 12.94 9.65 20.41
C VAL A 155 11.49 9.90 20.74
N PHE A 156 10.69 10.07 19.69
CA PHE A 156 9.26 10.31 19.70
C PHE A 156 8.61 9.22 18.88
N LEU A 157 7.45 8.75 19.33
CA LEU A 157 6.67 7.75 18.60
C LEU A 157 5.30 8.37 18.47
N THR A 158 4.98 8.84 17.26
CA THR A 158 3.73 9.53 16.93
C THR A 158 2.49 8.95 17.60
N GLY A 159 1.76 9.80 18.34
CA GLY A 159 0.52 9.42 19.02
C GLY A 159 0.64 8.49 20.20
N TRP A 160 1.87 8.39 20.76
CA TRP A 160 2.21 7.60 21.93
C TRP A 160 3.17 8.36 22.83
N ASP A 161 3.17 8.03 24.14
CA ASP A 161 4.10 8.64 25.08
C ASP A 161 5.10 7.57 25.51
N ILE A 162 6.42 7.88 25.46
CA ILE A 162 7.42 6.90 25.85
C ILE A 162 7.74 7.02 27.34
N GLU A 163 7.30 6.03 28.11
CA GLU A 163 7.57 5.99 29.54
C GLU A 163 8.98 5.55 29.89
N SER A 164 9.41 4.34 29.46
CA SER A 164 10.72 3.80 29.79
C SER A 164 11.24 2.78 28.81
N PHE A 165 12.58 2.71 28.67
CA PHE A 165 13.26 1.69 27.88
C PHE A 165 14.25 1.05 28.82
N THR A 166 13.90 -0.16 29.28
CA THR A 166 14.66 -0.94 30.25
C THR A 166 14.90 -2.37 29.76
N ALA A 167 15.82 -3.09 30.39
CA ALA A 167 16.10 -4.46 29.99
C ALA A 167 16.03 -5.37 31.20
N VAL A 168 15.41 -6.56 31.03
CA VAL A 168 15.31 -7.55 32.09
C VAL A 168 16.67 -8.24 32.14
N VAL A 169 17.48 -7.83 33.15
CA VAL A 169 18.88 -8.21 33.43
C VAL A 169 19.21 -9.71 33.37
N LYS A 170 18.27 -10.55 33.82
CA LYS A 170 18.42 -12.00 33.85
C LYS A 170 17.89 -12.65 32.57
N PRO A 171 18.77 -13.22 31.72
CA PRO A 171 18.29 -13.85 30.48
C PRO A 171 17.52 -15.14 30.70
N ALA A 172 16.60 -15.47 29.75
CA ALA A 172 15.80 -16.70 29.74
C ALA A 172 16.60 -17.71 28.94
N ASN A 173 17.29 -18.65 29.62
CA ASN A 173 18.12 -19.67 29.00
C ASN A 173 17.33 -20.93 28.84
N PHE A 174 17.44 -21.55 27.66
CA PHE A 174 16.67 -22.74 27.31
C PHE A 174 17.29 -23.49 26.18
N ALA A 175 16.92 -24.76 26.08
CA ALA A 175 17.37 -25.68 25.06
C ALA A 175 16.45 -25.57 23.89
N LEU A 176 17.04 -25.46 22.70
CA LEU A 176 16.29 -25.40 21.45
C LEU A 176 17.09 -26.23 20.46
N GLU A 177 16.50 -27.35 20.01
CA GLU A 177 17.16 -28.27 19.08
C GLU A 177 18.56 -28.72 19.59
N ASP A 178 18.61 -29.23 20.82
CA ASP A 178 19.83 -29.70 21.50
C ASP A 178 21.01 -28.70 21.68
N ARG A 179 20.72 -27.39 21.67
CA ARG A 179 21.72 -26.34 21.92
C ARG A 179 21.10 -25.28 22.81
N LEU A 180 21.98 -24.64 23.58
CA LEU A 180 21.58 -23.63 24.52
C LEU A 180 21.34 -22.34 23.80
N GLU A 181 20.22 -21.75 24.13
CA GLU A 181 19.86 -20.46 23.59
C GLU A 181 19.60 -19.48 24.79
N SER A 182 20.38 -18.38 24.85
CA SER A 182 20.30 -17.31 25.86
C SER A 182 19.47 -16.10 25.30
N LYS A 183 18.31 -15.81 25.91
CA LYS A 183 17.40 -14.77 25.41
C LYS A 183 17.18 -13.61 26.38
N LEU A 184 17.38 -12.36 25.90
CA LEU A 184 17.18 -11.14 26.69
C LEU A 184 15.93 -10.42 26.27
N ASP A 185 15.26 -9.74 27.22
CA ASP A 185 14.01 -9.00 26.98
C ASP A 185 14.19 -7.50 27.20
N TYR A 186 14.24 -6.74 26.10
CA TYR A 186 14.28 -5.28 26.18
C TYR A 186 12.83 -4.79 26.12
N GLN A 187 12.45 -3.89 27.06
CA GLN A 187 11.08 -3.41 27.20
C GLN A 187 10.90 -1.92 27.05
N LEU A 188 10.08 -1.55 26.06
CA LEU A 188 9.69 -0.19 25.76
C LEU A 188 8.25 0.02 26.24
N ARG A 189 8.11 0.81 27.31
CA ARG A 189 6.81 1.12 27.91
C ARG A 189 6.27 2.41 27.36
N ILE A 190 5.06 2.34 26.82
CA ILE A 190 4.38 3.44 26.15
C ILE A 190 2.93 3.55 26.59
N SER A 191 2.35 4.73 26.42
CA SER A 191 0.94 4.96 26.73
C SER A 191 0.34 5.81 25.61
N ARG A 192 -0.76 5.34 25.05
CA ARG A 192 -1.43 6.00 23.95
C ARG A 192 -1.93 7.39 24.32
N GLN A 193 -1.70 8.35 23.42
CA GLN A 193 -2.17 9.74 23.54
C GLN A 193 -3.60 9.74 23.02
N TYR A 194 -4.56 9.52 23.96
CA TYR A 194 -6.00 9.41 23.69
C TYR A 194 -6.70 10.71 23.27
N PHE A 195 -6.07 11.88 23.48
CA PHE A 195 -6.63 13.19 23.22
C PHE A 195 -7.53 13.29 22.00
N SER A 196 -6.98 13.05 20.84
CA SER A 196 -7.68 13.20 19.57
C SER A 196 -8.93 12.35 19.37
N TYR A 197 -9.03 11.21 20.06
CA TYR A 197 -10.18 10.32 19.97
C TYR A 197 -11.44 11.00 20.50
N ILE A 198 -11.24 11.93 21.47
CA ILE A 198 -12.30 12.71 22.08
C ILE A 198 -13.05 13.59 21.05
N PRO A 199 -12.40 14.56 20.38
CA PRO A 199 -13.15 15.38 19.41
C PRO A 199 -13.40 14.72 18.04
N ASN A 200 -12.65 13.65 17.71
CA ASN A 200 -12.82 13.02 16.40
C ASN A 200 -13.81 11.87 16.38
N ILE A 201 -13.89 11.08 17.49
CA ILE A 201 -14.76 9.91 17.53
C ILE A 201 -15.74 9.85 18.69
N ILE A 202 -15.26 10.04 19.94
CA ILE A 202 -16.09 9.98 21.14
C ILE A 202 -17.26 10.96 21.11
N LEU A 203 -16.97 12.26 21.17
CA LEU A 203 -18.00 13.32 21.14
C LEU A 203 -18.94 13.25 19.93
N PRO A 204 -18.43 13.16 18.67
CA PRO A 204 -19.37 13.03 17.53
C PRO A 204 -20.32 11.84 17.68
N MET A 205 -19.82 10.70 18.18
CA MET A 205 -20.62 9.49 18.42
C MET A 205 -21.72 9.73 19.46
N LEU A 206 -21.40 10.49 20.52
CA LEU A 206 -22.36 10.84 21.57
C LEU A 206 -23.42 11.82 21.02
N PHE A 207 -22.96 12.88 20.30
CA PHE A 207 -23.82 13.88 19.68
C PHE A 207 -24.88 13.24 18.81
N ILE A 208 -24.49 12.32 17.88
CA ILE A 208 -25.44 11.63 17.00
C ILE A 208 -26.45 10.79 17.79
N LEU A 209 -26.00 10.18 18.90
CA LEU A 209 -26.87 9.38 19.77
C LEU A 209 -27.89 10.28 20.48
N PHE A 210 -27.43 11.42 21.01
CA PHE A 210 -28.27 12.39 21.70
C PHE A 210 -29.31 12.96 20.76
N ILE A 211 -28.91 13.27 19.53
CA ILE A 211 -29.80 13.71 18.45
C ILE A 211 -30.91 12.67 18.21
N SER A 212 -30.60 11.36 18.26
CA SER A 212 -31.62 10.30 18.10
C SER A 212 -32.70 10.44 19.19
N TRP A 213 -32.28 10.80 20.42
CA TRP A 213 -33.14 10.95 21.60
C TRP A 213 -34.15 12.12 21.53
N THR A 214 -33.98 13.03 20.55
CA THR A 214 -34.94 14.12 20.36
C THR A 214 -36.29 13.57 19.90
N ALA A 215 -36.33 12.31 19.40
CA ALA A 215 -37.57 11.65 18.98
C ALA A 215 -38.52 11.37 20.19
N PHE A 216 -37.98 11.51 21.43
CA PHE A 216 -38.77 11.37 22.67
C PHE A 216 -39.57 12.65 22.99
N TRP A 217 -39.37 13.70 22.19
CA TRP A 217 -40.05 14.97 22.28
C TRP A 217 -40.76 15.28 20.96
N SER A 218 -41.12 14.21 20.23
CA SER A 218 -41.83 14.31 18.96
C SER A 218 -42.88 13.22 18.84
N THR A 219 -44.04 13.60 18.28
CA THR A 219 -45.20 12.73 18.03
C THR A 219 -45.27 12.30 16.57
N SER A 220 -44.37 12.90 15.73
CA SER A 220 -44.25 12.65 14.29
C SER A 220 -43.45 11.38 14.02
N TYR A 221 -44.13 10.24 13.70
CA TYR A 221 -43.46 8.95 13.43
C TYR A 221 -42.46 9.09 12.31
N GLU A 222 -42.89 9.68 11.18
CA GLU A 222 -42.07 9.91 9.98
C GLU A 222 -40.79 10.69 10.27
N ALA A 223 -40.86 11.70 11.17
CA ALA A 223 -39.69 12.49 11.56
C ALA A 223 -38.79 11.67 12.49
N ASN A 224 -39.40 10.89 13.39
CA ASN A 224 -38.69 10.02 14.35
C ASN A 224 -37.93 8.93 13.61
N VAL A 225 -38.61 8.21 12.69
CA VAL A 225 -38.01 7.16 11.86
C VAL A 225 -36.77 7.73 11.16
N THR A 226 -36.87 8.99 10.64
CA THR A 226 -35.74 9.69 10.03
C THR A 226 -34.61 9.96 11.04
N LEU A 227 -34.94 10.56 12.21
CA LEU A 227 -33.98 10.85 13.27
C LEU A 227 -33.19 9.64 13.74
N VAL A 228 -33.88 8.55 14.10
CA VAL A 228 -33.24 7.35 14.64
C VAL A 228 -32.47 6.55 13.59
N VAL A 229 -33.08 6.30 12.43
CA VAL A 229 -32.41 5.55 11.37
C VAL A 229 -31.17 6.27 10.83
N SER A 230 -31.30 7.56 10.48
CA SER A 230 -30.21 8.38 9.97
C SER A 230 -29.01 8.38 10.92
N THR A 231 -29.23 8.67 12.21
CA THR A 231 -28.14 8.65 13.19
C THR A 231 -27.52 7.24 13.34
N LEU A 232 -28.35 6.16 13.24
CA LEU A 232 -27.86 4.77 13.30
C LEU A 232 -26.87 4.52 12.17
N ILE A 233 -27.14 5.07 10.99
CA ILE A 233 -26.27 4.97 9.82
C ILE A 233 -24.94 5.68 10.14
N ALA A 234 -25.01 6.90 10.71
CA ALA A 234 -23.81 7.62 11.12
C ALA A 234 -23.04 6.84 12.18
N HIS A 235 -23.73 6.07 13.04
CA HIS A 235 -23.05 5.24 14.03
C HIS A 235 -22.32 4.09 13.35
N ILE A 236 -22.96 3.41 12.36
CA ILE A 236 -22.36 2.32 11.60
C ILE A 236 -21.05 2.83 10.98
N ALA A 237 -21.08 4.07 10.42
CA ALA A 237 -19.90 4.73 9.85
C ALA A 237 -18.76 4.82 10.89
N PHE A 238 -19.06 5.33 12.10
CA PHE A 238 -18.06 5.43 13.16
C PHE A 238 -17.53 4.08 13.55
N ASN A 239 -18.43 3.08 13.69
CA ASN A 239 -18.04 1.70 14.00
C ASN A 239 -17.04 1.21 12.95
N ILE A 240 -17.39 1.30 11.65
CA ILE A 240 -16.52 0.88 10.55
C ILE A 240 -15.14 1.59 10.61
N LEU A 241 -15.15 2.93 10.78
CA LEU A 241 -13.95 3.75 10.89
C LEU A 241 -13.06 3.26 12.02
N VAL A 242 -13.65 2.98 13.19
CA VAL A 242 -12.93 2.53 14.37
C VAL A 242 -12.35 1.12 14.13
N GLU A 243 -13.19 0.17 13.68
CA GLU A 243 -12.78 -1.21 13.42
C GLU A 243 -11.71 -1.36 12.32
N THR A 244 -11.66 -0.44 11.32
CA THR A 244 -10.61 -0.50 10.28
C THR A 244 -9.20 -0.17 10.80
N ASN A 245 -9.10 0.64 11.87
CA ASN A 245 -7.85 1.06 12.50
C ASN A 245 -7.39 0.11 13.64
N LEU A 246 -8.09 -1.02 13.83
CA LEU A 246 -7.78 -1.97 14.89
C LEU A 246 -7.72 -3.38 14.35
N PRO A 247 -6.93 -4.26 14.99
CA PRO A 247 -6.91 -5.66 14.55
C PRO A 247 -8.07 -6.44 15.12
N LYS A 248 -8.36 -7.60 14.55
CA LYS A 248 -9.46 -8.41 15.06
C LYS A 248 -9.02 -9.15 16.35
N THR A 249 -9.58 -8.72 17.49
CA THR A 249 -9.24 -9.28 18.81
C THR A 249 -10.19 -10.40 19.25
N PRO A 250 -9.69 -11.45 19.93
CA PRO A 250 -10.58 -12.50 20.42
C PRO A 250 -11.30 -12.12 21.72
N TYR A 251 -11.01 -10.90 22.23
CA TYR A 251 -11.56 -10.34 23.46
C TYR A 251 -12.33 -9.06 23.17
N MET A 252 -13.20 -8.63 24.10
CA MET A 252 -13.94 -7.41 23.92
C MET A 252 -13.10 -6.22 24.40
N THR A 253 -13.04 -5.17 23.58
CA THR A 253 -12.29 -3.95 23.89
C THR A 253 -13.25 -2.97 24.52
N TYR A 254 -12.73 -2.01 25.29
CA TYR A 254 -13.55 -0.99 25.94
C TYR A 254 -14.38 -0.25 24.91
N THR A 255 -13.72 0.23 23.83
CA THR A 255 -14.33 0.91 22.69
C THR A 255 -15.36 0.04 22.06
N GLY A 256 -14.99 -1.21 21.76
CA GLY A 256 -15.82 -2.21 21.11
C GLY A 256 -17.13 -2.41 21.83
N ALA A 257 -17.02 -2.54 23.16
CA ALA A 257 -18.15 -2.68 24.09
C ALA A 257 -19.13 -1.48 23.93
N ILE A 258 -18.63 -0.24 24.14
CA ILE A 258 -19.39 1.00 24.00
C ILE A 258 -20.10 1.05 22.67
N ILE A 259 -19.33 0.91 21.56
CA ILE A 259 -19.82 0.92 20.17
C ILE A 259 -21.00 -0.03 20.02
N PHE A 260 -20.85 -1.29 20.52
CA PHE A 260 -21.88 -2.32 20.47
C PHE A 260 -23.11 -1.97 21.28
N MET A 261 -22.91 -1.57 22.55
CA MET A 261 -23.95 -1.18 23.49
C MET A 261 -24.86 -0.13 22.85
N ILE A 262 -24.25 0.90 22.23
CA ILE A 262 -24.97 1.95 21.53
C ILE A 262 -25.95 1.40 20.46
N TYR A 263 -25.60 0.29 19.76
CA TYR A 263 -26.52 -0.32 18.78
C TYR A 263 -27.82 -0.70 19.46
N LEU A 264 -27.74 -1.33 20.67
CA LEU A 264 -28.92 -1.72 21.46
C LEU A 264 -29.81 -0.52 21.73
N PHE A 265 -29.18 0.63 22.07
CA PHE A 265 -29.91 1.88 22.29
C PHE A 265 -30.72 2.33 21.08
N TYR A 266 -30.12 2.26 19.86
CA TYR A 266 -30.79 2.63 18.62
C TYR A 266 -31.95 1.66 18.35
N PHE A 267 -31.72 0.37 18.63
CA PHE A 267 -32.72 -0.67 18.42
C PHE A 267 -33.93 -0.45 19.32
N VAL A 268 -33.67 -0.26 20.64
CA VAL A 268 -34.72 0.00 21.61
C VAL A 268 -35.48 1.30 21.26
N ALA A 269 -34.76 2.39 20.91
CA ALA A 269 -35.39 3.64 20.50
C ALA A 269 -36.31 3.42 19.29
N VAL A 270 -35.93 2.57 18.34
CA VAL A 270 -36.79 2.23 17.19
C VAL A 270 -38.07 1.55 17.71
N ILE A 271 -37.92 0.56 18.60
CA ILE A 271 -39.06 -0.14 19.22
C ILE A 271 -39.99 0.92 19.84
N GLU A 272 -39.47 1.79 20.75
CA GLU A 272 -40.24 2.87 21.38
C GLU A 272 -41.00 3.70 20.34
N VAL A 273 -40.28 4.21 19.32
CA VAL A 273 -40.81 5.02 18.21
C VAL A 273 -41.97 4.28 17.48
N THR A 274 -41.83 2.94 17.30
CA THR A 274 -42.82 2.06 16.66
C THR A 274 -44.04 1.92 17.60
N VAL A 275 -43.78 1.62 18.90
CA VAL A 275 -44.80 1.46 19.95
C VAL A 275 -45.67 2.71 20.05
N GLN A 276 -45.03 3.88 20.27
CA GLN A 276 -45.67 5.19 20.37
C GLN A 276 -46.61 5.43 19.17
N HIS A 277 -46.13 5.23 17.94
CA HIS A 277 -46.95 5.40 16.73
C HIS A 277 -48.08 4.39 16.72
N TYR A 278 -47.79 3.09 16.98
CA TYR A 278 -48.82 2.03 16.97
C TYR A 278 -50.01 2.37 17.87
N LEU A 279 -49.72 2.83 19.11
CA LEU A 279 -50.67 3.24 20.12
C LEU A 279 -51.51 4.43 19.65
N LYS A 280 -50.89 5.41 18.97
CA LYS A 280 -51.52 6.61 18.41
C LYS A 280 -52.56 6.24 17.35
N VAL A 281 -52.18 5.34 16.41
CA VAL A 281 -53.05 4.86 15.32
C VAL A 281 -54.27 4.08 15.91
N GLU A 282 -54.01 3.33 17.01
CA GLU A 282 -54.94 2.49 17.79
C GLU A 282 -55.78 3.31 18.80
N SER A 283 -55.80 4.64 18.57
CA SER A 283 -56.52 5.65 19.33
C SER A 283 -56.34 5.65 20.85
N GLN A 284 -55.10 5.42 21.32
CA GLN A 284 -54.76 5.53 22.76
C GLN A 284 -53.48 6.34 23.04
N PRO A 285 -53.48 7.67 22.65
CA PRO A 285 -52.30 8.53 22.88
C PRO A 285 -51.89 8.75 24.32
N ALA A 286 -52.71 8.35 25.29
CA ALA A 286 -52.39 8.52 26.70
C ALA A 286 -51.30 7.55 27.14
N ARG A 287 -51.41 6.27 26.71
CA ARG A 287 -50.43 5.21 27.03
C ARG A 287 -49.10 5.58 26.36
N ALA A 288 -49.17 5.93 25.06
CA ALA A 288 -48.05 6.34 24.22
C ALA A 288 -47.32 7.48 24.89
N ALA A 289 -48.06 8.55 25.31
CA ALA A 289 -47.52 9.73 25.98
C ALA A 289 -46.73 9.41 27.25
N SER A 290 -47.20 8.44 28.05
CA SER A 290 -46.52 8.06 29.29
C SER A 290 -45.30 7.20 29.02
N ILE A 291 -45.30 6.43 27.92
CA ILE A 291 -44.17 5.61 27.51
C ILE A 291 -43.04 6.56 27.07
N THR A 292 -43.37 7.54 26.19
CA THR A 292 -42.47 8.56 25.66
C THR A 292 -41.85 9.37 26.79
N ARG A 293 -42.69 9.79 27.75
CA ARG A 293 -42.26 10.56 28.92
C ARG A 293 -41.25 9.81 29.80
N ALA A 294 -41.46 8.48 29.94
CA ALA A 294 -40.60 7.60 30.71
C ALA A 294 -39.25 7.45 30.03
N SER A 295 -39.29 7.20 28.70
CA SER A 295 -38.14 7.02 27.82
C SER A 295 -37.19 8.21 27.92
N ARG A 296 -37.74 9.45 27.90
CA ARG A 296 -37.00 10.72 28.04
C ARG A 296 -36.00 10.71 29.21
N ILE A 297 -36.33 9.99 30.30
CA ILE A 297 -35.49 9.86 31.50
C ILE A 297 -34.74 8.54 31.47
N ALA A 298 -35.44 7.42 31.19
CA ALA A 298 -34.88 6.06 31.12
C ALA A 298 -33.62 6.01 30.26
N PHE A 299 -33.75 6.37 28.95
CA PHE A 299 -32.65 6.38 27.99
C PHE A 299 -31.37 7.04 28.52
N PRO A 300 -31.35 8.36 28.88
CA PRO A 300 -30.11 8.94 29.43
C PRO A 300 -29.59 8.24 30.69
N VAL A 301 -30.49 7.88 31.61
CA VAL A 301 -30.16 7.21 32.88
C VAL A 301 -29.48 5.86 32.68
N VAL A 302 -30.11 4.99 31.89
CA VAL A 302 -29.61 3.66 31.56
C VAL A 302 -28.28 3.80 30.82
N PHE A 303 -28.18 4.76 29.88
CA PHE A 303 -26.94 5.02 29.16
C PHE A 303 -25.79 5.36 30.11
N LEU A 304 -26.02 6.34 31.00
CA LEU A 304 -25.07 6.80 32.00
C LEU A 304 -24.71 5.68 32.99
N LEU A 305 -25.69 4.85 33.39
CA LEU A 305 -25.41 3.74 34.31
C LEU A 305 -24.53 2.67 33.66
N ALA A 306 -24.94 2.25 32.43
CA ALA A 306 -24.27 1.25 31.62
C ALA A 306 -22.79 1.59 31.41
N ASN A 307 -22.51 2.88 31.08
CA ASN A 307 -21.16 3.39 30.89
C ASN A 307 -20.35 3.29 32.19
N ILE A 308 -20.97 3.63 33.33
CA ILE A 308 -20.31 3.52 34.63
C ILE A 308 -19.90 2.05 34.86
N ILE A 309 -20.87 1.12 34.66
CA ILE A 309 -20.65 -0.33 34.77
C ILE A 309 -19.46 -0.77 33.92
N LEU A 310 -19.46 -0.34 32.62
CA LEU A 310 -18.40 -0.67 31.67
C LEU A 310 -17.02 -0.18 32.11
N ALA A 311 -16.89 1.17 32.36
CA ALA A 311 -15.64 1.80 32.81
C ALA A 311 -15.10 1.05 34.01
N PHE A 312 -16.01 0.62 34.90
CA PHE A 312 -15.63 -0.13 36.08
C PHE A 312 -14.99 -1.46 35.69
N LEU A 313 -15.71 -2.25 34.86
CA LEU A 313 -15.26 -3.55 34.39
C LEU A 313 -13.93 -3.47 33.68
N PHE A 314 -13.71 -2.40 32.91
CA PHE A 314 -12.50 -2.20 32.10
C PHE A 314 -11.32 -1.49 32.77
N PHE A 315 -11.53 -0.67 33.81
CA PHE A 315 -10.42 0.07 34.41
C PHE A 315 -10.16 -0.14 35.93
N VAL B 5 43.92 0.87 6.39
CA VAL B 5 42.91 1.91 6.55
C VAL B 5 42.47 2.07 8.00
N SER B 6 42.83 3.23 8.57
CA SER B 6 42.58 3.69 9.93
C SER B 6 42.70 5.22 9.91
N PRO B 7 42.12 5.98 10.87
CA PRO B 7 42.16 7.45 10.79
C PRO B 7 43.51 8.13 10.58
N PRO B 8 43.52 9.27 9.83
CA PRO B 8 44.75 10.03 9.71
C PRO B 8 45.15 10.59 11.09
N PRO B 9 46.45 10.52 11.45
CA PRO B 9 46.87 10.94 12.80
C PRO B 9 47.05 12.46 13.02
N PRO B 10 46.91 12.97 14.28
CA PRO B 10 46.97 14.43 14.48
C PRO B 10 48.36 15.00 14.37
N ILE B 11 48.47 16.20 13.77
CA ILE B 11 49.76 16.89 13.68
C ILE B 11 50.18 17.24 15.10
N ALA B 12 49.32 18.00 15.83
CA ALA B 12 49.48 18.31 17.24
C ALA B 12 48.65 17.22 17.97
N ASP B 13 47.52 17.63 18.54
CA ASP B 13 46.55 16.78 19.21
C ASP B 13 45.15 17.41 19.00
N GLU B 14 44.91 17.89 17.77
CA GLU B 14 43.66 18.50 17.38
C GLU B 14 42.65 17.42 16.91
N PRO B 15 41.32 17.68 16.95
CA PRO B 15 40.38 16.69 16.42
C PRO B 15 40.32 16.80 14.89
N LEU B 16 39.87 15.70 14.21
CA LEU B 16 39.73 15.72 12.75
C LEU B 16 38.46 16.45 12.26
N THR B 17 38.63 17.52 11.46
CA THR B 17 37.50 18.25 10.93
C THR B 17 37.06 17.73 9.59
N VAL B 18 35.80 17.30 9.51
CA VAL B 18 35.22 16.84 8.26
C VAL B 18 34.27 17.95 7.83
N ASN B 19 34.61 18.63 6.74
CA ASN B 19 33.75 19.68 6.21
C ASN B 19 32.64 18.99 5.38
N THR B 20 31.41 19.39 5.64
CA THR B 20 30.25 18.82 4.99
C THR B 20 29.49 19.84 4.17
N GLY B 21 28.55 19.32 3.39
CA GLY B 21 27.68 20.07 2.50
C GLY B 21 26.65 19.17 1.87
N ILE B 22 25.38 19.59 1.90
CA ILE B 22 24.25 18.88 1.30
C ILE B 22 23.65 19.77 0.21
N TYR B 23 23.57 19.24 -1.02
CA TYR B 23 22.97 19.98 -2.12
C TYR B 23 21.76 19.21 -2.64
N LEU B 24 20.53 19.66 -2.27
CA LEU B 24 19.26 19.02 -2.65
C LEU B 24 19.06 18.99 -4.13
N ILE B 25 18.65 17.81 -4.64
CA ILE B 25 18.36 17.57 -6.05
C ILE B 25 16.86 17.32 -6.19
N GLU B 26 16.30 16.44 -5.33
CA GLU B 26 14.88 16.08 -5.33
C GLU B 26 14.23 16.12 -3.93
N CYS B 27 13.00 16.61 -3.89
CA CYS B 27 12.22 16.62 -2.65
C CYS B 27 10.86 16.14 -2.95
N TYR B 28 10.48 15.05 -2.32
CA TYR B 28 9.20 14.46 -2.63
C TYR B 28 8.63 13.73 -1.43
N SER B 29 7.41 13.23 -1.58
CA SER B 29 6.72 12.44 -0.60
C SER B 29 6.71 13.02 0.82
N LEU B 30 6.18 14.26 0.98
CA LEU B 30 6.05 14.73 2.34
C LEU B 30 4.74 14.13 2.84
N ASP B 31 4.85 13.05 3.60
CA ASP B 31 3.73 12.31 4.18
C ASP B 31 3.36 12.96 5.51
N ASP B 32 2.16 13.56 5.60
CA ASP B 32 1.73 14.23 6.84
C ASP B 32 1.47 13.27 7.97
N LYS B 33 0.73 12.21 7.66
CA LYS B 33 0.37 11.15 8.58
C LYS B 33 1.63 10.50 9.19
N ALA B 34 2.63 10.19 8.35
CA ALA B 34 3.89 9.56 8.77
C ALA B 34 4.92 10.53 9.34
N GLU B 35 4.81 11.83 9.01
CA GLU B 35 5.77 12.87 9.36
C GLU B 35 7.16 12.56 8.80
N THR B 36 7.19 12.14 7.52
CA THR B 36 8.38 11.80 6.77
C THR B 36 8.39 12.50 5.40
N PHE B 37 9.58 12.58 4.81
CA PHE B 37 9.82 13.13 3.46
C PHE B 37 11.00 12.43 2.84
N LYS B 38 11.02 12.38 1.54
CA LYS B 38 12.10 11.73 0.85
C LYS B 38 12.98 12.80 0.26
N VAL B 39 14.29 12.53 0.27
CA VAL B 39 15.27 13.49 -0.20
C VAL B 39 16.30 12.79 -1.09
N ASN B 40 16.73 13.47 -2.14
CA ASN B 40 17.77 13.02 -3.05
C ASN B 40 18.70 14.20 -3.20
N ALA B 41 19.95 14.04 -2.79
CA ALA B 41 20.90 15.14 -2.72
C ALA B 41 22.31 14.68 -2.85
N PHE B 42 23.22 15.67 -3.01
CA PHE B 42 24.66 15.43 -3.04
C PHE B 42 25.12 15.61 -1.62
N LEU B 43 25.98 14.71 -1.09
CA LEU B 43 26.63 14.83 0.22
C LEU B 43 28.11 14.99 -0.11
N SER B 44 28.68 16.15 0.26
CA SER B 44 30.08 16.47 -0.01
C SER B 44 30.83 16.38 1.28
N LEU B 45 32.03 15.80 1.25
CA LEU B 45 32.84 15.66 2.46
C LEU B 45 34.30 15.94 2.14
N SER B 46 34.99 16.72 3.04
CA SER B 46 36.40 17.07 2.91
C SER B 46 37.15 17.01 4.21
N TRP B 47 38.34 16.42 4.17
CA TRP B 47 39.26 16.25 5.31
C TRP B 47 40.69 16.04 4.76
N LYS B 48 41.71 16.44 5.54
CA LYS B 48 43.10 16.25 5.14
C LYS B 48 43.58 14.92 5.68
N ASP B 49 44.17 14.12 4.80
CA ASP B 49 44.78 12.85 5.17
C ASP B 49 46.16 12.93 4.56
N ARG B 50 47.12 13.44 5.37
CA ARG B 50 48.51 13.61 4.95
C ARG B 50 49.16 12.33 4.43
N ARG B 51 48.67 11.14 4.85
CA ARG B 51 49.21 9.87 4.40
C ARG B 51 49.09 9.70 2.90
N LEU B 52 48.11 10.38 2.30
CA LEU B 52 47.80 10.35 0.87
C LEU B 52 48.53 11.37 -0.01
N ALA B 53 49.48 12.16 0.58
CA ALA B 53 50.29 13.19 -0.10
C ALA B 53 51.07 12.57 -1.25
N PHE B 54 51.27 13.33 -2.33
CA PHE B 54 51.99 12.86 -3.51
C PHE B 54 52.65 13.99 -4.28
N ASP B 55 53.64 13.65 -5.17
CA ASP B 55 54.31 14.61 -6.04
C ASP B 55 53.68 14.52 -7.44
N PRO B 56 53.02 15.61 -7.94
CA PRO B 56 52.45 15.57 -9.31
C PRO B 56 53.54 15.34 -10.36
N VAL B 57 54.76 15.85 -10.09
CA VAL B 57 55.96 15.70 -10.91
C VAL B 57 56.23 14.19 -11.00
N ARG B 58 56.55 13.56 -9.86
CA ARG B 58 56.85 12.14 -9.77
C ARG B 58 55.70 11.17 -10.14
N SER B 59 54.43 11.63 -10.19
CA SER B 59 53.29 10.75 -10.46
C SER B 59 52.44 11.15 -11.68
N GLY B 60 52.88 12.19 -12.37
CA GLY B 60 52.27 12.71 -13.59
C GLY B 60 50.99 13.51 -13.41
N VAL B 61 50.11 13.02 -12.53
CA VAL B 61 48.79 13.51 -12.26
C VAL B 61 48.72 14.59 -11.20
N ARG B 62 48.05 15.74 -11.51
CA ARG B 62 47.84 16.91 -10.63
C ARG B 62 46.97 16.61 -9.39
N VAL B 63 45.99 15.69 -9.57
CA VAL B 63 45.02 15.20 -8.58
C VAL B 63 44.92 13.68 -8.74
N LYS B 64 44.86 12.91 -7.65
CA LYS B 64 44.68 11.46 -7.73
C LYS B 64 43.21 11.14 -7.46
N THR B 65 42.70 10.04 -8.07
CA THR B 65 41.34 9.56 -7.86
C THR B 65 41.42 8.22 -7.16
N TYR B 66 40.63 8.05 -6.06
CA TYR B 66 40.59 6.82 -5.27
C TYR B 66 39.22 6.19 -5.22
N GLU B 67 39.21 4.87 -5.00
CA GLU B 67 38.00 4.07 -4.86
C GLU B 67 37.74 4.01 -3.38
N PRO B 68 36.46 4.10 -2.95
CA PRO B 68 36.16 4.14 -1.50
C PRO B 68 37.01 3.23 -0.57
N GLU B 69 37.09 1.95 -0.92
CA GLU B 69 37.81 0.90 -0.21
C GLU B 69 39.31 1.15 -0.13
N ALA B 70 39.89 1.86 -1.11
CA ALA B 70 41.32 2.17 -1.18
C ALA B 70 41.82 3.05 -0.06
N ILE B 71 40.99 4.01 0.41
CA ILE B 71 41.37 4.98 1.45
C ILE B 71 40.44 5.03 2.65
N TRP B 72 40.93 5.65 3.74
CA TRP B 72 40.11 5.92 4.92
C TRP B 72 39.10 7.01 4.58
N ILE B 73 37.82 6.73 4.85
CA ILE B 73 36.69 7.63 4.65
C ILE B 73 35.88 7.71 5.96
N PRO B 74 35.55 8.92 6.45
CA PRO B 74 34.81 9.00 7.72
C PRO B 74 33.42 8.39 7.64
N GLU B 75 33.01 7.74 8.71
CA GLU B 75 31.68 7.12 8.80
C GLU B 75 30.66 8.17 9.17
N ILE B 76 30.12 8.86 8.12
CA ILE B 76 29.06 9.86 8.26
C ILE B 76 27.75 9.13 8.12
N ARG B 77 26.83 9.36 9.08
CA ARG B 77 25.50 8.77 9.07
C ARG B 77 24.44 9.86 9.32
N PHE B 78 23.19 9.60 8.94
CA PHE B 78 22.12 10.54 9.21
C PHE B 78 21.44 10.03 10.46
N VAL B 79 20.98 10.96 11.32
CA VAL B 79 20.33 10.55 12.56
C VAL B 79 18.87 10.19 12.30
N ASN B 80 18.09 11.17 11.82
CA ASN B 80 16.65 11.03 11.59
C ASN B 80 16.24 10.36 10.29
N VAL B 81 16.81 9.20 10.02
CA VAL B 81 16.41 8.44 8.84
C VAL B 81 15.73 7.15 9.28
N GLU B 82 14.90 6.58 8.37
CA GLU B 82 14.23 5.30 8.59
C GLU B 82 15.31 4.18 8.51
N ASN B 83 16.01 4.12 7.36
CA ASN B 83 17.09 3.18 7.13
C ASN B 83 18.28 3.97 6.63
N ALA B 84 19.44 3.34 6.65
CA ALA B 84 20.69 3.94 6.17
C ALA B 84 20.50 4.38 4.74
N ARG B 85 20.95 5.60 4.43
CA ARG B 85 20.85 6.18 3.09
C ARG B 85 21.41 5.30 1.96
N ASP B 86 20.81 5.43 0.79
CA ASP B 86 21.20 4.75 -0.43
C ASP B 86 22.20 5.71 -1.08
N ALA B 87 23.49 5.37 -1.08
CA ALA B 87 24.46 6.27 -1.67
C ALA B 87 25.25 5.69 -2.81
N ASP B 88 25.63 6.55 -3.75
CA ASP B 88 26.49 6.24 -4.89
C ASP B 88 27.64 7.25 -4.83
N VAL B 89 28.91 6.78 -4.69
CA VAL B 89 30.10 7.64 -4.68
C VAL B 89 30.30 8.21 -6.13
N VAL B 90 30.20 9.51 -6.27
CA VAL B 90 30.30 10.21 -7.54
C VAL B 90 31.78 10.40 -7.82
N ASP B 91 32.59 10.78 -6.80
CA ASP B 91 34.03 11.03 -6.99
C ASP B 91 34.78 11.15 -5.67
N ILE B 92 36.08 10.81 -5.66
CA ILE B 92 37.00 10.98 -4.53
C ILE B 92 38.30 11.52 -5.12
N SER B 93 38.55 12.83 -4.92
CA SER B 93 39.73 13.51 -5.44
C SER B 93 40.65 13.91 -4.30
N VAL B 94 41.94 13.59 -4.45
CA VAL B 94 42.99 13.92 -3.48
C VAL B 94 43.98 14.90 -4.12
N SER B 95 44.18 16.07 -3.50
CA SER B 95 45.17 17.04 -3.98
C SER B 95 46.55 16.65 -3.37
N PRO B 96 47.71 17.07 -3.96
CA PRO B 96 49.01 16.61 -3.45
C PRO B 96 49.25 16.70 -1.96
N ASP B 97 48.65 17.69 -1.29
CA ASP B 97 48.77 17.92 0.16
C ASP B 97 48.07 16.84 1.01
N GLY B 98 47.26 16.02 0.35
CA GLY B 98 46.46 14.98 0.98
C GLY B 98 45.04 15.43 1.29
N THR B 99 44.58 16.59 0.73
CA THR B 99 43.21 17.04 1.00
C THR B 99 42.27 16.21 0.19
N VAL B 100 41.36 15.50 0.87
CA VAL B 100 40.39 14.64 0.20
C VAL B 100 39.09 15.39 -0.04
N GLN B 101 38.57 15.21 -1.25
CA GLN B 101 37.31 15.79 -1.67
C GLN B 101 36.45 14.65 -2.16
N TYR B 102 35.47 14.30 -1.30
CA TYR B 102 34.53 13.21 -1.43
C TYR B 102 33.15 13.72 -1.81
N LEU B 103 32.55 13.15 -2.87
CA LEU B 103 31.19 13.48 -3.33
C LEU B 103 30.40 12.22 -3.64
N GLU B 104 29.18 12.15 -3.05
CA GLU B 104 28.25 11.05 -3.20
C GLU B 104 26.89 11.62 -3.43
N ARG B 105 26.06 10.87 -4.15
CA ARG B 105 24.66 11.25 -4.33
C ARG B 105 23.84 10.22 -3.57
N PHE B 106 22.97 10.70 -2.70
CA PHE B 106 22.20 9.82 -1.83
C PHE B 106 20.73 10.10 -1.88
N SER B 107 19.95 9.12 -1.42
CA SER B 107 18.50 9.19 -1.26
C SER B 107 18.19 8.62 0.12
N ALA B 108 17.26 9.28 0.85
CA ALA B 108 16.86 8.84 2.20
C ALA B 108 15.44 9.28 2.57
N ARG B 109 14.73 8.54 3.47
CA ARG B 109 13.38 8.88 4.00
C ARG B 109 13.64 9.46 5.39
N VAL B 110 13.49 10.76 5.49
CA VAL B 110 13.75 11.53 6.69
C VAL B 110 12.54 11.61 7.60
N LEU B 111 12.75 11.38 8.90
CA LEU B 111 11.76 11.43 9.96
C LEU B 111 11.83 12.84 10.56
N SER B 112 10.84 13.68 10.29
CA SER B 112 10.89 15.03 10.84
C SER B 112 9.50 15.42 11.30
N PRO B 113 9.30 15.64 12.62
CA PRO B 113 7.95 15.94 13.12
C PRO B 113 7.46 17.27 12.61
N LEU B 114 6.12 17.35 12.46
CA LEU B 114 5.39 18.51 11.98
C LEU B 114 4.45 19.05 13.06
N ASP B 115 4.28 20.39 13.07
CA ASP B 115 3.37 21.09 13.98
C ASP B 115 2.09 21.37 13.23
N PHE B 116 1.07 20.54 13.48
CA PHE B 116 -0.20 20.62 12.78
C PHE B 116 -1.17 21.68 13.31
N ARG B 117 -0.75 22.44 14.37
CA ARG B 117 -1.55 23.47 15.01
C ARG B 117 -2.25 24.44 14.05
N ARG B 118 -1.54 24.93 13.02
CA ARG B 118 -2.15 25.87 12.05
C ARG B 118 -2.61 25.26 10.70
N TYR B 119 -2.70 23.92 10.59
CA TYR B 119 -3.12 23.23 9.37
C TYR B 119 -4.51 23.70 8.92
N PRO B 120 -4.72 23.93 7.59
CA PRO B 120 -3.78 23.78 6.48
C PRO B 120 -3.00 25.06 6.16
N PHE B 121 -2.92 26.01 7.10
CA PHE B 121 -2.22 27.31 6.92
C PHE B 121 -0.85 27.33 7.64
N ASP B 122 -0.27 26.14 7.84
CA ASP B 122 0.99 25.93 8.57
C ASP B 122 2.24 26.03 7.72
N SER B 123 3.37 26.22 8.38
CA SER B 123 4.71 26.21 7.84
C SER B 123 5.50 25.23 8.69
N GLN B 124 6.58 24.67 8.15
CA GLN B 124 7.37 23.68 8.86
C GLN B 124 8.87 23.90 8.65
N THR B 125 9.70 23.34 9.58
CA THR B 125 11.16 23.34 9.47
C THR B 125 11.60 21.89 9.46
N LEU B 126 11.86 21.36 8.29
CA LEU B 126 12.32 19.98 8.23
C LEU B 126 13.83 19.91 8.60
N HIS B 127 14.24 18.81 9.28
CA HIS B 127 15.63 18.65 9.66
C HIS B 127 16.28 17.45 9.04
N ILE B 128 17.57 17.57 8.79
CA ILE B 128 18.41 16.49 8.30
C ILE B 128 19.64 16.58 9.20
N TYR B 129 19.79 15.64 10.13
CA TYR B 129 20.90 15.66 11.08
C TYR B 129 22.03 14.76 10.66
N LEU B 130 23.19 15.35 10.41
CA LEU B 130 24.40 14.64 10.02
C LEU B 130 25.17 14.28 11.25
N ILE B 131 25.72 13.07 11.31
CA ILE B 131 26.48 12.66 12.49
C ILE B 131 27.78 11.90 12.16
N VAL B 132 28.76 12.08 13.07
CA VAL B 132 30.03 11.37 13.09
C VAL B 132 30.38 10.99 14.51
N ARG B 133 30.69 9.71 14.72
CA ARG B 133 31.12 9.24 16.03
C ARG B 133 32.64 9.11 16.04
N SER B 134 33.25 9.63 17.10
CA SER B 134 34.71 9.66 17.25
C SER B 134 35.28 8.28 17.41
N VAL B 135 36.42 8.04 16.76
CA VAL B 135 37.12 6.77 16.84
C VAL B 135 38.03 6.74 18.09
N ASP B 136 38.67 5.60 18.38
CA ASP B 136 39.55 5.53 19.54
C ASP B 136 40.83 6.37 19.42
N THR B 137 41.51 6.26 18.29
CA THR B 137 42.73 7.01 18.01
C THR B 137 42.53 8.53 17.98
N ARG B 138 41.35 9.04 17.52
CA ARG B 138 41.06 10.48 17.48
C ARG B 138 39.63 10.92 17.33
N ASN B 139 39.34 12.10 17.85
CA ASN B 139 38.02 12.69 17.78
C ASN B 139 37.75 13.30 16.44
N ILE B 140 36.57 13.00 15.86
CA ILE B 140 36.13 13.53 14.58
C ILE B 140 35.07 14.58 14.82
N VAL B 141 35.23 15.74 14.16
CA VAL B 141 34.34 16.85 14.29
C VAL B 141 33.76 17.27 12.92
N LEU B 142 32.46 17.66 12.89
CA LEU B 142 31.82 18.08 11.65
C LEU B 142 31.82 19.60 11.51
N ALA B 143 31.84 20.06 10.26
CA ALA B 143 31.82 21.48 9.95
C ALA B 143 31.03 21.68 8.67
N VAL B 144 30.44 22.87 8.50
CA VAL B 144 29.66 23.21 7.32
C VAL B 144 30.52 24.02 6.35
N ASP B 145 30.67 23.56 5.11
CA ASP B 145 31.32 24.32 4.06
C ASP B 145 30.17 24.98 3.32
N LEU B 146 29.81 26.22 3.71
CA LEU B 146 28.67 26.95 3.14
C LEU B 146 28.62 27.02 1.62
N GLU B 147 29.79 26.90 0.98
CA GLU B 147 29.98 26.89 -0.47
C GLU B 147 29.33 25.65 -1.10
N LYS B 148 29.11 24.60 -0.28
CA LYS B 148 28.60 23.30 -0.71
C LYS B 148 27.22 22.89 -0.14
N VAL B 149 26.48 23.87 0.41
CA VAL B 149 25.13 23.71 0.92
C VAL B 149 24.25 24.46 -0.07
N GLY B 150 23.23 23.79 -0.58
CA GLY B 150 22.29 24.37 -1.54
C GLY B 150 21.18 23.45 -1.95
N LYS B 151 20.48 23.84 -3.02
CA LYS B 151 19.38 23.12 -3.65
C LYS B 151 19.25 23.59 -5.10
N ASN B 152 18.81 22.72 -6.03
CA ASN B 152 18.63 23.18 -7.41
C ASN B 152 17.31 23.91 -7.55
N ASP B 153 17.20 24.79 -8.54
CA ASP B 153 16.02 25.64 -8.75
C ASP B 153 14.72 24.86 -8.97
N ASP B 154 14.83 23.72 -9.69
CA ASP B 154 13.71 22.81 -9.99
C ASP B 154 13.20 22.00 -8.75
N VAL B 155 13.89 22.10 -7.56
CA VAL B 155 13.45 21.35 -6.38
C VAL B 155 12.09 21.88 -5.98
N PHE B 156 11.09 21.02 -6.21
CA PHE B 156 9.69 21.27 -5.92
C PHE B 156 9.23 20.16 -4.99
N LEU B 157 8.37 20.51 -4.03
CA LEU B 157 7.81 19.52 -3.11
C LEU B 157 6.32 19.78 -3.22
N THR B 158 5.61 18.87 -3.90
CA THR B 158 4.18 18.92 -4.19
C THR B 158 3.35 19.45 -3.02
N GLY B 159 2.57 20.51 -3.27
CA GLY B 159 1.68 21.11 -2.28
C GLY B 159 2.34 21.86 -1.13
N TRP B 160 3.62 22.22 -1.31
CA TRP B 160 4.42 22.99 -0.36
C TRP B 160 5.28 24.02 -1.09
N ASP B 161 5.66 25.09 -0.38
CA ASP B 161 6.54 26.11 -0.93
C ASP B 161 7.88 26.02 -0.19
N ILE B 162 9.01 25.96 -0.93
CA ILE B 162 10.32 25.85 -0.29
C ILE B 162 10.90 27.23 -0.03
N GLU B 163 10.96 27.61 1.25
CA GLU B 163 11.52 28.90 1.66
C GLU B 163 13.04 28.92 1.65
N SER B 164 13.70 28.01 2.40
CA SER B 164 15.17 28.00 2.51
C SER B 164 15.74 26.66 2.91
N PHE B 165 16.96 26.37 2.43
CA PHE B 165 17.74 25.20 2.85
C PHE B 165 19.07 25.73 3.36
N THR B 166 19.21 25.73 4.69
CA THR B 166 20.38 26.27 5.41
C THR B 166 20.92 25.25 6.42
N ALA B 167 22.16 25.48 6.90
CA ALA B 167 22.75 24.58 7.89
C ALA B 167 23.24 25.37 9.08
N VAL B 168 22.98 24.85 10.28
CA VAL B 168 23.43 25.45 11.50
C VAL B 168 24.93 25.09 11.64
N VAL B 169 25.79 26.07 11.29
CA VAL B 169 27.26 26.05 11.25
C VAL B 169 27.97 25.41 12.44
N LYS B 170 27.45 25.61 13.66
CA LYS B 170 28.01 25.09 14.90
C LYS B 170 27.46 23.68 15.22
N PRO B 171 28.30 22.64 15.14
CA PRO B 171 27.83 21.28 15.47
C PRO B 171 27.56 21.06 16.94
N ALA B 172 26.68 20.12 17.21
CA ALA B 172 26.33 19.70 18.54
C ALA B 172 27.26 18.56 18.89
N ASN B 173 28.30 18.85 19.70
CA ASN B 173 29.23 17.80 20.13
C ASN B 173 28.88 17.34 21.53
N PHE B 174 28.75 16.02 21.70
CA PHE B 174 28.27 15.46 22.94
C PHE B 174 28.75 14.06 23.11
N ALA B 175 28.67 13.52 24.33
CA ALA B 175 29.10 12.17 24.52
C ALA B 175 27.91 11.27 24.34
N LEU B 176 28.16 10.05 23.83
CA LEU B 176 27.11 9.05 23.65
C LEU B 176 27.82 7.73 23.80
N GLU B 177 27.42 6.91 24.80
CA GLU B 177 27.99 5.59 25.06
C GLU B 177 29.53 5.62 25.10
N ASP B 178 30.07 6.45 26.01
CA ASP B 178 31.52 6.60 26.22
C ASP B 178 32.41 7.09 25.05
N ARG B 179 31.82 7.84 24.06
CA ARG B 179 32.51 8.43 22.90
C ARG B 179 31.85 9.74 22.49
N LEU B 180 32.62 10.57 21.83
CA LEU B 180 32.14 11.84 21.36
C LEU B 180 31.42 11.69 20.02
N GLU B 181 30.35 12.42 19.87
CA GLU B 181 29.61 12.45 18.63
C GLU B 181 29.48 13.92 18.18
N SER B 182 29.70 14.20 16.89
CA SER B 182 29.61 15.55 16.30
C SER B 182 28.42 15.57 15.31
N LYS B 183 27.36 16.29 15.69
CA LYS B 183 26.11 16.34 14.95
C LYS B 183 25.81 17.72 14.38
N LEU B 184 25.42 17.79 13.07
CA LEU B 184 25.05 19.00 12.34
C LEU B 184 23.58 19.00 12.00
N ASP B 185 22.96 20.20 11.96
CA ASP B 185 21.52 20.38 11.68
C ASP B 185 21.26 21.10 10.36
N TYR B 186 20.83 20.36 9.34
CA TYR B 186 20.44 20.94 8.06
C TYR B 186 18.94 21.21 8.14
N GLN B 187 18.52 22.45 7.78
CA GLN B 187 17.11 22.90 7.90
C GLN B 187 16.45 23.35 6.62
N LEU B 188 15.37 22.63 6.30
CA LEU B 188 14.53 22.89 5.15
C LEU B 188 13.22 23.57 5.61
N ARG B 189 13.09 24.87 5.31
CA ARG B 189 11.93 25.65 5.69
C ARG B 189 10.94 25.66 4.57
N ILE B 190 9.72 25.23 4.88
CA ILE B 190 8.64 25.09 3.91
C ILE B 190 7.33 25.61 4.49
N SER B 191 6.42 25.97 3.60
CA SER B 191 5.08 26.44 3.94
C SER B 191 4.05 25.77 3.03
N ARG B 192 2.96 25.30 3.64
CA ARG B 192 1.92 24.58 2.94
C ARG B 192 1.14 25.49 2.02
N GLN B 193 0.85 24.99 0.81
CA GLN B 193 0.03 25.66 -0.20
C GLN B 193 -1.41 25.29 0.13
N TYR B 194 -2.05 26.15 0.92
CA TYR B 194 -3.41 25.98 1.44
C TYR B 194 -4.54 26.13 0.42
N PHE B 195 -4.25 26.72 -0.75
CA PHE B 195 -5.21 27.00 -1.81
C PHE B 195 -6.32 25.99 -1.97
N SER B 196 -5.97 24.76 -2.34
CA SER B 196 -6.90 23.70 -2.64
C SER B 196 -7.86 23.30 -1.54
N TYR B 197 -7.49 23.53 -0.27
CA TYR B 197 -8.35 23.21 0.87
C TYR B 197 -9.62 24.06 0.88
N ILE B 198 -9.51 25.28 0.31
CA ILE B 198 -10.61 26.23 0.17
C ILE B 198 -11.76 25.67 -0.69
N PRO B 199 -11.58 25.36 -2.00
CA PRO B 199 -12.70 24.81 -2.77
C PRO B 199 -13.02 23.32 -2.54
N ASN B 200 -12.07 22.56 -1.94
CA ASN B 200 -12.30 21.14 -1.74
C ASN B 200 -12.91 20.77 -0.40
N ILE B 201 -12.56 21.53 0.66
CA ILE B 201 -13.02 21.20 2.01
C ILE B 201 -13.70 22.34 2.75
N ILE B 202 -13.06 23.52 2.81
CA ILE B 202 -13.58 24.69 3.54
C ILE B 202 -14.96 25.13 3.06
N LEU B 203 -15.03 25.62 1.83
CA LEU B 203 -16.30 26.08 1.24
C LEU B 203 -17.41 25.02 1.23
N PRO B 204 -17.16 23.77 0.74
CA PRO B 204 -18.23 22.75 0.81
C PRO B 204 -18.77 22.54 2.23
N MET B 205 -17.88 22.53 3.23
CA MET B 205 -18.24 22.37 4.63
C MET B 205 -19.12 23.52 5.13
N LEU B 206 -18.82 24.74 4.69
CA LEU B 206 -19.60 25.93 5.05
C LEU B 206 -20.98 25.88 4.38
N PHE B 207 -21.00 25.58 3.06
CA PHE B 207 -22.22 25.45 2.28
C PHE B 207 -23.21 24.51 2.94
N ILE B 208 -22.77 23.28 3.30
CA ILE B 208 -23.65 22.31 3.96
C ILE B 208 -24.19 22.82 5.31
N LEU B 209 -23.37 23.58 6.05
CA LEU B 209 -23.76 24.17 7.33
C LEU B 209 -24.83 25.25 7.10
N PHE B 210 -24.62 26.12 6.08
CA PHE B 210 -25.54 27.19 5.75
C PHE B 210 -26.87 26.61 5.30
N ILE B 211 -26.83 25.55 4.49
CA ILE B 211 -28.03 24.80 4.07
C ILE B 211 -28.82 24.28 5.31
N SER B 212 -28.12 23.83 6.37
CA SER B 212 -28.81 23.40 7.60
C SER B 212 -29.64 24.54 8.20
N TRP B 213 -29.10 25.78 8.12
CA TRP B 213 -29.70 27.01 8.65
C TRP B 213 -30.99 27.45 7.94
N THR B 214 -31.31 26.86 6.77
CA THR B 214 -32.56 27.15 6.07
C THR B 214 -33.76 26.66 6.89
N ALA B 215 -33.54 25.73 7.85
CA ALA B 215 -34.58 25.22 8.74
C ALA B 215 -35.13 26.33 9.69
N PHE B 216 -34.41 27.48 9.78
CA PHE B 216 -34.85 28.65 10.55
C PHE B 216 -35.90 29.48 9.82
N TRP B 217 -36.19 29.12 8.56
CA TRP B 217 -37.20 29.73 7.71
C TRP B 217 -38.23 28.68 7.28
N SER B 218 -38.37 27.63 8.11
CA SER B 218 -39.33 26.55 7.88
C SER B 218 -40.01 26.14 9.16
N THR B 219 -41.32 25.87 9.05
CA THR B 219 -42.21 25.45 10.12
C THR B 219 -42.45 23.93 10.07
N SER B 220 -41.96 23.29 8.98
CA SER B 220 -42.07 21.85 8.72
C SER B 220 -41.01 21.07 9.49
N TYR B 221 -41.38 20.40 10.62
CA TYR B 221 -40.44 19.64 11.43
C TYR B 221 -39.78 18.54 10.62
N GLU B 222 -40.57 17.75 9.90
CA GLU B 222 -40.11 16.65 9.05
C GLU B 222 -39.09 17.09 7.99
N ALA B 223 -39.27 18.28 7.41
CA ALA B 223 -38.32 18.82 6.43
C ALA B 223 -37.05 19.32 7.14
N ASN B 224 -37.21 19.93 8.33
CA ASN B 224 -36.10 20.44 9.14
C ASN B 224 -35.21 19.28 9.62
N VAL B 225 -35.82 18.22 10.19
CA VAL B 225 -35.13 17.02 10.64
C VAL B 225 -34.28 16.47 9.49
N THR B 226 -34.83 16.47 8.25
CA THR B 226 -34.12 16.04 7.05
C THR B 226 -32.94 16.99 6.76
N LEU B 227 -33.18 18.31 6.71
CA LEU B 227 -32.15 19.32 6.46
C LEU B 227 -30.97 19.25 7.40
N VAL B 228 -31.22 19.24 8.72
CA VAL B 228 -30.17 19.26 9.72
C VAL B 228 -29.42 17.93 9.82
N VAL B 229 -30.16 16.81 9.90
CA VAL B 229 -29.54 15.50 10.00
C VAL B 229 -28.69 15.16 8.77
N SER B 230 -29.28 15.31 7.57
CA SER B 230 -28.59 15.04 6.30
C SER B 230 -27.28 15.80 6.18
N THR B 231 -27.30 17.14 6.40
CA THR B 231 -26.07 17.93 6.36
C THR B 231 -25.06 17.52 7.44
N LEU B 232 -25.53 17.10 8.64
CA LEU B 232 -24.66 16.63 9.71
C LEU B 232 -23.89 15.40 9.25
N ILE B 233 -24.56 14.50 8.49
CA ILE B 233 -23.94 13.32 7.92
C ILE B 233 -22.84 13.75 6.92
N ALA B 234 -23.16 14.72 6.04
CA ALA B 234 -22.17 15.24 5.10
C ALA B 234 -20.99 15.87 5.86
N HIS B 235 -21.24 16.46 7.06
CA HIS B 235 -20.16 17.04 7.85
C HIS B 235 -19.27 15.93 8.42
N ILE B 236 -19.89 14.83 8.92
CA ILE B 236 -19.16 13.68 9.45
C ILE B 236 -18.20 13.17 8.37
N ALA B 237 -18.69 13.11 7.09
CA ALA B 237 -17.91 12.69 5.93
C ALA B 237 -16.68 13.57 5.77
N PHE B 238 -16.85 14.90 5.80
CA PHE B 238 -15.72 15.83 5.70
C PHE B 238 -14.74 15.66 6.83
N ASN B 239 -15.26 15.52 8.08
CA ASN B 239 -14.45 15.28 9.27
C ASN B 239 -13.59 14.02 9.03
N ILE B 240 -14.22 12.86 8.67
CA ILE B 240 -13.50 11.62 8.39
C ILE B 240 -12.41 11.80 7.32
N LEU B 241 -12.76 12.46 6.20
CA LEU B 241 -11.85 12.75 5.08
C LEU B 241 -10.64 13.53 5.57
N VAL B 242 -10.88 14.55 6.39
CA VAL B 242 -9.83 15.40 6.92
C VAL B 242 -8.93 14.63 7.86
N GLU B 243 -9.54 13.93 8.85
CA GLU B 243 -8.81 13.14 9.86
C GLU B 243 -7.98 11.98 9.29
N THR B 244 -8.41 11.38 8.14
CA THR B 244 -7.63 10.31 7.48
C THR B 244 -6.30 10.81 6.87
N ASN B 245 -6.23 12.09 6.46
CA ASN B 245 -5.04 12.73 5.86
C ASN B 245 -4.10 13.37 6.90
N LEU B 246 -4.39 13.21 8.20
CA LEU B 246 -3.61 13.82 9.28
C LEU B 246 -3.25 12.79 10.34
N PRO B 247 -2.11 12.99 11.04
CA PRO B 247 -1.78 12.08 12.14
C PRO B 247 -2.52 12.47 13.41
N LYS B 248 -2.61 11.53 14.35
CA LYS B 248 -3.29 11.80 15.61
C LYS B 248 -2.40 12.64 16.51
N THR B 249 -2.79 13.92 16.69
CA THR B 249 -2.03 14.88 17.49
C THR B 249 -2.52 14.95 18.95
N PRO B 250 -1.59 15.14 19.92
CA PRO B 250 -2.03 15.30 21.32
C PRO B 250 -2.53 16.71 21.64
N TYR B 251 -2.52 17.60 20.62
CA TYR B 251 -2.94 18.99 20.70
C TYR B 251 -4.09 19.26 19.74
N MET B 252 -4.83 20.37 19.97
CA MET B 252 -5.92 20.71 19.08
C MET B 252 -5.38 21.51 17.91
N THR B 253 -5.80 21.13 16.68
CA THR B 253 -5.39 21.80 15.45
C THR B 253 -6.46 22.82 15.10
N TYR B 254 -6.09 23.84 14.32
CA TYR B 254 -7.01 24.89 13.91
C TYR B 254 -8.20 24.27 13.19
N THR B 255 -7.93 23.41 12.19
CA THR B 255 -8.90 22.64 11.41
C THR B 255 -9.78 21.76 12.31
N GLY B 256 -9.14 21.07 13.24
CA GLY B 256 -9.79 20.20 14.20
C GLY B 256 -10.81 20.91 15.04
N ALA B 257 -10.39 22.10 15.57
CA ALA B 257 -11.21 22.99 16.38
C ALA B 257 -12.50 23.38 15.61
N ILE B 258 -12.35 23.99 14.39
CA ILE B 258 -13.45 24.41 13.52
C ILE B 258 -14.41 23.25 13.28
N ILE B 259 -13.89 22.09 12.79
CA ILE B 259 -14.64 20.88 12.51
C ILE B 259 -15.49 20.49 13.71
N PHE B 260 -14.88 20.51 14.92
CA PHE B 260 -15.56 20.15 16.18
C PHE B 260 -16.64 21.14 16.55
N MET B 261 -16.30 22.45 16.52
CA MET B 261 -17.18 23.56 16.82
C MET B 261 -18.48 23.43 16.01
N ILE B 262 -18.34 23.17 14.70
CA ILE B 262 -19.45 22.97 13.78
C ILE B 262 -20.43 21.87 14.28
N TYR B 263 -19.93 20.79 14.94
CA TYR B 263 -20.80 19.75 15.50
C TYR B 263 -21.77 20.36 16.48
N LEU B 264 -21.26 21.22 17.40
CA LEU B 264 -22.08 21.90 18.39
C LEU B 264 -23.21 22.68 17.72
N PHE B 265 -22.89 23.35 16.57
CA PHE B 265 -23.89 24.09 15.78
C PHE B 265 -25.02 23.20 15.29
N TYR B 266 -24.69 22.00 14.77
CA TYR B 266 -25.69 21.03 14.29
C TYR B 266 -26.53 20.54 15.46
N PHE B 267 -25.88 20.31 16.62
CA PHE B 267 -26.56 19.84 17.82
C PHE B 267 -27.56 20.88 18.32
N VAL B 268 -27.12 22.14 18.46
CA VAL B 268 -27.98 23.22 18.89
C VAL B 268 -29.14 23.43 17.90
N ALA B 269 -28.86 23.42 16.57
CA ALA B 269 -29.90 23.55 15.55
C ALA B 269 -30.94 22.42 15.68
N VAL B 270 -30.52 21.18 16.01
CA VAL B 270 -31.45 20.07 16.25
C VAL B 270 -32.36 20.42 17.45
N ILE B 271 -31.76 20.89 18.56
CA ILE B 271 -32.49 21.32 19.75
C ILE B 271 -33.55 22.34 19.32
N GLU B 272 -33.13 23.45 18.63
CA GLU B 272 -34.03 24.50 18.14
C GLU B 272 -35.19 23.91 17.35
N VAL B 273 -34.89 23.11 16.32
CA VAL B 273 -35.87 22.43 15.47
C VAL B 273 -36.87 21.56 16.27
N THR B 274 -36.37 20.90 17.36
CA THR B 274 -37.16 20.07 18.26
C THR B 274 -38.09 20.98 19.09
N VAL B 275 -37.49 22.05 19.71
CA VAL B 275 -38.18 23.05 20.54
C VAL B 275 -39.33 23.69 19.75
N GLN B 276 -39.03 24.26 18.57
CA GLN B 276 -39.98 24.91 17.67
C GLN B 276 -41.18 23.98 17.39
N HIS B 277 -40.93 22.71 16.99
CA HIS B 277 -42.00 21.74 16.76
C HIS B 277 -42.78 21.45 18.03
N TYR B 278 -42.07 21.17 19.16
CA TYR B 278 -42.72 20.88 20.44
C TYR B 278 -43.76 21.94 20.83
N LEU B 279 -43.35 23.23 20.78
CA LEU B 279 -44.20 24.38 21.08
C LEU B 279 -45.42 24.43 20.15
N LYS B 280 -45.21 24.21 18.83
CA LYS B 280 -46.25 24.20 17.79
C LYS B 280 -47.36 23.17 18.13
N VAL B 281 -46.96 21.93 18.48
CA VAL B 281 -47.87 20.84 18.84
C VAL B 281 -48.66 21.19 20.14
N GLU B 282 -47.97 21.89 21.07
CA GLU B 282 -48.43 22.37 22.38
C GLU B 282 -49.23 23.71 22.27
N SER B 283 -49.67 24.00 21.04
CA SER B 283 -50.47 25.15 20.64
C SER B 283 -49.97 26.53 21.08
N GLN B 284 -48.65 26.78 21.01
CA GLN B 284 -48.07 28.10 21.27
C GLN B 284 -47.05 28.55 20.20
N PRO B 285 -47.51 28.70 18.92
CA PRO B 285 -46.61 29.10 17.84
C PRO B 285 -45.98 30.49 17.95
N ALA B 286 -46.43 31.31 18.90
CA ALA B 286 -45.89 32.64 19.08
C ALA B 286 -44.50 32.58 19.70
N ARG B 287 -44.32 31.73 20.72
CA ARG B 287 -43.04 31.53 21.42
C ARG B 287 -42.03 30.93 20.43
N ALA B 288 -42.48 29.86 19.73
CA ALA B 288 -41.73 29.14 18.72
C ALA B 288 -41.24 30.11 17.67
N ALA B 289 -42.14 30.94 17.12
CA ALA B 289 -41.85 31.95 16.10
C ALA B 289 -40.75 32.92 16.50
N SER B 290 -40.73 33.36 17.77
CA SER B 290 -39.74 34.31 18.27
C SER B 290 -38.40 33.65 18.53
N ILE B 291 -38.41 32.33 18.87
CA ILE B 291 -37.19 31.53 19.07
C ILE B 291 -36.51 31.38 17.68
N THR B 292 -37.29 30.96 16.66
CA THR B 292 -36.85 30.76 15.27
C THR B 292 -36.30 32.04 14.70
N ARG B 293 -36.99 33.16 14.93
CA ARG B 293 -36.57 34.48 14.44
C ARG B 293 -35.23 34.92 15.03
N ALA B 294 -35.00 34.58 16.31
CA ALA B 294 -33.79 34.91 17.05
C ALA B 294 -32.63 34.10 16.51
N SER B 295 -32.87 32.78 16.32
CA SER B 295 -31.93 31.79 15.80
C SER B 295 -31.37 32.22 14.44
N ARG B 296 -32.24 32.70 13.53
CA ARG B 296 -31.90 33.22 12.20
C ARG B 296 -30.72 34.22 12.22
N ILE B 297 -30.61 35.00 13.32
CA ILE B 297 -29.55 35.99 13.52
C ILE B 297 -28.45 35.42 14.42
N ALA B 298 -28.85 34.81 15.57
CA ALA B 298 -27.95 34.22 16.55
C ALA B 298 -26.93 33.29 15.90
N PHE B 299 -27.41 32.22 15.22
CA PHE B 299 -26.60 31.22 14.52
C PHE B 299 -25.48 31.84 13.68
N PRO B 300 -25.76 32.65 12.62
CA PRO B 300 -24.65 33.26 11.86
C PRO B 300 -23.72 34.14 12.68
N VAL B 301 -24.27 34.94 13.61
CA VAL B 301 -23.52 35.85 14.47
C VAL B 301 -22.53 35.10 15.38
N VAL B 302 -23.04 34.10 16.13
CA VAL B 302 -22.26 33.28 17.03
C VAL B 302 -21.21 32.52 16.23
N PHE B 303 -21.58 31.98 15.04
CA PHE B 303 -20.63 31.29 14.16
C PHE B 303 -19.46 32.21 13.75
N LEU B 304 -19.78 33.42 13.26
CA LEU B 304 -18.83 34.43 12.85
C LEU B 304 -17.96 34.90 14.04
N LEU B 305 -18.55 35.05 15.23
CA LEU B 305 -17.79 35.47 16.41
C LEU B 305 -16.80 34.39 16.84
N ALA B 306 -17.31 33.15 16.95
CA ALA B 306 -16.56 31.96 17.35
C ALA B 306 -15.31 31.77 16.47
N ASN B 307 -15.49 31.92 15.13
CA ASN B 307 -14.40 31.81 14.17
C ASN B 307 -13.35 32.88 14.39
N ILE B 308 -13.80 34.14 14.68
CA ILE B 308 -12.88 35.23 14.96
C ILE B 308 -12.05 34.87 16.20
N ILE B 309 -12.72 34.41 17.29
CA ILE B 309 -12.08 33.98 18.53
C ILE B 309 -11.02 32.91 18.24
N LEU B 310 -11.40 31.86 17.46
CA LEU B 310 -10.50 30.77 17.08
C LEU B 310 -9.27 31.24 16.32
N ALA B 311 -9.47 31.93 15.17
CA ALA B 311 -8.40 32.46 14.33
C ALA B 311 -7.45 33.26 15.20
N PHE B 312 -8.00 34.03 16.18
CA PHE B 312 -7.17 34.82 17.08
C PHE B 312 -6.28 33.91 17.92
N LEU B 313 -6.91 32.92 18.59
CA LEU B 313 -6.20 31.95 19.43
C LEU B 313 -5.12 31.21 18.69
N PHE B 314 -5.38 30.86 17.41
CA PHE B 314 -4.47 30.09 16.59
C PHE B 314 -3.44 30.86 15.78
N PHE B 315 -3.67 32.15 15.44
CA PHE B 315 -2.72 32.88 14.60
C PHE B 315 -2.11 34.18 15.15
N VAL C 5 42.22 2.88 -14.69
CA VAL C 5 40.97 3.48 -15.16
C VAL C 5 40.77 4.88 -14.61
N SER C 6 40.81 5.83 -15.52
CA SER C 6 40.65 7.29 -15.35
C SER C 6 40.27 7.84 -16.73
N PRO C 7 39.65 9.04 -16.84
CA PRO C 7 39.20 9.53 -18.16
C PRO C 7 40.21 9.51 -19.32
N PRO C 8 39.75 9.28 -20.57
CA PRO C 8 40.68 9.36 -21.71
C PRO C 8 41.14 10.82 -21.89
N PRO C 9 42.45 11.05 -22.09
CA PRO C 9 42.94 12.44 -22.14
C PRO C 9 42.66 13.19 -23.45
N PRO C 10 42.56 14.56 -23.41
CA PRO C 10 42.22 15.29 -24.64
C PRO C 10 43.35 15.36 -25.65
N ILE C 11 43.01 15.26 -26.95
CA ILE C 11 44.01 15.38 -28.02
C ILE C 11 44.53 16.82 -27.96
N ALA C 12 43.61 17.79 -28.11
CA ALA C 12 43.89 19.21 -27.95
C ALA C 12 43.54 19.52 -26.46
N ASP C 13 42.43 20.23 -26.24
CA ASP C 13 41.86 20.56 -24.94
C ASP C 13 40.33 20.64 -25.12
N GLU C 14 39.78 19.67 -25.89
CA GLU C 14 38.36 19.59 -26.16
C GLU C 14 37.65 18.82 -25.02
N PRO C 15 36.32 19.01 -24.81
CA PRO C 15 35.65 18.25 -23.77
C PRO C 15 35.29 16.86 -24.31
N LEU C 16 35.05 15.88 -23.42
CA LEU C 16 34.66 14.55 -23.85
C LEU C 16 33.15 14.45 -24.17
N THR C 17 32.83 14.08 -25.41
CA THR C 17 31.44 13.95 -25.80
C THR C 17 30.91 12.53 -25.61
N VAL C 18 29.87 12.43 -24.82
CA VAL C 18 29.23 11.16 -24.59
C VAL C 18 27.90 11.24 -25.33
N ASN C 19 27.78 10.39 -26.36
CA ASN C 19 26.60 10.28 -27.21
C ASN C 19 25.59 9.38 -26.55
N THR C 20 24.43 9.96 -26.18
CA THR C 20 23.40 9.24 -25.46
C THR C 20 22.21 8.88 -26.32
N GLY C 21 21.37 8.00 -25.77
CA GLY C 21 20.14 7.53 -26.41
C GLY C 21 19.33 6.62 -25.52
N ILE C 22 18.07 6.96 -25.34
CA ILE C 22 17.14 6.20 -24.52
C ILE C 22 16.11 5.53 -25.44
N TYR C 23 15.96 4.22 -25.33
CA TYR C 23 14.97 3.50 -26.12
C TYR C 23 14.00 2.82 -25.19
N LEU C 24 12.78 3.41 -25.04
CA LEU C 24 11.72 2.91 -24.15
C LEU C 24 11.27 1.53 -24.53
N ILE C 25 11.18 0.64 -23.52
CA ILE C 25 10.72 -0.75 -23.66
C ILE C 25 9.35 -0.85 -22.96
N GLU C 26 9.26 -0.30 -21.73
CA GLU C 26 8.03 -0.31 -20.94
C GLU C 26 7.70 1.04 -20.29
N CYS C 27 6.41 1.38 -20.28
CA CYS C 27 5.92 2.58 -19.63
C CYS C 27 4.73 2.23 -18.85
N TYR C 28 4.81 2.45 -17.55
CA TYR C 28 3.72 2.05 -16.68
C TYR C 28 3.63 2.93 -15.46
N SER C 29 2.60 2.72 -14.67
CA SER C 29 2.37 3.38 -13.41
C SER C 29 2.50 4.91 -13.43
N LEU C 30 1.70 5.59 -14.29
CA LEU C 30 1.69 7.04 -14.24
C LEU C 30 0.73 7.38 -13.11
N ASP C 31 1.29 7.68 -11.94
CA ASP C 31 0.56 8.02 -10.72
C ASP C 31 0.30 9.53 -10.72
N ASP C 32 -0.96 9.95 -10.82
CA ASP C 32 -1.30 11.37 -10.85
C ASP C 32 -1.03 12.07 -9.53
N LYS C 33 -1.49 11.46 -8.44
CA LYS C 33 -1.34 11.97 -7.10
C LYS C 33 0.15 12.15 -6.77
N ALA C 34 1.00 11.15 -7.11
CA ALA C 34 2.44 11.20 -6.83
C ALA C 34 3.24 12.00 -7.85
N GLU C 35 2.69 12.19 -9.08
CA GLU C 35 3.35 12.83 -10.21
C GLU C 35 4.64 12.06 -10.56
N THR C 36 4.52 10.72 -10.65
CA THR C 36 5.60 9.79 -10.99
C THR C 36 5.14 8.80 -12.05
N PHE C 37 6.11 8.17 -12.73
CA PHE C 37 5.90 7.11 -13.72
C PHE C 37 7.09 6.18 -13.71
N LYS C 38 6.86 4.95 -14.08
CA LYS C 38 7.93 3.96 -14.13
C LYS C 38 8.34 3.76 -15.57
N VAL C 39 9.63 3.56 -15.76
CA VAL C 39 10.18 3.41 -17.10
C VAL C 39 11.18 2.25 -17.14
N ASN C 40 11.18 1.51 -18.24
CA ASN C 40 12.10 0.39 -18.49
C ASN C 40 12.58 0.62 -19.90
N ALA C 41 13.89 0.88 -20.06
CA ALA C 41 14.45 1.28 -21.34
C ALA C 41 15.87 0.91 -21.49
N PHE C 42 16.38 1.06 -22.72
CA PHE C 42 17.80 0.86 -23.02
C PHE C 42 18.44 2.22 -22.90
N LEU C 43 19.62 2.26 -22.28
CA LEU C 43 20.43 3.48 -22.21
C LEU C 43 21.70 3.19 -23.00
N SER C 44 21.92 3.96 -24.08
CA SER C 44 23.08 3.78 -24.94
C SER C 44 24.05 4.93 -24.76
N LEU C 45 25.34 4.57 -24.53
CA LEU C 45 26.43 5.53 -24.33
C LEU C 45 27.53 5.24 -25.30
N SER C 46 28.11 6.31 -25.90
CA SER C 46 29.17 6.23 -26.92
C SER C 46 30.12 7.39 -26.86
N TRP C 47 31.40 7.09 -26.72
CA TRP C 47 32.45 8.09 -26.61
C TRP C 47 33.74 7.49 -27.19
N LYS C 48 34.74 8.34 -27.48
CA LYS C 48 36.05 7.90 -27.99
C LYS C 48 37.11 7.86 -26.84
N ASP C 49 37.81 6.70 -26.73
CA ASP C 49 38.88 6.46 -25.77
C ASP C 49 40.06 5.91 -26.55
N ARG C 50 40.92 6.82 -27.07
CA ARG C 50 42.08 6.47 -27.89
C ARG C 50 42.98 5.41 -27.27
N ARG C 51 43.08 5.40 -25.92
CA ARG C 51 43.83 4.42 -25.16
C ARG C 51 43.38 2.98 -25.52
N LEU C 52 42.15 2.85 -26.07
CA LEU C 52 41.52 1.58 -26.44
C LEU C 52 41.62 1.19 -27.91
N ALA C 53 42.02 2.13 -28.78
CA ALA C 53 42.24 1.95 -30.22
C ALA C 53 43.13 0.74 -30.58
N PHE C 54 42.92 0.15 -31.76
CA PHE C 54 43.69 -0.98 -32.21
C PHE C 54 43.76 -1.09 -33.74
N ASP C 55 44.60 -2.02 -34.25
CA ASP C 55 44.76 -2.23 -35.68
C ASP C 55 43.64 -3.15 -36.17
N PRO C 56 42.83 -2.69 -37.18
CA PRO C 56 41.76 -3.57 -37.72
C PRO C 56 42.35 -4.84 -38.40
N VAL C 57 43.40 -4.65 -39.28
CA VAL C 57 44.15 -5.66 -40.06
C VAL C 57 44.96 -6.68 -39.18
N ARG C 58 45.86 -6.14 -38.32
CA ARG C 58 46.75 -6.89 -37.42
C ARG C 58 46.02 -7.63 -36.32
N SER C 59 44.88 -7.13 -35.88
CA SER C 59 44.13 -7.78 -34.81
C SER C 59 43.25 -8.91 -35.33
N GLY C 60 42.78 -8.77 -36.58
CA GLY C 60 41.92 -9.73 -37.25
C GLY C 60 40.48 -9.74 -36.74
N VAL C 61 40.22 -8.96 -35.66
CA VAL C 61 38.93 -8.82 -34.98
C VAL C 61 38.45 -7.41 -35.24
N ARG C 62 37.27 -7.30 -35.90
CA ARG C 62 36.64 -6.03 -36.29
C ARG C 62 36.34 -5.12 -35.10
N VAL C 63 35.85 -5.71 -34.00
CA VAL C 63 35.39 -5.04 -32.78
C VAL C 63 35.88 -5.84 -31.58
N LYS C 64 36.01 -5.20 -30.41
CA LYS C 64 36.45 -5.86 -29.17
C LYS C 64 35.46 -5.61 -28.01
N THR C 65 35.08 -6.70 -27.28
CA THR C 65 34.13 -6.67 -26.16
C THR C 65 34.81 -6.60 -24.79
N TYR C 66 34.40 -5.64 -23.92
CA TYR C 66 34.95 -5.46 -22.56
C TYR C 66 33.91 -5.60 -21.46
N GLU C 67 34.39 -5.91 -20.24
CA GLU C 67 33.58 -5.99 -19.04
C GLU C 67 33.64 -4.61 -18.40
N PRO C 68 32.52 -4.09 -17.87
CA PRO C 68 32.51 -2.72 -17.29
C PRO C 68 33.77 -2.26 -16.53
N GLU C 69 34.22 -3.08 -15.60
CA GLU C 69 35.39 -2.89 -14.72
C GLU C 69 36.72 -2.77 -15.48
N ALA C 70 36.80 -3.43 -16.65
CA ALA C 70 38.00 -3.42 -17.49
C ALA C 70 38.35 -2.03 -18.03
N ILE C 71 37.34 -1.20 -18.38
CA ILE C 71 37.53 0.12 -18.99
C ILE C 71 36.87 1.28 -18.26
N TRP C 72 37.28 2.52 -18.61
CA TRP C 72 36.69 3.74 -18.09
C TRP C 72 35.34 3.94 -18.78
N ILE C 73 34.27 4.10 -17.96
CA ILE C 73 32.90 4.32 -18.38
C ILE C 73 32.35 5.58 -17.68
N PRO C 74 31.76 6.53 -18.43
CA PRO C 74 31.26 7.74 -17.78
C PRO C 74 30.11 7.48 -16.81
N GLU C 75 30.12 8.24 -15.72
CA GLU C 75 29.12 8.16 -14.69
C GLU C 75 27.93 8.99 -15.09
N ILE C 76 26.98 8.34 -15.80
CA ILE C 76 25.72 8.97 -16.22
C ILE C 76 24.70 8.68 -15.16
N ARG C 77 23.97 9.72 -14.72
CA ARG C 77 22.92 9.60 -13.70
C ARG C 77 21.65 10.31 -14.18
N PHE C 78 20.48 9.95 -13.62
CA PHE C 78 19.23 10.63 -13.97
C PHE C 78 19.00 11.63 -12.89
N VAL C 79 18.47 12.80 -13.24
CA VAL C 79 18.24 13.83 -12.25
C VAL C 79 16.95 13.58 -11.49
N ASN C 80 15.81 13.54 -12.21
CA ASN C 80 14.48 13.39 -11.65
C ASN C 80 14.05 11.98 -11.33
N VAL C 81 14.88 11.25 -10.59
CA VAL C 81 14.52 9.91 -10.17
C VAL C 81 14.35 9.89 -8.66
N GLU C 82 13.57 8.88 -8.17
CA GLU C 82 13.33 8.61 -6.76
C GLU C 82 14.64 8.04 -6.19
N ASN C 83 15.10 6.91 -6.76
CA ASN C 83 16.34 6.27 -6.40
C ASN C 83 17.13 6.03 -7.67
N ALA C 84 18.42 5.78 -7.52
CA ALA C 84 19.30 5.48 -8.61
C ALA C 84 18.75 4.30 -9.39
N ARG C 85 18.75 4.41 -10.72
CA ARG C 85 18.25 3.38 -11.64
C ARG C 85 18.86 1.99 -11.41
N ASP C 86 18.06 0.98 -11.70
CA ASP C 86 18.42 -0.42 -11.63
C ASP C 86 18.92 -0.72 -13.02
N ALA C 87 20.24 -0.90 -13.18
CA ALA C 87 20.78 -1.17 -14.50
C ALA C 87 21.53 -2.49 -14.63
N ASP C 88 21.43 -3.08 -15.83
CA ASP C 88 22.13 -4.30 -16.21
C ASP C 88 22.88 -3.97 -17.46
N VAL C 89 24.21 -4.18 -17.47
CA VAL C 89 25.01 -3.89 -18.64
C VAL C 89 24.74 -5.02 -19.66
N VAL C 90 24.27 -4.63 -20.83
CA VAL C 90 23.89 -5.55 -21.89
C VAL C 90 25.12 -5.89 -22.70
N ASP C 91 25.92 -4.88 -23.09
CA ASP C 91 27.10 -5.07 -23.92
C ASP C 91 27.98 -3.80 -24.00
N ILE C 92 29.32 -4.02 -24.09
CA ILE C 92 30.32 -2.99 -24.30
C ILE C 92 31.20 -3.39 -25.51
N SER C 93 31.12 -2.62 -26.61
CA SER C 93 31.85 -2.88 -27.86
C SER C 93 32.78 -1.72 -28.23
N VAL C 94 34.06 -2.02 -28.48
CA VAL C 94 35.05 -1.02 -28.88
C VAL C 94 35.49 -1.30 -30.30
N SER C 95 35.43 -0.28 -31.15
CA SER C 95 35.84 -0.37 -32.55
C SER C 95 37.37 -0.09 -32.70
N PRO C 96 38.01 -0.29 -33.91
CA PRO C 96 39.47 -0.08 -34.01
C PRO C 96 39.93 1.32 -33.70
N ASP C 97 39.09 2.33 -33.98
CA ASP C 97 39.44 3.72 -33.72
C ASP C 97 39.32 4.13 -32.24
N GLY C 98 38.96 3.16 -31.39
CA GLY C 98 38.77 3.37 -29.96
C GLY C 98 37.44 4.00 -29.61
N THR C 99 36.41 3.82 -30.48
CA THR C 99 35.05 4.33 -30.22
C THR C 99 34.33 3.27 -29.37
N VAL C 100 33.88 3.68 -28.18
CA VAL C 100 33.18 2.78 -27.24
C VAL C 100 31.67 2.89 -27.38
N GLN C 101 31.04 1.71 -27.53
CA GLN C 101 29.60 1.55 -27.63
C GLN C 101 29.09 0.67 -26.49
N TYR C 102 28.57 1.36 -25.47
CA TYR C 102 28.02 0.84 -24.25
C TYR C 102 26.49 0.82 -24.37
N LEU C 103 25.90 -0.25 -23.82
CA LEU C 103 24.47 -0.46 -23.74
C LEU C 103 24.11 -1.15 -22.44
N GLU C 104 23.08 -0.60 -21.76
CA GLU C 104 22.52 -1.10 -20.53
C GLU C 104 21.01 -1.03 -20.61
N ARG C 105 20.35 -1.92 -19.88
CA ARG C 105 18.90 -1.88 -19.79
C ARG C 105 18.58 -1.49 -18.36
N PHE C 106 17.78 -0.46 -18.19
CA PHE C 106 17.50 0.07 -16.86
C PHE C 106 16.00 0.21 -16.60
N SER C 107 15.67 0.32 -15.31
CA SER C 107 14.33 0.60 -14.80
C SER C 107 14.48 1.71 -13.76
N ALA C 108 13.54 2.69 -13.75
CA ALA C 108 13.57 3.78 -12.80
C ALA C 108 12.19 4.40 -12.55
N ARG C 109 11.99 5.03 -11.37
CA ARG C 109 10.73 5.73 -11.07
C ARG C 109 11.00 7.25 -11.23
N VAL C 110 10.43 7.81 -12.28
CA VAL C 110 10.67 9.19 -12.64
C VAL C 110 9.70 10.16 -11.99
N LEU C 111 10.22 11.26 -11.46
CA LEU C 111 9.49 12.34 -10.81
C LEU C 111 9.26 13.40 -11.88
N SER C 112 8.03 13.53 -12.38
CA SER C 112 7.78 14.54 -13.39
C SER C 112 6.46 15.22 -13.10
N PRO C 113 6.49 16.54 -12.78
CA PRO C 113 5.24 17.24 -12.44
C PRO C 113 4.30 17.30 -13.64
N LEU C 114 3.00 17.30 -13.30
CA LEU C 114 1.90 17.36 -14.24
C LEU C 114 1.07 18.62 -14.04
N ASP C 115 0.50 19.14 -15.16
CA ASP C 115 -0.34 20.33 -15.17
C ASP C 115 -1.77 19.85 -15.21
N PHE C 116 -2.42 19.87 -14.02
CA PHE C 116 -3.78 19.38 -13.88
C PHE C 116 -4.87 20.34 -14.32
N ARG C 117 -4.47 21.55 -14.82
CA ARG C 117 -5.37 22.62 -15.25
C ARG C 117 -6.52 22.15 -16.17
N ARG C 118 -6.22 21.30 -17.18
CA ARG C 118 -7.25 20.81 -18.10
C ARG C 118 -7.82 19.40 -17.83
N TYR C 119 -7.53 18.79 -16.66
CA TYR C 119 -7.99 17.45 -16.30
C TYR C 119 -9.52 17.32 -16.39
N PRO C 120 -10.06 16.21 -16.94
CA PRO C 120 -9.37 15.05 -17.50
C PRO C 120 -9.08 15.15 -19.00
N PHE C 121 -9.08 16.38 -19.57
CA PHE C 121 -8.84 16.62 -21.00
C PHE C 121 -7.41 17.17 -21.25
N ASP C 122 -6.49 16.85 -20.33
CA ASP C 122 -5.11 17.34 -20.35
C ASP C 122 -4.14 16.49 -21.14
N SER C 123 -3.02 17.14 -21.51
CA SER C 123 -1.86 16.55 -22.18
C SER C 123 -0.64 16.92 -21.34
N GLN C 124 0.35 16.03 -21.31
CA GLN C 124 1.54 16.24 -20.48
C GLN C 124 2.81 16.01 -21.25
N THR C 125 3.92 16.58 -20.76
CA THR C 125 5.27 16.38 -21.28
C THR C 125 6.10 15.80 -20.14
N LEU C 126 6.26 14.48 -20.12
CA LEU C 126 7.08 13.88 -19.09
C LEU C 126 8.58 14.10 -19.42
N HIS C 127 9.42 14.29 -18.39
CA HIS C 127 10.83 14.51 -18.61
C HIS C 127 11.69 13.43 -17.98
N ILE C 128 12.81 13.16 -18.62
CA ILE C 128 13.82 12.24 -18.13
C ILE C 128 15.10 13.04 -18.36
N TYR C 129 15.71 13.54 -17.28
CA TYR C 129 16.91 14.35 -17.39
C TYR C 129 18.16 13.53 -17.16
N LEU C 130 19.01 13.45 -18.18
CA LEU C 130 20.28 12.73 -18.14
C LEU C 130 21.38 13.69 -17.69
N ILE C 131 22.26 13.26 -16.81
CA ILE C 131 23.32 14.14 -16.33
C ILE C 131 24.69 13.46 -16.23
N VAL C 132 25.76 14.27 -16.36
CA VAL C 132 27.15 13.89 -16.22
C VAL C 132 27.90 15.08 -15.63
N ARG C 133 28.65 14.79 -14.56
CA ARG C 133 29.48 15.77 -13.90
C ARG C 133 30.93 15.58 -14.40
N SER C 134 31.58 16.68 -14.78
CA SER C 134 32.94 16.70 -15.31
C SER C 134 33.93 16.37 -14.20
N VAL C 135 35.05 15.72 -14.56
CA VAL C 135 36.13 15.30 -13.68
C VAL C 135 37.26 16.35 -13.60
N ASP C 136 38.31 16.10 -12.77
CA ASP C 136 39.41 17.05 -12.66
C ASP C 136 40.28 17.16 -13.93
N THR C 137 40.63 15.99 -14.52
CA THR C 137 41.41 15.94 -15.75
C THR C 137 40.67 16.49 -16.96
N ARG C 138 39.31 16.35 -17.04
CA ARG C 138 38.53 16.90 -18.17
C ARG C 138 37.01 17.12 -18.04
N ASN C 139 36.47 17.94 -18.93
CA ASN C 139 35.05 18.26 -18.99
C ASN C 139 34.28 17.26 -19.84
N ILE C 140 33.22 16.67 -19.28
CA ILE C 140 32.42 15.70 -20.01
C ILE C 140 31.14 16.34 -20.39
N VAL C 141 30.80 16.22 -21.68
CA VAL C 141 29.61 16.78 -22.31
C VAL C 141 28.69 15.73 -22.92
N LEU C 142 27.38 15.93 -22.76
CA LEU C 142 26.39 15.01 -23.29
C LEU C 142 25.85 15.45 -24.65
N ALA C 143 25.50 14.47 -25.49
CA ALA C 143 24.99 14.70 -26.83
C ALA C 143 23.96 13.64 -27.11
N VAL C 144 23.00 13.97 -27.98
CA VAL C 144 21.92 13.07 -28.36
C VAL C 144 22.25 12.40 -29.69
N ASP C 145 22.28 11.07 -29.71
CA ASP C 145 22.45 10.33 -30.97
C ASP C 145 21.02 9.98 -31.35
N LEU C 146 20.35 10.83 -32.17
CA LEU C 146 18.94 10.64 -32.56
C LEU C 146 18.60 9.25 -33.12
N GLU C 147 19.59 8.56 -33.65
CA GLU C 147 19.49 7.21 -34.20
C GLU C 147 19.20 6.20 -33.10
N LYS C 148 19.50 6.55 -31.83
CA LYS C 148 19.37 5.69 -30.67
C LYS C 148 18.34 6.14 -29.60
N VAL C 149 17.45 7.07 -30.00
CA VAL C 149 16.35 7.57 -29.19
C VAL C 149 15.12 6.98 -29.85
N GLY C 150 14.29 6.31 -29.06
CA GLY C 150 13.08 5.71 -29.56
C GLY C 150 12.25 5.07 -28.48
N LYS C 151 11.28 4.25 -28.91
CA LYS C 151 10.36 3.47 -28.09
C LYS C 151 9.79 2.32 -28.92
N ASN C 152 9.48 1.17 -28.30
CA ASN C 152 8.91 0.07 -29.07
C ASN C 152 7.42 0.31 -29.29
N ASP C 153 6.85 -0.24 -30.37
CA ASP C 153 5.45 -0.06 -30.81
C ASP C 153 4.44 -0.45 -29.73
N ASP C 154 4.73 -1.54 -28.97
CA ASP C 154 3.91 -2.06 -27.88
C ASP C 154 3.91 -1.18 -26.61
N VAL C 155 4.79 -0.12 -26.53
CA VAL C 155 4.84 0.75 -25.35
C VAL C 155 3.49 1.43 -25.24
N PHE C 156 2.76 1.00 -24.22
CA PHE C 156 1.44 1.47 -23.85
C PHE C 156 1.54 1.96 -22.41
N LEU C 157 0.85 3.05 -22.10
CA LEU C 157 0.78 3.59 -20.77
C LEU C 157 -0.71 3.71 -20.51
N THR C 158 -1.25 2.80 -19.69
CA THR C 158 -2.68 2.68 -19.39
C THR C 158 -3.40 4.02 -19.20
N GLY C 159 -4.47 4.25 -19.97
CA GLY C 159 -5.29 5.45 -19.88
C GLY C 159 -4.67 6.73 -20.37
N TRP C 160 -3.61 6.61 -21.17
CA TRP C 160 -2.88 7.71 -21.81
C TRP C 160 -2.51 7.34 -23.24
N ASP C 161 -2.34 8.36 -24.09
CA ASP C 161 -1.91 8.17 -25.47
C ASP C 161 -0.50 8.73 -25.60
N ILE C 162 0.40 7.93 -26.16
CA ILE C 162 1.79 8.36 -26.31
C ILE C 162 1.99 9.07 -27.67
N GLU C 163 2.15 10.40 -27.61
CA GLU C 163 2.37 11.21 -28.80
C GLU C 163 3.79 11.09 -29.35
N SER C 164 4.83 11.40 -28.53
CA SER C 164 6.22 11.38 -28.98
C SER C 164 7.22 11.21 -27.87
N PHE C 165 8.36 10.57 -28.18
CA PHE C 165 9.51 10.46 -27.29
C PHE C 165 10.69 11.04 -28.06
N THR C 166 11.07 12.26 -27.68
CA THR C 166 12.13 13.04 -28.34
C THR C 166 13.11 13.58 -27.30
N ALA C 167 14.28 14.05 -27.75
CA ALA C 167 15.29 14.60 -26.85
C ALA C 167 15.73 15.96 -27.35
N VAL C 168 15.85 16.92 -26.42
CA VAL C 168 16.31 18.26 -26.73
C VAL C 168 17.84 18.15 -26.89
N VAL C 169 18.26 18.15 -28.16
CA VAL C 169 19.64 17.99 -28.69
C VAL C 169 20.73 18.80 -28.00
N LYS C 170 20.42 20.06 -27.61
CA LYS C 170 21.34 20.97 -26.93
C LYS C 170 21.32 20.77 -25.40
N PRO C 171 22.41 20.25 -24.81
CA PRO C 171 22.44 20.06 -23.36
C PRO C 171 22.55 21.37 -22.58
N ALA C 172 22.01 21.39 -21.37
CA ALA C 172 22.14 22.51 -20.48
C ALA C 172 23.43 22.27 -19.69
N ASN C 173 24.50 23.05 -20.02
CA ASN C 173 25.81 22.99 -19.36
C ASN C 173 25.93 24.11 -18.37
N PHE C 174 26.28 23.77 -17.12
CA PHE C 174 26.29 24.67 -16.00
C PHE C 174 27.19 24.17 -14.90
N ALA C 175 27.56 25.12 -14.02
CA ALA C 175 28.41 24.86 -12.87
C ALA C 175 27.54 24.49 -11.72
N LEU C 176 27.99 23.50 -11.02
CA LEU C 176 27.32 23.02 -9.85
C LEU C 176 28.47 22.63 -8.98
N GLU C 177 28.50 23.15 -7.74
CA GLU C 177 29.52 22.83 -6.75
C GLU C 177 30.95 22.77 -7.34
N ASP C 178 31.37 23.89 -7.94
CA ASP C 178 32.72 24.08 -8.49
C ASP C 178 33.19 23.13 -9.59
N ARG C 179 32.25 22.42 -10.26
CA ARG C 179 32.49 21.52 -11.42
C ARG C 179 31.38 21.69 -12.48
N LEU C 180 31.68 21.28 -13.72
CA LEU C 180 30.71 21.42 -14.81
C LEU C 180 29.78 20.22 -14.83
N GLU C 181 28.53 20.46 -15.16
CA GLU C 181 27.51 19.46 -15.24
C GLU C 181 26.82 19.60 -16.62
N SER C 182 26.69 18.48 -17.38
CA SER C 182 26.06 18.43 -18.73
C SER C 182 24.70 17.72 -18.62
N LYS C 183 23.62 18.45 -18.84
CA LYS C 183 22.30 17.87 -18.66
C LYS C 183 21.45 17.83 -19.92
N LEU C 184 20.87 16.66 -20.22
CA LEU C 184 20.00 16.46 -21.38
C LEU C 184 18.55 16.27 -20.94
N ASP C 185 17.59 16.73 -21.78
CA ASP C 185 16.14 16.64 -21.51
C ASP C 185 15.44 15.71 -22.49
N TYR C 186 15.07 14.51 -22.02
CA TYR C 186 14.30 13.57 -22.81
C TYR C 186 12.84 13.85 -22.50
N GLN C 187 12.01 13.99 -23.56
CA GLN C 187 10.59 14.35 -23.42
C GLN C 187 9.61 13.36 -23.98
N LEU C 188 8.74 12.86 -23.09
CA LEU C 188 7.66 11.95 -23.42
C LEU C 188 6.34 12.74 -23.42
N ARG C 189 5.78 12.95 -24.62
CA ARG C 189 4.54 13.70 -24.78
C ARG C 189 3.37 12.74 -24.82
N ILE C 190 2.42 12.97 -23.90
CA ILE C 190 1.26 12.10 -23.74
C ILE C 190 -0.01 12.92 -23.60
N SER C 191 -1.15 12.30 -23.86
CA SER C 191 -2.43 12.97 -23.71
C SER C 191 -3.38 11.96 -23.10
N ARG C 192 -4.10 12.41 -22.06
CA ARG C 192 -5.01 11.57 -21.30
C ARG C 192 -6.20 11.12 -22.13
N GLN C 193 -6.54 9.84 -22.01
CA GLN C 193 -7.70 9.24 -22.65
C GLN C 193 -8.90 9.53 -21.72
N TYR C 194 -9.58 10.66 -22.02
CA TYR C 194 -10.69 11.18 -21.22
C TYR C 194 -12.00 10.40 -21.31
N PHE C 195 -12.13 9.52 -22.33
CA PHE C 195 -13.34 8.73 -22.59
C PHE C 195 -14.11 8.28 -21.35
N SER C 196 -13.50 7.47 -20.51
CA SER C 196 -14.12 6.87 -19.35
C SER C 196 -14.68 7.83 -18.32
N TYR C 197 -14.15 9.06 -18.25
CA TYR C 197 -14.61 10.06 -17.28
C TYR C 197 -16.04 10.49 -17.59
N ILE C 198 -16.42 10.40 -18.87
CA ILE C 198 -17.75 10.74 -19.37
C ILE C 198 -18.83 9.83 -18.76
N PRO C 199 -18.83 8.49 -18.98
CA PRO C 199 -19.87 7.66 -18.34
C PRO C 199 -19.69 7.35 -16.83
N ASN C 200 -18.47 7.52 -16.30
CA ASN C 200 -18.21 7.20 -14.91
C ASN C 200 -18.40 8.36 -13.93
N ILE C 201 -18.05 9.60 -14.38
CA ILE C 201 -18.11 10.78 -13.50
C ILE C 201 -18.92 11.95 -14.03
N ILE C 202 -18.66 12.39 -15.27
CA ILE C 202 -19.35 13.54 -15.88
C ILE C 202 -20.86 13.37 -15.94
N LEU C 203 -21.33 12.41 -16.75
CA LEU C 203 -22.77 12.14 -16.88
C LEU C 203 -23.48 11.84 -15.55
N PRO C 204 -22.99 10.90 -14.70
CA PRO C 204 -23.67 10.68 -13.41
C PRO C 204 -23.81 11.96 -12.57
N MET C 205 -22.77 12.81 -12.56
CA MET C 205 -22.77 14.09 -11.85
C MET C 205 -23.82 15.04 -12.40
N LEU C 206 -24.00 15.07 -13.74
CA LEU C 206 -25.00 15.91 -14.40
C LEU C 206 -26.42 15.39 -14.09
N PHE C 207 -26.62 14.06 -14.23
CA PHE C 207 -27.87 13.38 -13.94
C PHE C 207 -28.38 13.74 -12.55
N ILE C 208 -27.55 13.58 -11.50
CA ILE C 208 -27.94 13.91 -10.13
C ILE C 208 -28.33 15.39 -9.98
N LEU C 209 -27.63 16.28 -10.69
CA LEU C 209 -27.91 17.72 -10.66
C LEU C 209 -29.26 18.00 -11.31
N PHE C 210 -29.53 17.38 -12.48
CA PHE C 210 -30.78 17.54 -13.22
C PHE C 210 -31.94 17.02 -12.41
N ILE C 211 -31.76 15.88 -11.72
CA ILE C 211 -32.73 15.30 -10.79
C ILE C 211 -33.06 16.32 -9.67
N SER C 212 -32.06 17.09 -9.17
CA SER C 212 -32.33 18.12 -8.15
C SER C 212 -33.31 19.16 -8.69
N TRP C 213 -33.18 19.50 -9.98
CA TRP C 213 -34.00 20.50 -10.69
C TRP C 213 -35.48 20.12 -10.88
N THR C 214 -35.84 18.84 -10.62
CA THR C 214 -37.23 18.42 -10.69
C THR C 214 -38.04 19.08 -9.57
N ALA C 215 -37.37 19.61 -8.52
CA ALA C 215 -38.02 20.33 -7.42
C ALA C 215 -38.66 21.67 -7.90
N PHE C 216 -38.31 22.11 -9.13
CA PHE C 216 -38.90 23.29 -9.76
C PHE C 216 -40.28 23.00 -10.38
N TRP C 217 -40.69 21.73 -10.36
CA TRP C 217 -41.97 21.25 -10.83
C TRP C 217 -42.72 20.55 -9.69
N SER C 218 -42.40 20.92 -8.45
CA SER C 218 -43.03 20.38 -7.24
C SER C 218 -43.29 21.48 -6.23
N THR C 219 -44.45 21.39 -5.58
CA THR C 219 -44.93 22.31 -4.55
C THR C 219 -44.72 21.72 -3.15
N SER C 220 -44.29 20.43 -3.09
CA SER C 220 -44.03 19.69 -1.86
C SER C 220 -42.66 20.03 -1.29
N TYR C 221 -42.59 20.87 -0.22
CA TYR C 221 -41.32 21.26 0.39
C TYR C 221 -40.55 20.06 0.88
N GLU C 222 -41.21 19.16 1.62
CA GLU C 222 -40.61 17.94 2.17
C GLU C 222 -40.02 17.02 1.09
N ALA C 223 -40.65 16.93 -0.09
CA ALA C 223 -40.13 16.14 -1.20
C ALA C 223 -38.94 16.85 -1.87
N ASN C 224 -39.02 18.19 -1.98
CA ASN C 224 -37.98 19.03 -2.54
C ASN C 224 -36.71 18.96 -1.68
N VAL C 225 -36.85 19.18 -0.36
CA VAL C 225 -35.76 19.10 0.60
C VAL C 225 -35.05 17.76 0.44
N THR C 226 -35.82 16.66 0.24
CA THR C 226 -35.27 15.33 -0.01
C THR C 226 -34.51 15.29 -1.35
N LEU C 227 -35.14 15.76 -2.45
CA LEU C 227 -34.52 15.79 -3.78
C LEU C 227 -33.18 16.54 -3.82
N VAL C 228 -33.15 17.78 -3.29
CA VAL C 228 -31.96 18.64 -3.34
C VAL C 228 -30.87 18.17 -2.39
N VAL C 229 -31.22 17.90 -1.14
CA VAL C 229 -30.24 17.45 -0.17
C VAL C 229 -29.59 16.10 -0.54
N SER C 230 -30.42 15.10 -0.87
CA SER C 230 -29.95 13.78 -1.27
C SER C 230 -28.97 13.84 -2.43
N THR C 231 -29.34 14.55 -3.52
CA THR C 231 -28.42 14.69 -4.67
C THR C 231 -27.13 15.44 -4.29
N LEU C 232 -27.22 16.45 -3.36
CA LEU C 232 -26.04 17.20 -2.90
C LEU C 232 -25.05 16.24 -2.23
N ILE C 233 -25.58 15.26 -1.46
CA ILE C 233 -24.76 14.23 -0.80
C ILE C 233 -24.06 13.39 -1.90
N ALA C 234 -24.83 12.96 -2.94
CA ALA C 234 -24.25 12.21 -4.05
C ALA C 234 -23.17 13.04 -4.74
N HIS C 235 -23.33 14.37 -4.79
CA HIS C 235 -22.32 15.24 -5.42
C HIS C 235 -21.06 15.26 -4.58
N ILE C 236 -21.20 15.38 -3.24
CA ILE C 236 -20.07 15.37 -2.29
C ILE C 236 -19.25 14.11 -2.51
N ALA C 237 -19.96 12.94 -2.69
CA ALA C 237 -19.35 11.63 -2.97
C ALA C 237 -18.48 11.72 -4.23
N PHE C 238 -19.04 12.24 -5.35
CA PHE C 238 -18.28 12.40 -6.59
C PHE C 238 -17.07 13.30 -6.40
N ASN C 239 -17.26 14.45 -5.69
CA ASN C 239 -16.20 15.39 -5.38
C ASN C 239 -15.08 14.64 -4.66
N ILE C 240 -15.39 13.94 -3.55
CA ILE C 240 -14.42 13.16 -2.78
C ILE C 240 -13.68 12.14 -3.67
N LEU C 241 -14.42 11.35 -4.48
CA LEU C 241 -13.88 10.36 -5.40
C LEU C 241 -12.89 10.99 -6.38
N VAL C 242 -13.25 12.15 -6.93
CA VAL C 242 -12.40 12.86 -7.88
C VAL C 242 -11.13 13.38 -7.18
N GLU C 243 -11.30 14.10 -6.04
CA GLU C 243 -10.19 14.68 -5.29
C GLU C 243 -9.20 13.66 -4.73
N THR C 244 -9.65 12.43 -4.40
CA THR C 244 -8.75 11.37 -3.92
C THR C 244 -7.76 10.87 -5.00
N ASN C 245 -8.15 10.96 -6.28
CA ASN C 245 -7.34 10.53 -7.44
C ASN C 245 -6.48 11.67 -8.02
N LEU C 246 -6.43 12.84 -7.35
CA LEU C 246 -5.67 13.98 -7.82
C LEU C 246 -4.81 14.56 -6.72
N PRO C 247 -3.66 15.16 -7.06
CA PRO C 247 -2.85 15.81 -6.05
C PRO C 247 -3.36 17.20 -5.70
N LYS C 248 -2.89 17.74 -4.57
CA LYS C 248 -3.35 19.07 -4.15
C LYS C 248 -2.61 20.12 -4.94
N THR C 249 -3.35 20.81 -5.83
CA THR C 249 -2.78 21.84 -6.70
C THR C 249 -2.90 23.27 -6.16
N PRO C 250 -1.89 24.12 -6.37
CA PRO C 250 -2.04 25.52 -5.94
C PRO C 250 -2.86 26.39 -6.91
N TYR C 251 -3.36 25.77 -7.97
CA TYR C 251 -4.15 26.39 -9.03
C TYR C 251 -5.50 25.73 -9.16
N MET C 252 -6.47 26.40 -9.83
CA MET C 252 -7.79 25.79 -10.01
C MET C 252 -7.77 24.91 -11.27
N THR C 253 -8.31 23.70 -11.16
CA THR C 253 -8.37 22.77 -12.29
C THR C 253 -9.74 22.93 -12.93
N TYR C 254 -9.86 22.53 -14.21
CA TYR C 254 -11.12 22.61 -14.94
C TYR C 254 -12.19 21.84 -14.22
N THR C 255 -11.87 20.58 -13.84
CA THR C 255 -12.72 19.67 -13.07
C THR C 255 -13.09 20.30 -11.77
N GLY C 256 -12.09 20.78 -11.04
CA GLY C 256 -12.23 21.40 -9.74
C GLY C 256 -13.24 22.53 -9.73
N ALA C 257 -13.10 23.42 -10.74
CA ALA C 257 -13.97 24.56 -11.00
C ALA C 257 -15.44 24.10 -11.14
N ILE C 258 -15.72 23.21 -12.11
CA ILE C 258 -17.04 22.64 -12.37
C ILE C 258 -17.64 22.08 -11.09
N ILE C 259 -16.92 21.14 -10.43
CA ILE C 259 -17.33 20.49 -9.19
C ILE C 259 -17.77 21.53 -8.16
N PHE C 260 -16.97 22.60 -7.98
CA PHE C 260 -17.23 23.68 -7.04
C PHE C 260 -18.46 24.50 -7.41
N MET C 261 -18.51 24.93 -8.69
CA MET C 261 -19.61 25.71 -9.27
C MET C 261 -20.97 25.01 -8.98
N ILE C 262 -21.03 23.70 -9.23
CA ILE C 262 -22.19 22.87 -8.95
C ILE C 262 -22.67 23.00 -7.49
N TYR C 263 -21.77 23.16 -6.50
CA TYR C 263 -22.17 23.36 -5.10
C TYR C 263 -23.05 24.59 -4.99
N LEU C 264 -22.63 25.71 -5.63
CA LEU C 264 -23.41 26.96 -5.64
C LEU C 264 -24.83 26.70 -6.16
N PHE C 265 -24.97 25.88 -7.22
CA PHE C 265 -26.27 25.50 -7.78
C PHE C 265 -27.16 24.81 -6.76
N TYR C 266 -26.62 23.86 -5.98
CA TYR C 266 -27.35 23.14 -4.94
C TYR C 266 -27.76 24.10 -3.82
N PHE C 267 -26.85 25.04 -3.47
CA PHE C 267 -27.11 26.03 -2.46
C PHE C 267 -28.25 26.96 -2.86
N VAL C 268 -28.17 27.54 -4.08
CA VAL C 268 -29.21 28.41 -4.61
C VAL C 268 -30.54 27.66 -4.72
N ALA C 269 -30.55 26.41 -5.24
CA ALA C 269 -31.76 25.60 -5.32
C ALA C 269 -32.39 25.39 -3.93
N VAL C 270 -31.57 25.19 -2.88
CA VAL C 270 -32.07 25.08 -1.50
C VAL C 270 -32.78 26.41 -1.12
N ILE C 271 -32.13 27.56 -1.38
CA ILE C 271 -32.68 28.89 -1.12
C ILE C 271 -34.05 28.97 -1.82
N GLU C 272 -34.12 28.71 -3.15
CA GLU C 272 -35.38 28.72 -3.92
C GLU C 272 -36.45 27.87 -3.25
N VAL C 273 -36.14 26.59 -2.98
CA VAL C 273 -37.06 25.65 -2.32
C VAL C 273 -37.58 26.20 -0.95
N THR C 274 -36.69 26.87 -0.18
CA THR C 274 -37.00 27.49 1.12
C THR C 274 -37.94 28.68 0.89
N VAL C 275 -37.58 29.57 -0.08
CA VAL C 275 -38.34 30.77 -0.47
C VAL C 275 -39.76 30.39 -0.90
N GLN C 276 -39.90 29.46 -1.89
CA GLN C 276 -41.16 28.93 -2.40
C GLN C 276 -42.06 28.45 -1.25
N HIS C 277 -41.53 27.60 -0.34
CA HIS C 277 -42.29 27.12 0.82
C HIS C 277 -42.66 28.27 1.73
N TYR C 278 -41.71 29.16 2.08
CA TYR C 278 -41.96 30.29 2.98
C TYR C 278 -43.15 31.14 2.53
N LEU C 279 -43.21 31.49 1.21
CA LEU C 279 -44.30 32.28 0.59
C LEU C 279 -45.65 31.54 0.61
N LYS C 280 -45.61 30.19 0.40
CA LYS C 280 -46.80 29.33 0.45
C LYS C 280 -47.42 29.35 1.86
N VAL C 281 -46.61 29.19 2.92
CA VAL C 281 -47.04 29.22 4.33
C VAL C 281 -47.61 30.63 4.70
N GLU C 282 -47.00 31.69 4.13
CA GLU C 282 -47.29 33.12 4.27
C GLU C 282 -48.47 33.55 3.35
N SER C 283 -49.21 32.55 2.86
CA SER C 283 -50.39 32.66 2.00
C SER C 283 -50.26 33.53 0.76
N GLN C 284 -49.11 33.45 0.06
CA GLN C 284 -48.93 34.13 -1.24
C GLN C 284 -48.34 33.23 -2.35
N PRO C 285 -49.08 32.14 -2.72
CA PRO C 285 -48.57 31.22 -3.74
C PRO C 285 -48.37 31.78 -5.14
N ALA C 286 -48.83 33.00 -5.41
CA ALA C 286 -48.66 33.61 -6.71
C ALA C 286 -47.22 34.04 -6.95
N ARG C 287 -46.58 34.65 -5.92
CA ARG C 287 -45.19 35.12 -5.96
C ARG C 287 -44.29 33.88 -6.08
N ALA C 288 -44.54 32.87 -5.21
CA ALA C 288 -43.83 31.60 -5.15
C ALA C 288 -43.86 30.94 -6.51
N ALA C 289 -45.06 30.82 -7.11
CA ALA C 289 -45.29 30.23 -8.44
C ALA C 289 -44.46 30.87 -9.55
N SER C 290 -44.31 32.21 -9.53
CA SER C 290 -43.55 32.92 -10.56
C SER C 290 -42.06 32.79 -10.34
N ILE C 291 -41.63 32.62 -9.06
CA ILE C 291 -40.22 32.40 -8.71
C ILE C 291 -39.82 31.02 -9.25
N THR C 292 -40.63 29.97 -8.95
CA THR C 292 -40.44 28.59 -9.37
C THR C 292 -40.40 28.49 -10.89
N ARG C 293 -41.33 29.18 -11.56
CA ARG C 293 -41.42 29.20 -13.03
C ARG C 293 -40.17 29.80 -13.68
N ALA C 294 -39.62 30.85 -13.04
CA ALA C 294 -38.42 31.56 -13.50
C ALA C 294 -37.20 30.66 -13.36
N SER C 295 -37.07 30.00 -12.18
CA SER C 295 -36.03 29.07 -11.81
C SER C 295 -35.88 27.94 -12.83
N ARG C 296 -37.03 27.35 -13.26
CA ARG C 296 -37.13 26.30 -14.27
C ARG C 296 -36.31 26.62 -15.54
N ILE C 297 -36.21 27.92 -15.90
CA ILE C 297 -35.45 28.40 -17.06
C ILE C 297 -34.08 28.91 -16.63
N ALA C 298 -34.04 29.76 -15.58
CA ALA C 298 -32.83 30.37 -15.04
C ALA C 298 -31.74 29.32 -14.79
N PHE C 299 -32.02 28.32 -13.91
CA PHE C 299 -31.11 27.24 -13.56
C PHE C 299 -30.42 26.60 -14.76
N PRO C 300 -31.13 25.95 -15.72
CA PRO C 300 -30.43 25.38 -16.89
C PRO C 300 -29.64 26.41 -17.69
N VAL C 301 -30.21 27.61 -17.91
CA VAL C 301 -29.58 28.69 -18.70
C VAL C 301 -28.25 29.16 -18.08
N VAL C 302 -28.29 29.52 -16.77
CA VAL C 302 -27.13 29.97 -16.03
C VAL C 302 -26.10 28.84 -15.99
N PHE C 303 -26.53 27.58 -15.79
CA PHE C 303 -25.62 26.44 -15.78
C PHE C 303 -24.87 26.32 -17.11
N LEU C 304 -25.63 26.34 -18.23
CA LEU C 304 -25.11 26.26 -19.58
C LEU C 304 -24.19 27.45 -19.91
N LEU C 305 -24.54 28.66 -19.45
CA LEU C 305 -23.71 29.86 -19.69
C LEU C 305 -22.38 29.76 -18.93
N ALA C 306 -22.47 29.45 -17.62
CA ALA C 306 -21.35 29.30 -16.70
C ALA C 306 -20.32 28.30 -17.25
N ASN C 307 -20.79 27.15 -17.76
CA ASN C 307 -19.94 26.12 -18.34
C ASN C 307 -19.23 26.64 -19.57
N ILE C 308 -19.94 27.40 -20.42
CA ILE C 308 -19.35 28.01 -21.63
C ILE C 308 -18.21 28.94 -21.19
N ILE C 309 -18.48 29.83 -20.20
CA ILE C 309 -17.49 30.75 -19.63
C ILE C 309 -16.24 29.99 -19.15
N LEU C 310 -16.46 28.92 -18.36
CA LEU C 310 -15.38 28.07 -17.84
C LEU C 310 -14.54 27.41 -18.94
N ALA C 311 -15.19 26.63 -19.85
CA ALA C 311 -14.52 25.98 -20.97
C ALA C 311 -13.68 26.99 -21.73
N PHE C 312 -14.18 28.23 -21.87
CA PHE C 312 -13.46 29.28 -22.56
C PHE C 312 -12.19 29.63 -21.82
N LEU C 313 -12.32 29.94 -20.52
CA LEU C 313 -11.20 30.28 -19.63
C LEU C 313 -10.14 29.20 -19.59
N PHE C 314 -10.56 27.92 -19.62
CA PHE C 314 -9.67 26.78 -19.54
C PHE C 314 -9.12 26.23 -20.85
N PHE C 315 -9.78 26.43 -22.02
CA PHE C 315 -9.30 25.84 -23.27
C PHE C 315 -8.99 26.79 -24.45
N VAL D 5 35.75 -16.09 -21.53
CA VAL D 5 34.33 -16.28 -21.79
C VAL D 5 33.82 -15.26 -22.80
N SER D 6 33.42 -15.78 -23.96
CA SER D 6 32.89 -15.08 -25.12
C SER D 6 32.11 -16.13 -25.94
N PRO D 7 31.14 -15.73 -26.81
CA PRO D 7 30.32 -16.73 -27.54
C PRO D 7 31.05 -17.88 -28.23
N PRO D 8 30.44 -19.10 -28.25
CA PRO D 8 31.05 -20.22 -28.98
C PRO D 8 31.11 -19.91 -30.47
N PRO D 9 32.27 -20.10 -31.15
CA PRO D 9 32.35 -19.72 -32.58
C PRO D 9 31.63 -20.66 -33.56
N PRO D 10 31.18 -20.14 -34.74
CA PRO D 10 30.42 -21.01 -35.66
C PRO D 10 31.27 -22.04 -36.38
N ILE D 11 30.71 -23.26 -36.54
CA ILE D 11 31.41 -24.31 -37.32
C ILE D 11 31.51 -23.80 -38.77
N ALA D 12 30.36 -23.50 -39.37
CA ALA D 12 30.27 -22.89 -40.69
C ALA D 12 30.13 -21.37 -40.41
N ASP D 13 28.93 -20.83 -40.64
CA ASP D 13 28.53 -19.46 -40.35
C ASP D 13 27.04 -19.45 -39.98
N GLU D 14 26.64 -20.46 -39.18
CA GLU D 14 25.27 -20.61 -38.71
C GLU D 14 25.03 -19.75 -37.45
N PRO D 15 23.77 -19.39 -37.14
CA PRO D 15 23.53 -18.62 -35.92
C PRO D 15 23.49 -19.54 -34.71
N LEU D 16 23.70 -19.00 -33.50
CA LEU D 16 23.65 -19.83 -32.30
C LEU D 16 22.22 -20.01 -31.79
N THR D 17 21.75 -21.26 -31.75
CA THR D 17 20.41 -21.55 -31.29
C THR D 17 20.39 -21.84 -29.82
N VAL D 18 19.61 -21.05 -29.10
CA VAL D 18 19.41 -21.28 -27.67
C VAL D 18 18.01 -21.87 -27.53
N ASN D 19 17.97 -23.12 -27.11
CA ASN D 19 16.71 -23.78 -26.90
C ASN D 19 16.18 -23.33 -25.54
N THR D 20 14.89 -22.90 -25.51
CA THR D 20 14.26 -22.41 -24.28
C THR D 20 13.07 -23.27 -23.83
N GLY D 21 12.67 -23.06 -22.59
CA GLY D 21 11.53 -23.71 -21.97
C GLY D 21 11.20 -23.05 -20.63
N ILE D 22 9.91 -22.70 -20.44
CA ILE D 22 9.41 -22.11 -19.19
C ILE D 22 8.46 -23.11 -18.58
N TYR D 23 8.71 -23.47 -17.31
CA TYR D 23 7.82 -24.38 -16.57
C TYR D 23 7.28 -23.66 -15.34
N LEU D 24 6.01 -23.18 -15.42
CA LEU D 24 5.34 -22.46 -14.35
C LEU D 24 5.22 -23.27 -13.07
N ILE D 25 5.57 -22.63 -11.94
CA ILE D 25 5.48 -23.23 -10.60
C ILE D 25 4.40 -22.50 -9.82
N GLU D 26 4.39 -21.15 -9.88
CA GLU D 26 3.42 -20.32 -9.19
C GLU D 26 2.85 -19.20 -10.07
N CYS D 27 1.55 -18.94 -9.93
CA CYS D 27 0.87 -17.84 -10.61
C CYS D 27 0.01 -17.13 -9.66
N TYR D 28 0.29 -15.85 -9.48
CA TYR D 28 -0.42 -15.10 -8.49
C TYR D 28 -0.51 -13.64 -8.86
N SER D 29 -1.23 -12.88 -8.06
CA SER D 29 -1.39 -11.45 -8.18
C SER D 29 -1.72 -10.95 -9.59
N LEU D 30 -2.86 -11.43 -10.18
CA LEU D 30 -3.26 -10.85 -11.45
C LEU D 30 -4.02 -9.59 -11.07
N ASP D 31 -3.33 -8.44 -11.13
CA ASP D 31 -3.88 -7.12 -10.80
C ASP D 31 -4.57 -6.55 -12.04
N ASP D 32 -5.89 -6.36 -11.98
CA ASP D 32 -6.64 -5.85 -13.13
C ASP D 32 -6.33 -4.39 -13.44
N LYS D 33 -6.34 -3.57 -12.39
CA LYS D 33 -6.06 -2.15 -12.46
C LYS D 33 -4.67 -1.90 -13.04
N ALA D 34 -3.65 -2.66 -12.57
CA ALA D 34 -2.26 -2.53 -13.03
C ALA D 34 -1.95 -3.25 -14.33
N GLU D 35 -2.77 -4.26 -14.69
CA GLU D 35 -2.58 -5.14 -15.85
C GLU D 35 -1.22 -5.87 -15.74
N THR D 36 -0.96 -6.42 -14.54
CA THR D 36 0.25 -7.17 -14.20
C THR D 36 -0.11 -8.49 -13.50
N PHE D 37 0.85 -9.42 -13.50
CA PHE D 37 0.76 -10.71 -12.79
C PHE D 37 2.15 -11.14 -12.36
N LYS D 38 2.22 -11.92 -11.32
CA LYS D 38 3.50 -12.40 -10.83
C LYS D 38 3.64 -13.86 -11.23
N VAL D 39 4.85 -14.25 -11.57
CA VAL D 39 5.13 -15.58 -12.03
C VAL D 39 6.39 -16.13 -11.36
N ASN D 40 6.37 -17.42 -11.02
CA ASN D 40 7.50 -18.14 -10.44
C ASN D 40 7.60 -19.41 -11.26
N ALA D 41 8.73 -19.58 -11.96
CA ALA D 41 8.88 -20.69 -12.90
C ALA D 41 10.30 -21.08 -13.09
N PHE D 42 10.49 -22.22 -13.78
CA PHE D 42 11.81 -22.70 -14.17
C PHE D 42 12.05 -22.16 -15.55
N LEU D 43 13.27 -21.67 -15.80
CA LEU D 43 13.71 -21.25 -17.13
C LEU D 43 14.81 -22.20 -17.51
N SER D 44 14.61 -22.95 -18.60
CA SER D 44 15.57 -23.91 -19.12
C SER D 44 16.20 -23.40 -20.43
N LEU D 45 17.54 -23.38 -20.46
CA LEU D 45 18.34 -22.93 -21.62
C LEU D 45 19.28 -24.05 -22.05
N SER D 46 19.39 -24.29 -23.36
CA SER D 46 20.21 -25.34 -23.94
C SER D 46 20.82 -24.88 -25.27
N TRP D 47 22.15 -24.94 -25.35
CA TRP D 47 22.90 -24.53 -26.54
C TRP D 47 24.16 -25.39 -26.62
N LYS D 48 24.82 -25.43 -27.82
CA LYS D 48 26.06 -26.19 -28.00
C LYS D 48 27.26 -25.27 -27.99
N ASP D 49 28.20 -25.57 -27.08
CA ASP D 49 29.50 -24.92 -26.93
C ASP D 49 30.56 -26.02 -27.03
N ARG D 50 31.10 -26.15 -28.25
CA ARG D 50 32.11 -27.14 -28.59
C ARG D 50 33.38 -27.08 -27.72
N ARG D 51 33.82 -25.85 -27.34
CA ARG D 51 34.98 -25.59 -26.48
C ARG D 51 34.93 -26.37 -25.14
N LEU D 52 33.72 -26.84 -24.74
CA LEU D 52 33.43 -27.58 -23.50
C LEU D 52 33.25 -29.09 -23.72
N ALA D 53 33.33 -29.57 -24.99
CA ALA D 53 33.18 -30.98 -25.32
C ALA D 53 34.33 -31.80 -24.72
N PHE D 54 34.09 -33.09 -24.42
CA PHE D 54 35.10 -33.97 -23.80
C PHE D 54 34.95 -35.44 -24.18
N ASP D 55 36.04 -36.24 -23.96
CA ASP D 55 36.00 -37.68 -24.18
C ASP D 55 35.46 -38.31 -22.89
N PRO D 56 34.33 -39.04 -23.00
CA PRO D 56 33.73 -39.66 -21.79
C PRO D 56 34.65 -40.64 -21.06
N VAL D 57 35.50 -41.38 -21.83
CA VAL D 57 36.43 -42.44 -21.39
C VAL D 57 37.59 -41.97 -20.48
N ARG D 58 38.41 -41.00 -20.96
CA ARG D 58 39.57 -40.44 -20.22
C ARG D 58 39.15 -39.50 -19.07
N SER D 59 37.84 -39.29 -18.92
CA SER D 59 37.18 -38.46 -17.91
C SER D 59 36.50 -39.35 -16.85
N GLY D 60 35.94 -40.49 -17.30
CA GLY D 60 35.23 -41.45 -16.46
C GLY D 60 33.92 -40.89 -15.90
N VAL D 61 33.35 -39.87 -16.60
CA VAL D 61 32.11 -39.17 -16.26
C VAL D 61 31.29 -38.97 -17.54
N ARG D 62 29.97 -39.22 -17.46
CA ARG D 62 29.02 -39.05 -18.56
C ARG D 62 28.66 -37.56 -18.76
N VAL D 63 28.68 -36.74 -17.67
CA VAL D 63 28.29 -35.33 -17.64
C VAL D 63 29.25 -34.46 -16.82
N LYS D 64 29.50 -33.22 -17.23
CA LYS D 64 30.29 -32.27 -16.45
C LYS D 64 29.44 -31.12 -15.92
N THR D 65 29.73 -30.66 -14.69
CA THR D 65 29.01 -29.57 -14.03
C THR D 65 29.83 -28.29 -13.99
N TYR D 66 29.17 -27.13 -14.16
CA TYR D 66 29.85 -25.83 -14.13
C TYR D 66 29.14 -24.79 -13.32
N GLU D 67 29.92 -23.81 -12.84
CA GLU D 67 29.43 -22.66 -12.12
C GLU D 67 29.20 -21.58 -13.17
N PRO D 68 28.09 -20.81 -13.08
CA PRO D 68 27.81 -19.79 -14.11
C PRO D 68 29.01 -19.02 -14.71
N GLU D 69 29.84 -18.46 -13.83
CA GLU D 69 31.05 -17.69 -14.14
C GLU D 69 32.11 -18.48 -14.91
N ALA D 70 32.14 -19.80 -14.74
CA ALA D 70 33.11 -20.68 -15.40
C ALA D 70 32.95 -20.73 -16.91
N ILE D 71 31.70 -20.69 -17.41
CA ILE D 71 31.37 -20.80 -18.85
C ILE D 71 30.54 -19.65 -19.43
N TRP D 72 30.52 -19.59 -20.77
CA TRP D 72 29.69 -18.63 -21.51
C TRP D 72 28.22 -19.10 -21.44
N ILE D 73 27.35 -18.19 -20.95
CA ILE D 73 25.91 -18.36 -20.79
C ILE D 73 25.19 -17.21 -21.50
N PRO D 74 24.22 -17.50 -22.38
CA PRO D 74 23.54 -16.42 -23.09
C PRO D 74 22.76 -15.49 -22.19
N GLU D 75 22.79 -14.21 -22.53
CA GLU D 75 22.06 -13.18 -21.80
C GLU D 75 20.61 -13.16 -22.27
N ILE D 76 19.79 -14.00 -21.64
CA ILE D 76 18.34 -14.07 -21.90
C ILE D 76 17.68 -13.08 -20.95
N ARG D 77 16.78 -12.25 -21.48
CA ARG D 77 16.03 -11.26 -20.70
C ARG D 77 14.54 -11.35 -21.05
N PHE D 78 13.67 -10.86 -20.15
CA PHE D 78 12.24 -10.83 -20.45
C PHE D 78 11.95 -9.43 -20.93
N VAL D 79 11.04 -9.30 -21.90
CA VAL D 79 10.71 -7.98 -22.42
C VAL D 79 9.72 -7.26 -21.52
N ASN D 80 8.53 -7.84 -21.35
CA ASN D 80 7.44 -7.26 -20.58
C ASN D 80 7.49 -7.43 -19.09
N VAL D 81 8.63 -7.11 -18.49
CA VAL D 81 8.77 -7.16 -17.03
C VAL D 81 8.93 -5.75 -16.49
N GLU D 82 8.59 -5.58 -15.19
CA GLU D 82 8.73 -4.33 -14.43
C GLU D 82 10.25 -4.14 -14.16
N ASN D 83 10.86 -5.13 -13.51
CA ASN D 83 12.30 -5.13 -13.25
C ASN D 83 12.85 -6.46 -13.70
N ALA D 84 14.17 -6.53 -13.87
CA ALA D 84 14.84 -7.75 -14.25
C ALA D 84 14.51 -8.85 -13.27
N ARG D 85 14.18 -10.04 -13.80
CA ARG D 85 13.82 -11.22 -13.02
C ARG D 85 14.81 -11.58 -11.92
N ASP D 86 14.29 -12.14 -10.83
CA ASP D 86 15.02 -12.61 -9.69
C ASP D 86 15.30 -14.05 -10.02
N ALA D 87 16.55 -14.40 -10.32
CA ALA D 87 16.86 -15.77 -10.68
C ALA D 87 17.90 -16.42 -9.80
N ASP D 88 17.75 -17.75 -9.63
CA ASP D 88 18.66 -18.61 -8.89
C ASP D 88 19.02 -19.73 -9.83
N VAL D 89 20.34 -19.91 -10.11
CA VAL D 89 20.78 -21.00 -10.98
C VAL D 89 20.62 -22.32 -10.20
N VAL D 90 19.85 -23.23 -10.76
CA VAL D 90 19.58 -24.51 -10.15
C VAL D 90 20.67 -25.49 -10.55
N ASP D 91 20.98 -25.57 -11.86
CA ASP D 91 21.93 -26.54 -12.38
C ASP D 91 22.37 -26.29 -13.83
N ILE D 92 23.69 -26.52 -14.09
CA ILE D 92 24.36 -26.40 -15.40
C ILE D 92 25.08 -27.71 -15.69
N SER D 93 24.55 -28.48 -16.66
CA SER D 93 25.06 -29.77 -17.09
C SER D 93 25.62 -29.74 -18.52
N VAL D 94 26.79 -30.36 -18.71
CA VAL D 94 27.47 -30.44 -20.00
C VAL D 94 27.60 -31.91 -20.40
N SER D 95 27.06 -32.27 -21.57
CA SER D 95 27.14 -33.62 -22.11
C SER D 95 28.46 -33.74 -22.93
N PRO D 96 28.94 -34.97 -23.32
CA PRO D 96 30.24 -35.06 -23.99
C PRO D 96 30.45 -34.23 -25.24
N ASP D 97 29.36 -33.97 -26.02
CA ASP D 97 29.43 -33.19 -27.27
C ASP D 97 29.42 -31.66 -27.07
N GLY D 98 29.55 -31.24 -25.81
CA GLY D 98 29.52 -29.83 -25.47
C GLY D 98 28.12 -29.24 -25.49
N THR D 99 27.09 -30.07 -25.28
CA THR D 99 25.72 -29.56 -25.22
C THR D 99 25.50 -29.08 -23.78
N VAL D 100 25.18 -27.81 -23.62
CA VAL D 100 24.97 -27.27 -22.29
C VAL D 100 23.50 -27.29 -21.97
N GLN D 101 23.16 -27.71 -20.74
CA GLN D 101 21.80 -27.75 -20.22
C GLN D 101 21.77 -26.98 -18.90
N TYR D 102 21.27 -25.74 -19.00
CA TYR D 102 21.13 -24.75 -17.95
C TYR D 102 19.69 -24.74 -17.44
N LEU D 103 19.56 -24.58 -16.11
CA LEU D 103 18.28 -24.45 -15.41
C LEU D 103 18.37 -23.46 -14.25
N GLU D 104 17.40 -22.55 -14.22
CA GLU D 104 17.27 -21.52 -13.21
C GLU D 104 15.83 -21.43 -12.80
N ARG D 105 15.59 -21.02 -11.56
CA ARG D 105 14.25 -20.78 -11.09
C ARG D 105 14.14 -19.26 -10.89
N PHE D 106 13.12 -18.66 -11.48
CA PHE D 106 12.96 -17.23 -11.44
C PHE D 106 11.59 -16.80 -11.01
N SER D 107 11.51 -15.52 -10.59
CA SER D 107 10.28 -14.84 -10.22
C SER D 107 10.30 -13.48 -10.92
N ALA D 108 9.14 -13.04 -11.48
CA ALA D 108 9.06 -11.76 -12.18
C ALA D 108 7.66 -11.18 -12.21
N ARG D 109 7.55 -9.83 -12.30
CA ARG D 109 6.23 -9.16 -12.41
C ARG D 109 6.00 -8.78 -13.87
N VAL D 110 5.11 -9.50 -14.51
CA VAL D 110 4.85 -9.38 -15.92
C VAL D 110 3.78 -8.34 -16.24
N LEU D 111 4.07 -7.49 -17.23
CA LEU D 111 3.19 -6.44 -17.73
C LEU D 111 2.46 -7.03 -18.91
N SER D 112 1.17 -7.30 -18.80
CA SER D 112 0.44 -7.86 -19.93
C SER D 112 -0.93 -7.24 -19.98
N PRO D 113 -1.23 -6.46 -21.07
CA PRO D 113 -2.53 -5.77 -21.13
C PRO D 113 -3.67 -6.74 -21.23
N LEU D 114 -4.82 -6.30 -20.68
CA LEU D 114 -6.07 -7.03 -20.64
C LEU D 114 -7.19 -6.31 -21.42
N ASP D 115 -8.09 -7.13 -22.01
CA ASP D 115 -9.24 -6.64 -22.77
C ASP D 115 -10.44 -6.73 -21.85
N PHE D 116 -10.83 -5.58 -21.28
CA PHE D 116 -11.92 -5.52 -20.32
C PHE D 116 -13.32 -5.49 -20.92
N ARG D 117 -13.41 -5.54 -22.27
CA ARG D 117 -14.66 -5.48 -23.02
C ARG D 117 -15.77 -6.41 -22.50
N ARG D 118 -15.43 -7.68 -22.19
CA ARG D 118 -16.44 -8.63 -21.68
C ARG D 118 -16.48 -8.86 -20.16
N TYR D 119 -15.79 -8.02 -19.36
CA TYR D 119 -15.74 -8.13 -17.91
C TYR D 119 -17.15 -8.11 -17.30
N PRO D 120 -17.43 -8.98 -16.29
CA PRO D 120 -16.55 -9.98 -15.68
C PRO D 120 -16.62 -11.37 -16.34
N PHE D 121 -17.11 -11.45 -17.59
CA PHE D 121 -17.23 -12.71 -18.35
C PHE D 121 -16.12 -12.86 -19.41
N ASP D 122 -14.98 -12.22 -19.17
CA ASP D 122 -13.85 -12.17 -20.09
C ASP D 122 -12.83 -13.30 -19.92
N SER D 123 -12.04 -13.51 -20.98
CA SER D 123 -10.90 -14.40 -21.02
C SER D 123 -9.73 -13.55 -21.47
N GLN D 124 -8.51 -13.97 -21.14
CA GLN D 124 -7.31 -13.22 -21.49
C GLN D 124 -6.19 -14.15 -21.96
N THR D 125 -5.22 -13.58 -22.70
CA THR D 125 -4.00 -14.28 -23.12
C THR D 125 -2.82 -13.51 -22.54
N LEU D 126 -2.28 -14.01 -21.43
CA LEU D 126 -1.13 -13.36 -20.86
C LEU D 126 0.14 -13.73 -21.65
N HIS D 127 1.08 -12.77 -21.77
CA HIS D 127 2.32 -13.02 -22.50
C HIS D 127 3.54 -12.91 -21.66
N ILE D 128 4.53 -13.72 -21.99
CA ILE D 128 5.85 -13.68 -21.37
C ILE D 128 6.78 -13.71 -22.58
N TYR D 129 7.43 -12.58 -22.89
CA TYR D 129 8.30 -12.45 -24.04
C TYR D 129 9.75 -12.63 -23.67
N LEU D 130 10.37 -13.69 -24.20
CA LEU D 130 11.77 -14.01 -23.98
C LEU D 130 12.61 -13.34 -25.05
N ILE D 131 13.75 -12.75 -24.69
CA ILE D 131 14.58 -12.09 -25.68
C ILE D 131 16.08 -12.36 -25.50
N VAL D 132 16.86 -12.27 -26.58
CA VAL D 132 18.31 -12.37 -26.62
C VAL D 132 18.83 -11.46 -27.72
N ARG D 133 19.85 -10.69 -27.40
CA ARG D 133 20.46 -9.78 -28.36
C ARG D 133 21.69 -10.48 -28.99
N SER D 134 21.88 -10.34 -30.30
CA SER D 134 23.02 -10.94 -30.98
C SER D 134 24.24 -10.13 -30.70
N VAL D 135 25.38 -10.80 -30.59
CA VAL D 135 26.70 -10.21 -30.30
C VAL D 135 27.47 -9.88 -31.59
N ASP D 136 28.68 -9.28 -31.48
CA ASP D 136 29.46 -8.95 -32.68
C ASP D 136 29.99 -10.17 -33.46
N THR D 137 30.55 -11.13 -32.73
CA THR D 137 31.06 -12.36 -33.29
C THR D 137 29.97 -13.24 -33.93
N ARG D 138 28.73 -13.25 -33.37
CA ARG D 138 27.63 -14.05 -33.92
C ARG D 138 26.16 -13.74 -33.53
N ASN D 139 25.23 -14.25 -34.35
CA ASN D 139 23.79 -14.09 -34.26
C ASN D 139 23.23 -15.14 -33.30
N ILE D 140 22.57 -14.67 -32.22
CA ILE D 140 21.98 -15.56 -31.23
C ILE D 140 20.48 -15.63 -31.43
N VAL D 141 19.99 -16.86 -31.63
CA VAL D 141 18.61 -17.16 -31.96
C VAL D 141 17.93 -18.00 -30.90
N LEU D 142 16.64 -17.73 -30.67
CA LEU D 142 15.87 -18.48 -29.68
C LEU D 142 15.01 -19.57 -30.32
N ALA D 143 14.79 -20.66 -29.59
CA ALA D 143 13.98 -21.78 -30.05
C ALA D 143 13.21 -22.34 -28.87
N VAL D 144 12.04 -22.94 -29.12
CA VAL D 144 11.22 -23.56 -28.06
C VAL D 144 11.46 -25.06 -28.02
N ASP D 145 11.87 -25.60 -26.85
CA ASP D 145 12.00 -27.04 -26.67
C ASP D 145 10.69 -27.42 -26.03
N LEU D 146 9.68 -27.83 -26.81
CA LEU D 146 8.32 -28.16 -26.31
C LEU D 146 8.28 -29.13 -25.14
N GLU D 147 9.31 -29.97 -25.00
CA GLU D 147 9.48 -30.94 -23.93
C GLU D 147 9.69 -30.23 -22.57
N LYS D 148 10.11 -28.96 -22.61
CA LYS D 148 10.46 -28.14 -21.46
C LYS D 148 9.57 -26.93 -21.18
N VAL D 149 8.39 -26.90 -21.83
CA VAL D 149 7.35 -25.89 -21.65
C VAL D 149 6.23 -26.60 -20.90
N GLY D 150 5.82 -26.05 -19.78
CA GLY D 150 4.76 -26.62 -18.98
C GLY D 150 4.38 -25.77 -17.79
N LYS D 151 3.62 -26.39 -16.88
CA LYS D 151 3.14 -25.81 -15.64
C LYS D 151 2.79 -26.97 -14.70
N ASN D 152 2.93 -26.78 -13.37
CA ASN D 152 2.54 -27.86 -12.47
C ASN D 152 1.02 -27.85 -12.26
N ASP D 153 0.45 -29.00 -11.91
CA ASP D 153 -1.01 -29.17 -11.72
C ASP D 153 -1.63 -28.24 -10.68
N ASP D 154 -0.88 -27.97 -9.59
CA ASP D 154 -1.28 -27.07 -8.49
C ASP D 154 -1.28 -25.57 -8.88
N VAL D 155 -0.76 -25.19 -10.09
CA VAL D 155 -0.72 -23.78 -10.51
C VAL D 155 -2.15 -23.29 -10.59
N PHE D 156 -2.51 -22.43 -9.63
CA PHE D 156 -3.80 -21.80 -9.48
C PHE D 156 -3.57 -20.29 -9.49
N LEU D 157 -4.47 -19.55 -10.13
CA LEU D 157 -4.41 -18.11 -10.16
C LEU D 157 -5.77 -17.67 -9.66
N THR D 158 -5.81 -17.17 -8.41
CA THR D 158 -7.02 -16.77 -7.69
C THR D 158 -8.04 -16.05 -8.56
N GLY D 159 -9.26 -16.60 -8.62
CA GLY D 159 -10.37 -16.01 -9.37
C GLY D 159 -10.27 -16.07 -10.89
N TRP D 160 -9.42 -16.96 -11.40
CA TRP D 160 -9.19 -17.22 -12.82
C TRP D 160 -9.06 -18.70 -13.06
N ASP D 161 -9.36 -19.15 -14.28
CA ASP D 161 -9.18 -20.54 -14.68
C ASP D 161 -8.04 -20.61 -15.70
N ILE D 162 -7.07 -21.49 -15.50
CA ILE D 162 -5.94 -21.58 -16.43
C ILE D 162 -6.24 -22.58 -17.54
N GLU D 163 -6.45 -22.06 -18.74
CA GLU D 163 -6.73 -22.89 -19.92
C GLU D 163 -5.48 -23.59 -20.48
N SER D 164 -4.43 -22.82 -20.86
CA SER D 164 -3.23 -23.38 -21.46
C SER D 164 -2.01 -22.50 -21.32
N PHE D 165 -0.82 -23.13 -21.26
CA PHE D 165 0.47 -22.43 -21.27
C PHE D 165 1.25 -23.05 -22.42
N THR D 166 1.33 -22.28 -23.51
CA THR D 166 1.97 -22.68 -24.78
C THR D 166 2.96 -21.62 -25.27
N ALA D 167 3.83 -21.98 -26.20
CA ALA D 167 4.81 -21.04 -26.76
C ALA D 167 4.74 -21.02 -28.27
N VAL D 168 4.80 -19.81 -28.85
CA VAL D 168 4.81 -19.63 -30.30
C VAL D 168 6.25 -19.97 -30.77
N VAL D 169 6.40 -21.20 -31.32
CA VAL D 169 7.62 -21.86 -31.78
C VAL D 169 8.59 -21.03 -32.62
N LYS D 170 8.06 -20.17 -33.50
CA LYS D 170 8.82 -19.31 -34.41
C LYS D 170 9.14 -17.96 -33.74
N PRO D 171 10.43 -17.69 -33.45
CA PRO D 171 10.80 -16.40 -32.84
C PRO D 171 10.72 -15.22 -33.83
N ALA D 172 10.38 -14.03 -33.30
CA ALA D 172 10.30 -12.78 -34.04
C ALA D 172 11.71 -12.19 -34.08
N ASN D 173 12.44 -12.28 -35.24
CA ASN D 173 13.80 -11.72 -35.36
C ASN D 173 13.77 -10.36 -36.05
N PHE D 174 14.43 -9.35 -35.45
CA PHE D 174 14.44 -7.94 -35.86
C PHE D 174 15.65 -7.20 -35.36
N ALA D 175 15.99 -6.08 -35.98
CA ALA D 175 17.12 -5.26 -35.56
C ALA D 175 16.67 -4.17 -34.61
N LEU D 176 17.42 -4.02 -33.53
CA LEU D 176 17.13 -3.03 -32.50
C LEU D 176 18.45 -2.43 -32.07
N GLU D 177 18.67 -1.16 -32.41
CA GLU D 177 19.93 -0.44 -32.10
C GLU D 177 21.16 -1.13 -32.70
N ASP D 178 21.11 -1.35 -34.02
CA ASP D 178 22.17 -2.01 -34.80
C ASP D 178 22.58 -3.44 -34.43
N ARG D 179 21.71 -4.16 -33.71
CA ARG D 179 21.92 -5.56 -33.39
C ARG D 179 20.60 -6.27 -33.46
N LEU D 180 20.66 -7.48 -33.99
CA LEU D 180 19.55 -8.37 -34.18
C LEU D 180 19.06 -8.89 -32.82
N GLU D 181 17.77 -8.89 -32.63
CA GLU D 181 17.18 -9.36 -31.41
C GLU D 181 16.20 -10.49 -31.74
N SER D 182 16.31 -11.65 -31.05
CA SER D 182 15.48 -12.84 -31.22
C SER D 182 14.49 -12.93 -30.04
N LYS D 183 13.18 -12.81 -30.32
CA LYS D 183 12.12 -12.79 -29.30
C LYS D 183 11.10 -13.93 -29.45
N LEU D 184 10.77 -14.58 -28.32
CA LEU D 184 9.79 -15.66 -28.23
C LEU D 184 8.58 -15.20 -27.44
N ASP D 185 7.39 -15.74 -27.78
CA ASP D 185 6.13 -15.40 -27.12
C ASP D 185 5.54 -16.60 -26.38
N TYR D 186 5.61 -16.58 -25.03
CA TYR D 186 4.99 -17.60 -24.19
C TYR D 186 3.60 -17.08 -23.84
N GLN D 187 2.57 -17.92 -24.03
CA GLN D 187 1.16 -17.52 -23.82
C GLN D 187 0.39 -18.32 -22.80
N LEU D 188 -0.10 -17.59 -21.80
CA LEU D 188 -0.92 -18.14 -20.73
C LEU D 188 -2.38 -17.72 -20.96
N ARG D 189 -3.22 -18.69 -21.33
CA ARG D 189 -4.63 -18.46 -21.61
C ARG D 189 -5.42 -18.74 -20.36
N ILE D 190 -6.14 -17.72 -19.91
CA ILE D 190 -6.93 -17.77 -18.70
C ILE D 190 -8.34 -17.29 -19.00
N SER D 191 -9.28 -17.53 -18.06
CA SER D 191 -10.66 -17.08 -18.16
C SER D 191 -11.11 -16.75 -16.75
N ARG D 192 -11.77 -15.61 -16.61
CA ARG D 192 -12.22 -15.13 -15.32
C ARG D 192 -13.35 -15.94 -14.78
N GLN D 193 -13.27 -16.26 -13.48
CA GLN D 193 -14.30 -16.97 -12.72
C GLN D 193 -15.30 -15.91 -12.28
N TYR D 194 -16.34 -15.71 -13.12
CA TYR D 194 -17.38 -14.70 -12.94
C TYR D 194 -18.38 -14.95 -11.82
N PHE D 195 -18.43 -16.19 -11.29
CA PHE D 195 -19.38 -16.62 -10.25
C PHE D 195 -19.74 -15.56 -9.22
N SER D 196 -18.76 -15.10 -8.46
CA SER D 196 -18.94 -14.17 -7.35
C SER D 196 -19.55 -12.83 -7.69
N TYR D 197 -19.38 -12.38 -8.93
CA TYR D 197 -19.94 -11.09 -9.36
C TYR D 197 -21.46 -11.12 -9.35
N ILE D 198 -22.04 -12.31 -9.55
CA ILE D 198 -23.48 -12.54 -9.56
C ILE D 198 -24.11 -12.21 -8.19
N PRO D 199 -23.77 -12.88 -7.07
CA PRO D 199 -24.40 -12.52 -5.78
C PRO D 199 -23.86 -11.25 -5.11
N ASN D 200 -22.65 -10.79 -5.50
CA ASN D 200 -22.05 -9.62 -4.87
C ASN D 200 -22.37 -8.29 -5.54
N ILE D 201 -22.49 -8.28 -6.88
CA ILE D 201 -22.70 -7.05 -7.64
C ILE D 201 -23.91 -7.06 -8.56
N ILE D 202 -24.04 -8.07 -9.44
CA ILE D 202 -25.14 -8.17 -10.41
C ILE D 202 -26.51 -8.15 -9.76
N LEU D 203 -26.85 -9.21 -9.00
CA LEU D 203 -28.14 -9.32 -8.32
C LEU D 203 -28.46 -8.14 -7.40
N PRO D 204 -27.56 -7.73 -6.47
CA PRO D 204 -27.87 -6.55 -5.63
C PRO D 204 -28.22 -5.29 -6.44
N MET D 205 -27.49 -5.06 -7.54
CA MET D 205 -27.72 -3.94 -8.45
C MET D 205 -29.09 -4.00 -9.09
N LEU D 206 -29.53 -5.21 -9.48
CA LEU D 206 -30.84 -5.43 -10.08
C LEU D 206 -31.96 -5.22 -9.02
N PHE D 207 -31.77 -5.81 -7.83
CA PHE D 207 -32.69 -5.69 -6.71
C PHE D 207 -33.00 -4.24 -6.39
N ILE D 208 -31.97 -3.40 -6.23
CA ILE D 208 -32.15 -1.96 -5.94
C ILE D 208 -32.91 -1.24 -7.04
N LEU D 209 -32.66 -1.64 -8.30
CA LEU D 209 -33.35 -1.07 -9.47
C LEU D 209 -34.83 -1.45 -9.46
N PHE D 210 -35.13 -2.74 -9.18
CA PHE D 210 -36.49 -3.27 -9.13
C PHE D 210 -37.26 -2.59 -8.02
N ILE D 211 -36.62 -2.38 -6.85
CA ILE D 211 -37.17 -1.65 -5.71
C ILE D 211 -37.56 -0.20 -6.14
N SER D 212 -36.75 0.46 -7.00
CA SER D 212 -37.09 1.79 -7.51
C SER D 212 -38.44 1.77 -8.26
N TRP D 213 -38.69 0.66 -9.02
CA TRP D 213 -39.88 0.44 -9.83
C TRP D 213 -41.19 0.27 -9.04
N THR D 214 -41.10 0.07 -7.70
CA THR D 214 -42.29 -0.04 -6.88
C THR D 214 -43.01 1.30 -6.84
N ALA D 215 -42.34 2.41 -7.19
CA ALA D 215 -42.94 3.75 -7.24
C ALA D 215 -44.03 3.85 -8.35
N PHE D 216 -44.09 2.83 -9.25
CA PHE D 216 -45.11 2.74 -10.30
C PHE D 216 -46.45 2.18 -9.77
N TRP D 217 -46.45 1.76 -8.48
CA TRP D 217 -47.60 1.27 -7.77
C TRP D 217 -47.84 2.11 -6.51
N SER D 218 -47.42 3.39 -6.58
CA SER D 218 -47.60 4.36 -5.50
C SER D 218 -47.97 5.71 -6.05
N THR D 219 -48.88 6.39 -5.35
CA THR D 219 -49.40 7.73 -5.67
C THR D 219 -48.75 8.79 -4.78
N SER D 220 -47.95 8.33 -3.78
CA SER D 220 -47.25 9.17 -2.81
C SER D 220 -45.93 9.70 -3.41
N TYR D 221 -45.91 11.00 -3.83
CA TYR D 221 -44.71 11.61 -4.42
C TYR D 221 -43.53 11.53 -3.47
N GLU D 222 -43.73 11.95 -2.22
CA GLU D 222 -42.72 11.94 -1.16
C GLU D 222 -42.10 10.56 -0.91
N ALA D 223 -42.91 9.48 -0.99
CA ALA D 223 -42.41 8.13 -0.84
C ALA D 223 -41.64 7.69 -2.10
N ASN D 224 -42.14 8.09 -3.28
CA ASN D 224 -41.53 7.80 -4.58
C ASN D 224 -40.15 8.44 -4.69
N VAL D 225 -40.07 9.77 -4.38
CA VAL D 225 -38.84 10.54 -4.39
C VAL D 225 -37.81 9.82 -3.51
N THR D 226 -38.25 9.30 -2.34
CA THR D 226 -37.41 8.52 -1.43
C THR D 226 -36.95 7.21 -2.10
N LEU D 227 -37.89 6.43 -2.64
CA LEU D 227 -37.59 5.17 -3.33
C LEU D 227 -36.58 5.29 -4.45
N VAL D 228 -36.80 6.22 -5.39
CA VAL D 228 -35.95 6.39 -6.56
C VAL D 228 -34.58 7.02 -6.23
N VAL D 229 -34.58 8.09 -5.46
CA VAL D 229 -33.33 8.77 -5.09
C VAL D 229 -32.42 7.86 -4.25
N SER D 230 -32.96 7.27 -3.17
CA SER D 230 -32.21 6.36 -2.30
C SER D 230 -31.54 5.25 -3.06
N THR D 231 -32.31 4.51 -3.91
CA THR D 231 -31.73 3.43 -4.73
C THR D 231 -30.69 3.94 -5.72
N LEU D 232 -30.87 5.17 -6.29
CA LEU D 232 -29.91 5.77 -7.20
C LEU D 232 -28.56 5.97 -6.51
N ILE D 233 -28.60 6.38 -5.22
CA ILE D 233 -27.41 6.55 -4.41
C ILE D 233 -26.72 5.17 -4.22
N ALA D 234 -27.51 4.11 -3.90
CA ALA D 234 -26.96 2.76 -3.79
C ALA D 234 -26.36 2.32 -5.13
N HIS D 235 -26.91 2.79 -6.26
CA HIS D 235 -26.36 2.44 -7.56
C HIS D 235 -25.01 3.11 -7.77
N ILE D 236 -24.91 4.42 -7.39
CA ILE D 236 -23.65 5.19 -7.48
C ILE D 236 -22.57 4.44 -6.70
N ALA D 237 -22.92 3.92 -5.49
CA ALA D 237 -22.02 3.12 -4.65
C ALA D 237 -21.50 1.90 -5.43
N PHE D 238 -22.41 1.11 -6.05
CA PHE D 238 -22.00 -0.05 -6.84
C PHE D 238 -21.10 0.34 -7.99
N ASN D 239 -21.47 1.43 -8.73
CA ASN D 239 -20.67 1.97 -9.83
C ASN D 239 -19.25 2.27 -9.29
N ILE D 240 -19.12 3.07 -8.21
CA ILE D 240 -17.83 3.41 -7.62
C ILE D 240 -17.02 2.13 -7.27
N LEU D 241 -17.67 1.16 -6.60
CA LEU D 241 -17.06 -0.10 -6.19
C LEU D 241 -16.51 -0.85 -7.40
N VAL D 242 -17.29 -0.91 -8.47
CA VAL D 242 -16.90 -1.60 -9.68
C VAL D 242 -15.72 -0.88 -10.36
N GLU D 243 -15.85 0.47 -10.58
CA GLU D 243 -14.82 1.29 -11.23
C GLU D 243 -13.48 1.34 -10.48
N THR D 244 -13.47 1.22 -9.13
CA THR D 244 -12.23 1.19 -8.35
C THR D 244 -11.40 -0.09 -8.58
N ASN D 245 -12.04 -1.21 -8.93
CA ASN D 245 -11.41 -2.51 -9.19
C ASN D 245 -11.01 -2.71 -10.69
N LEU D 246 -11.17 -1.68 -11.53
CA LEU D 246 -10.88 -1.74 -12.95
C LEU D 246 -10.03 -0.57 -13.39
N PRO D 247 -9.20 -0.76 -14.45
CA PRO D 247 -8.43 0.37 -14.97
C PRO D 247 -9.28 1.23 -15.90
N LYS D 248 -8.83 2.47 -16.13
CA LYS D 248 -9.57 3.37 -17.01
C LYS D 248 -9.34 2.97 -18.46
N THR D 249 -10.39 2.43 -19.11
CA THR D 249 -10.32 1.96 -20.50
C THR D 249 -10.79 3.02 -21.51
N PRO D 250 -10.17 3.09 -22.70
CA PRO D 250 -10.64 4.03 -23.72
C PRO D 250 -11.85 3.52 -24.50
N TYR D 251 -12.33 2.30 -24.16
CA TYR D 251 -13.45 1.61 -24.77
C TYR D 251 -14.52 1.33 -23.73
N MET D 252 -15.76 1.06 -24.20
CA MET D 252 -16.86 0.74 -23.29
C MET D 252 -16.81 -0.75 -22.95
N THR D 253 -16.93 -1.06 -21.64
CA THR D 253 -16.94 -2.45 -21.17
C THR D 253 -18.39 -2.89 -21.03
N TYR D 254 -18.63 -4.20 -21.06
CA TYR D 254 -19.97 -4.75 -20.93
C TYR D 254 -20.64 -4.26 -19.64
N THR D 255 -19.93 -4.38 -18.51
CA THR D 255 -20.36 -3.95 -17.19
C THR D 255 -20.58 -2.45 -17.21
N GLY D 256 -19.62 -1.73 -17.75
CA GLY D 256 -19.65 -0.27 -17.84
C GLY D 256 -20.92 0.21 -18.49
N ALA D 257 -21.26 -0.41 -19.66
CA ALA D 257 -22.46 -0.16 -20.44
C ALA D 257 -23.73 -0.33 -19.58
N ILE D 258 -23.92 -1.54 -18.98
CA ILE D 258 -25.04 -1.87 -18.09
C ILE D 258 -25.19 -0.83 -17.00
N ILE D 259 -24.09 -0.62 -16.23
CA ILE D 259 -24.03 0.35 -15.12
C ILE D 259 -24.54 1.71 -15.58
N PHE D 260 -24.06 2.18 -16.75
CA PHE D 260 -24.43 3.47 -17.32
C PHE D 260 -25.89 3.54 -17.72
N MET D 261 -26.35 2.52 -18.48
CA MET D 261 -27.72 2.36 -18.96
C MET D 261 -28.71 2.50 -17.80
N ILE D 262 -28.44 1.79 -16.69
CA ILE D 262 -29.22 1.86 -15.46
C ILE D 262 -29.41 3.30 -14.95
N TYR D 263 -28.40 4.20 -15.09
CA TYR D 263 -28.53 5.60 -14.69
C TYR D 263 -29.71 6.24 -15.45
N LEU D 264 -29.79 5.99 -16.78
CA LEU D 264 -30.87 6.52 -17.62
C LEU D 264 -32.22 6.09 -17.07
N PHE D 265 -32.34 4.81 -16.62
CA PHE D 265 -33.55 4.29 -16.01
C PHE D 265 -33.97 5.06 -14.76
N TYR D 266 -33.01 5.38 -13.88
CA TYR D 266 -33.29 6.14 -12.66
C TYR D 266 -33.72 7.55 -13.03
N PHE D 267 -33.08 8.14 -14.06
CA PHE D 267 -33.40 9.47 -14.52
C PHE D 267 -34.82 9.55 -15.05
N VAL D 268 -35.17 8.62 -15.97
CA VAL D 268 -36.49 8.56 -16.55
C VAL D 268 -37.55 8.29 -15.45
N ALA D 269 -37.28 7.36 -14.52
CA ALA D 269 -38.21 7.08 -13.41
C ALA D 269 -38.45 8.35 -12.56
N VAL D 270 -37.40 9.19 -12.35
CA VAL D 270 -37.56 10.46 -11.62
C VAL D 270 -38.52 11.36 -12.42
N ILE D 271 -38.31 11.49 -13.75
CA ILE D 271 -39.17 12.26 -14.63
C ILE D 271 -40.62 11.78 -14.44
N GLU D 272 -40.87 10.45 -14.59
CA GLU D 272 -42.21 9.83 -14.41
C GLU D 272 -42.82 10.24 -13.07
N VAL D 273 -42.07 10.03 -11.98
CA VAL D 273 -42.49 10.36 -10.61
C VAL D 273 -42.90 11.84 -10.50
N THR D 274 -42.12 12.74 -11.17
CA THR D 274 -42.33 14.20 -11.20
C THR D 274 -43.63 14.49 -11.97
N VAL D 275 -43.74 13.90 -13.19
CA VAL D 275 -44.89 14.04 -14.10
C VAL D 275 -46.20 13.64 -13.40
N GLN D 276 -46.24 12.40 -12.86
CA GLN D 276 -47.37 11.83 -12.12
C GLN D 276 -47.83 12.78 -11.02
N HIS D 277 -46.91 13.26 -10.16
CA HIS D 277 -47.25 14.21 -9.10
C HIS D 277 -47.77 15.52 -9.69
N TYR D 278 -47.06 16.08 -10.68
CA TYR D 278 -47.46 17.34 -11.31
C TYR D 278 -48.92 17.33 -11.79
N LEU D 279 -49.35 16.25 -12.47
CA LEU D 279 -50.71 16.08 -12.98
C LEU D 279 -51.70 15.96 -11.83
N LYS D 280 -51.35 15.23 -10.78
CA LYS D 280 -52.19 15.05 -9.60
C LYS D 280 -52.54 16.42 -8.95
N VAL D 281 -51.50 17.28 -8.75
CA VAL D 281 -51.64 18.62 -8.17
C VAL D 281 -52.53 19.52 -9.07
N GLU D 282 -52.38 19.34 -10.39
CA GLU D 282 -53.04 20.04 -11.51
C GLU D 282 -54.45 19.46 -11.79
N SER D 283 -54.97 18.70 -10.80
CA SER D 283 -56.28 18.05 -10.79
C SER D 283 -56.66 17.21 -12.01
N GLN D 284 -55.70 16.43 -12.56
CA GLN D 284 -55.96 15.47 -13.63
C GLN D 284 -55.33 14.07 -13.38
N PRO D 285 -55.78 13.38 -12.28
CA PRO D 285 -55.25 12.06 -11.95
C PRO D 285 -55.49 10.95 -12.96
N ALA D 286 -56.35 11.18 -13.96
CA ALA D 286 -56.64 10.19 -14.96
C ALA D 286 -55.48 10.02 -15.93
N ARG D 287 -54.86 11.15 -16.36
CA ARG D 287 -53.71 11.16 -17.28
C ARG D 287 -52.53 10.52 -16.57
N ALA D 288 -52.28 10.97 -15.31
CA ALA D 288 -51.23 10.49 -14.44
C ALA D 288 -51.34 8.98 -14.27
N ALA D 289 -52.55 8.49 -13.94
CA ALA D 289 -52.84 7.06 -13.77
C ALA D 289 -52.50 6.21 -14.97
N SER D 290 -52.75 6.71 -16.19
CA SER D 290 -52.46 5.97 -17.42
C SER D 290 -50.99 5.99 -17.77
N ILE D 291 -50.28 7.06 -17.35
CA ILE D 291 -48.83 7.18 -17.55
C ILE D 291 -48.14 6.14 -16.64
N THR D 292 -48.53 6.11 -15.35
CA THR D 292 -48.03 5.19 -14.31
C THR D 292 -48.28 3.74 -14.72
N ARG D 293 -49.49 3.45 -15.22
CA ARG D 293 -49.88 2.12 -15.68
C ARG D 293 -49.03 1.62 -16.85
N ALA D 294 -48.67 2.56 -17.76
CA ALA D 294 -47.85 2.29 -18.95
C ALA D 294 -46.43 1.97 -18.53
N SER D 295 -45.89 2.81 -17.61
CA SER D 295 -44.55 2.72 -17.04
C SER D 295 -44.30 1.34 -16.41
N ARG D 296 -45.29 0.83 -15.63
CA ARG D 296 -45.29 -0.49 -14.99
C ARG D 296 -44.88 -1.62 -15.94
N ILE D 297 -45.23 -1.51 -17.24
CA ILE D 297 -44.90 -2.47 -18.29
C ILE D 297 -43.68 -2.00 -19.08
N ALA D 298 -43.68 -0.73 -19.52
CA ALA D 298 -42.62 -0.11 -20.31
C ALA D 298 -41.24 -0.35 -19.68
N PHE D 299 -41.03 0.15 -18.43
CA PHE D 299 -39.78 0.00 -17.68
C PHE D 299 -39.20 -1.40 -17.73
N PRO D 300 -39.88 -2.47 -17.20
CA PRO D 300 -39.28 -3.83 -17.32
C PRO D 300 -39.00 -4.28 -18.75
N VAL D 301 -39.92 -3.99 -19.68
CA VAL D 301 -39.80 -4.36 -21.12
C VAL D 301 -38.58 -3.74 -21.78
N VAL D 302 -38.46 -2.41 -21.66
CA VAL D 302 -37.36 -1.65 -22.23
C VAL D 302 -36.06 -2.12 -21.59
N PHE D 303 -36.06 -2.36 -20.25
CA PHE D 303 -34.87 -2.86 -19.56
C PHE D 303 -34.40 -4.21 -20.13
N LEU D 304 -35.34 -5.17 -20.23
CA LEU D 304 -35.12 -6.49 -20.79
C LEU D 304 -34.68 -6.43 -22.27
N LEU D 305 -35.26 -5.52 -23.07
CA LEU D 305 -34.87 -5.37 -24.47
C LEU D 305 -33.45 -4.84 -24.62
N ALA D 306 -33.17 -3.75 -23.88
CA ALA D 306 -31.88 -3.06 -23.84
C ALA D 306 -30.75 -4.03 -23.50
N ASN D 307 -30.96 -4.88 -22.47
CA ASN D 307 -30.00 -5.90 -22.05
C ASN D 307 -29.73 -6.92 -23.16
N ILE D 308 -30.79 -7.34 -23.86
CA ILE D 308 -30.67 -8.27 -24.97
C ILE D 308 -29.78 -7.63 -26.04
N ILE D 309 -30.08 -6.37 -26.42
CA ILE D 309 -29.31 -5.58 -27.39
C ILE D 309 -27.83 -5.54 -27.01
N LEU D 310 -27.56 -5.20 -25.72
CA LEU D 310 -26.22 -5.11 -25.17
C LEU D 310 -25.45 -6.42 -25.24
N ALA D 311 -26.00 -7.50 -24.65
CA ALA D 311 -25.40 -8.83 -24.65
C ALA D 311 -25.06 -9.25 -26.09
N PHE D 312 -25.94 -8.90 -27.03
CA PHE D 312 -25.70 -9.18 -28.43
C PHE D 312 -24.46 -8.46 -28.92
N LEU D 313 -24.42 -7.13 -28.73
CA LEU D 313 -23.31 -6.26 -29.14
C LEU D 313 -22.00 -6.70 -28.55
N PHE D 314 -22.01 -7.17 -27.29
CA PHE D 314 -20.81 -7.60 -26.56
C PHE D 314 -20.40 -9.04 -26.69
N PHE D 315 -21.31 -9.99 -26.99
CA PHE D 315 -20.91 -11.42 -27.05
C PHE D 315 -21.13 -12.18 -28.36
N VAL E 5 33.67 -28.83 -5.05
CA VAL E 5 32.37 -29.09 -4.43
C VAL E 5 31.40 -29.66 -5.45
N SER E 6 30.97 -30.89 -5.19
CA SER E 6 30.05 -31.69 -5.99
C SER E 6 29.42 -32.73 -5.06
N PRO E 7 28.25 -33.33 -5.36
CA PRO E 7 27.61 -34.27 -4.42
C PRO E 7 28.45 -35.40 -3.85
N PRO E 8 28.18 -35.83 -2.58
CA PRO E 8 28.92 -36.99 -2.04
C PRO E 8 28.53 -38.24 -2.82
N PRO E 9 29.50 -39.07 -3.25
CA PRO E 9 29.16 -40.24 -4.07
C PRO E 9 28.53 -41.42 -3.33
N PRO E 10 27.69 -42.24 -4.01
CA PRO E 10 27.03 -43.36 -3.30
C PRO E 10 27.95 -44.51 -2.96
N ILE E 11 27.74 -45.11 -1.77
CA ILE E 11 28.52 -46.28 -1.35
C ILE E 11 28.16 -47.41 -2.31
N ALA E 12 26.85 -47.75 -2.36
CA ALA E 12 26.29 -48.71 -3.31
C ALA E 12 25.80 -47.84 -4.51
N ASP E 13 24.48 -47.69 -4.65
CA ASP E 13 23.80 -46.85 -5.63
C ASP E 13 22.50 -46.36 -4.99
N GLU E 14 22.59 -45.99 -3.69
CA GLU E 14 21.46 -45.48 -2.93
C GLU E 14 21.27 -43.95 -3.16
N PRO E 15 20.07 -43.39 -2.94
CA PRO E 15 19.91 -41.95 -3.10
C PRO E 15 20.38 -41.23 -1.85
N LEU E 16 20.71 -39.93 -1.99
CA LEU E 16 21.13 -39.14 -0.83
C LEU E 16 19.94 -38.64 0.01
N THR E 17 19.89 -39.05 1.28
CA THR E 17 18.82 -38.61 2.16
C THR E 17 19.18 -37.33 2.91
N VAL E 18 18.37 -36.30 2.70
CA VAL E 18 18.56 -35.06 3.39
C VAL E 18 17.44 -35.01 4.41
N ASN E 19 17.81 -35.09 5.68
CA ASN E 19 16.85 -35.01 6.78
C ASN E 19 16.58 -33.55 7.01
N THR E 20 15.28 -33.20 7.04
CA THR E 20 14.82 -31.83 7.19
C THR E 20 14.05 -31.60 8.47
N GLY E 21 13.86 -30.33 8.78
CA GLY E 21 13.14 -29.84 9.93
C GLY E 21 12.90 -28.34 9.89
N ILE E 22 11.67 -27.93 10.16
CA ILE E 22 11.28 -26.53 10.21
C ILE E 22 10.82 -26.22 11.62
N TYR E 23 11.42 -25.22 12.25
CA TYR E 23 11.01 -24.81 13.58
C TYR E 23 10.56 -23.37 13.53
N LEU E 24 9.22 -23.14 13.54
CA LEU E 24 8.61 -21.81 13.46
C LEU E 24 9.00 -20.93 14.62
N ILE E 25 9.38 -19.68 14.32
CA ILE E 25 9.78 -18.65 15.29
C ILE E 25 8.72 -17.55 15.26
N GLU E 26 8.32 -17.11 14.03
CA GLU E 26 7.31 -16.07 13.84
C GLU E 26 6.27 -16.41 12.78
N CYS E 27 5.01 -16.06 13.06
CA CYS E 27 3.93 -16.24 12.11
C CYS E 27 3.11 -15.01 12.08
N TYR E 28 3.04 -14.41 10.92
CA TYR E 28 2.34 -13.15 10.79
C TYR E 28 1.76 -12.98 9.42
N SER E 29 1.03 -11.88 9.26
CA SER E 29 0.43 -11.45 8.01
C SER E 29 -0.34 -12.54 7.23
N LEU E 30 -1.36 -13.15 7.86
CA LEU E 30 -2.17 -14.08 7.10
C LEU E 30 -3.18 -13.20 6.36
N ASP E 31 -2.90 -12.95 5.08
CA ASP E 31 -3.72 -12.11 4.22
C ASP E 31 -4.77 -12.99 3.56
N ASP E 32 -6.06 -12.77 3.88
CA ASP E 32 -7.15 -13.58 3.32
C ASP E 32 -7.34 -13.35 1.83
N LYS E 33 -7.40 -12.07 1.44
CA LYS E 33 -7.55 -11.64 0.07
C LYS E 33 -6.43 -12.24 -0.82
N ALA E 34 -5.17 -12.15 -0.35
CA ALA E 34 -4.00 -12.65 -1.09
C ALA E 34 -3.77 -14.14 -0.98
N GLU E 35 -4.33 -14.78 0.08
CA GLU E 35 -4.11 -16.19 0.42
C GLU E 35 -2.61 -16.47 0.63
N THR E 36 -1.95 -15.57 1.40
CA THR E 36 -0.55 -15.64 1.76
C THR E 36 -0.36 -15.44 3.28
N PHE E 37 0.80 -15.87 3.78
CA PHE E 37 1.25 -15.68 5.16
C PHE E 37 2.76 -15.57 5.20
N LYS E 38 3.26 -14.87 6.19
CA LYS E 38 4.69 -14.72 6.33
C LYS E 38 5.18 -15.65 7.45
N VAL E 39 6.36 -16.20 7.27
CA VAL E 39 6.92 -17.15 8.21
C VAL E 39 8.38 -16.86 8.47
N ASN E 40 8.81 -17.02 9.71
CA ASN E 40 10.22 -16.85 10.13
C ASN E 40 10.53 -18.08 10.98
N ALA E 41 11.46 -18.91 10.51
CA ALA E 41 11.72 -20.20 11.13
C ALA E 41 13.13 -20.67 10.92
N PHE E 42 13.49 -21.74 11.64
CA PHE E 42 14.79 -22.39 11.48
C PHE E 42 14.57 -23.51 10.48
N LEU E 43 15.50 -23.66 9.53
CA LEU E 43 15.50 -24.76 8.56
C LEU E 43 16.74 -25.57 8.87
N SER E 44 16.52 -26.84 9.25
CA SER E 44 17.61 -27.75 9.59
C SER E 44 17.77 -28.82 8.54
N LEU E 45 19.01 -29.00 8.06
CA LEU E 45 19.37 -29.98 7.05
C LEU E 45 20.50 -30.86 7.58
N SER E 46 20.35 -32.19 7.38
CA SER E 46 21.33 -33.20 7.79
C SER E 46 21.48 -34.31 6.73
N TRP E 47 22.72 -34.66 6.41
CA TRP E 47 23.03 -35.67 5.40
C TRP E 47 24.45 -36.15 5.63
N LYS E 48 24.77 -37.35 5.11
CA LYS E 48 26.12 -37.90 5.24
C LYS E 48 27.00 -37.65 4.01
N ASP E 49 28.15 -36.99 4.22
CA ASP E 49 29.15 -36.74 3.18
C ASP E 49 30.46 -37.35 3.69
N ARG E 50 30.68 -38.64 3.35
CA ARG E 50 31.86 -39.41 3.79
C ARG E 50 33.18 -38.70 3.61
N ARG E 51 33.37 -38.00 2.48
CA ARG E 51 34.56 -37.22 2.16
C ARG E 51 35.02 -36.33 3.34
N LEU E 52 34.08 -35.93 4.20
CA LEU E 52 34.29 -35.05 5.36
C LEU E 52 34.61 -35.76 6.70
N ALA E 53 34.41 -37.11 6.76
CA ALA E 53 34.67 -37.99 7.91
C ALA E 53 36.10 -37.84 8.39
N PHE E 54 36.30 -37.82 9.71
CA PHE E 54 37.60 -37.63 10.34
C PHE E 54 37.74 -38.53 11.62
N ASP E 55 38.97 -38.60 12.17
CA ASP E 55 39.29 -39.37 13.38
C ASP E 55 39.00 -38.54 14.61
N PRO E 56 38.19 -39.05 15.57
CA PRO E 56 37.92 -38.27 16.81
C PRO E 56 39.09 -38.22 17.80
N VAL E 57 39.86 -39.34 17.94
CA VAL E 57 41.02 -39.53 18.84
C VAL E 57 42.21 -38.62 18.43
N ARG E 58 42.71 -38.84 17.20
CA ARG E 58 43.84 -38.11 16.62
C ARG E 58 43.54 -36.63 16.40
N SER E 59 42.33 -36.31 15.91
CA SER E 59 41.92 -34.92 15.65
C SER E 59 41.71 -34.08 16.92
N GLY E 60 41.58 -34.72 18.08
CA GLY E 60 41.40 -34.05 19.38
C GLY E 60 40.00 -33.50 19.56
N VAL E 61 39.49 -32.83 18.47
CA VAL E 61 38.15 -32.25 18.28
C VAL E 61 37.15 -33.35 17.95
N ARG E 62 35.95 -33.25 18.54
CA ARG E 62 34.89 -34.24 18.34
C ARG E 62 33.87 -33.79 17.27
N VAL E 63 33.88 -32.48 16.94
CA VAL E 63 33.04 -31.84 15.92
C VAL E 63 33.89 -30.83 15.18
N LYS E 64 33.69 -30.75 13.86
CA LYS E 64 34.37 -29.83 12.96
C LYS E 64 33.34 -28.90 12.27
N THR E 65 33.71 -27.60 12.19
CA THR E 65 32.90 -26.51 11.65
C THR E 65 33.28 -26.14 10.22
N TYR E 66 32.31 -25.73 9.40
CA TYR E 66 32.55 -25.28 8.04
C TYR E 66 31.74 -24.07 7.65
N GLU E 67 32.28 -23.33 6.70
CA GLU E 67 31.63 -22.17 6.11
C GLU E 67 30.89 -22.70 4.87
N PRO E 68 29.67 -22.21 4.61
CA PRO E 68 28.90 -22.74 3.46
C PRO E 68 29.67 -23.09 2.17
N GLU E 69 30.50 -22.16 1.70
CA GLU E 69 31.34 -22.25 0.50
C GLU E 69 32.37 -23.36 0.55
N ALA E 70 32.83 -23.70 1.76
CA ALA E 70 33.82 -24.76 1.98
C ALA E 70 33.35 -26.16 1.57
N ILE E 71 32.05 -26.47 1.80
CA ILE E 71 31.46 -27.79 1.52
C ILE E 71 30.24 -27.79 0.59
N TRP E 72 29.91 -29.01 0.10
CA TRP E 72 28.72 -29.26 -0.70
C TRP E 72 27.52 -29.25 0.25
N ILE E 73 26.53 -28.41 -0.10
CA ILE E 73 25.27 -28.24 0.62
C ILE E 73 24.11 -28.44 -0.36
N PRO E 74 23.12 -29.29 -0.04
CA PRO E 74 22.00 -29.48 -0.98
C PRO E 74 21.17 -28.21 -1.24
N GLU E 75 20.73 -28.07 -2.49
CA GLU E 75 19.91 -26.96 -2.92
C GLU E 75 18.45 -27.23 -2.57
N ILE E 76 18.07 -26.84 -1.33
CA ILE E 76 16.69 -26.98 -0.84
C ILE E 76 15.98 -25.71 -1.16
N ARG E 77 14.78 -25.80 -1.75
CA ARG E 77 13.95 -24.64 -2.12
C ARG E 77 12.51 -24.87 -1.65
N PHE E 78 11.75 -23.78 -1.49
CA PHE E 78 10.37 -23.92 -1.12
C PHE E 78 9.58 -23.83 -2.39
N VAL E 79 8.48 -24.59 -2.49
CA VAL E 79 7.68 -24.57 -3.71
C VAL E 79 6.75 -23.36 -3.73
N ASN E 80 5.84 -23.29 -2.74
CA ASN E 80 4.82 -22.28 -2.62
C ASN E 80 5.26 -20.96 -1.99
N VAL E 81 6.36 -20.40 -2.50
CA VAL E 81 6.80 -19.09 -2.06
C VAL E 81 6.65 -18.08 -3.20
N GLU E 82 6.57 -16.78 -2.81
CA GLU E 82 6.51 -15.64 -3.71
C GLU E 82 7.91 -15.47 -4.34
N ASN E 83 8.90 -15.28 -3.46
CA ASN E 83 10.30 -15.19 -3.90
C ASN E 83 11.11 -16.14 -3.05
N ALA E 84 12.34 -16.41 -3.48
CA ALA E 84 13.25 -17.27 -2.77
C ALA E 84 13.43 -16.73 -1.37
N ARG E 85 13.41 -17.63 -0.38
CA ARG E 85 13.57 -17.30 1.04
C ARG E 85 14.84 -16.49 1.36
N ASP E 86 14.72 -15.63 2.37
CA ASP E 86 15.78 -14.82 2.91
C ASP E 86 16.39 -15.71 3.99
N ALA E 87 17.59 -16.22 3.78
CA ALA E 87 18.20 -17.08 4.79
C ALA E 87 19.54 -16.58 5.28
N ASP E 88 19.83 -16.89 6.54
CA ASP E 88 21.09 -16.60 7.22
C ASP E 88 21.56 -17.94 7.78
N VAL E 89 22.78 -18.38 7.39
CA VAL E 89 23.33 -19.64 7.88
C VAL E 89 23.72 -19.39 9.34
N VAL E 90 23.16 -20.21 10.24
CA VAL E 90 23.39 -20.11 11.67
C VAL E 90 24.64 -20.89 12.03
N ASP E 91 24.75 -22.15 11.52
CA ASP E 91 25.85 -23.06 11.83
C ASP E 91 25.89 -24.30 10.93
N ILE E 92 27.11 -24.80 10.64
CA ILE E 92 27.40 -26.05 9.91
C ILE E 92 28.41 -26.86 10.76
N SER E 93 27.93 -27.95 11.37
CA SER E 93 28.75 -28.82 12.22
C SER E 93 28.89 -30.22 11.59
N VAL E 94 30.13 -30.69 11.46
CA VAL E 94 30.42 -32.03 10.94
C VAL E 94 30.94 -32.96 12.05
N SER E 95 30.33 -34.16 12.15
CA SER E 95 30.68 -35.18 13.12
C SER E 95 31.72 -36.18 12.53
N PRO E 96 32.48 -36.94 13.37
CA PRO E 96 33.55 -37.80 12.83
C PRO E 96 33.21 -38.73 11.66
N ASP E 97 31.94 -39.18 11.54
CA ASP E 97 31.51 -40.11 10.49
C ASP E 97 31.15 -39.45 9.17
N GLY E 98 31.14 -38.13 9.16
CA GLY E 98 30.83 -37.33 7.98
C GLY E 98 29.39 -36.85 7.94
N THR E 99 28.69 -36.93 9.10
CA THR E 99 27.31 -36.43 9.18
C THR E 99 27.34 -34.92 9.31
N VAL E 100 26.63 -34.23 8.40
CA VAL E 100 26.58 -32.76 8.37
C VAL E 100 25.30 -32.29 9.03
N GLN E 101 25.42 -31.31 9.94
CA GLN E 101 24.27 -30.71 10.60
C GLN E 101 24.28 -29.22 10.35
N TYR E 102 23.50 -28.84 9.31
CA TYR E 102 23.30 -27.51 8.78
C TYR E 102 22.07 -26.90 9.42
N LEU E 103 22.17 -25.60 9.76
CA LEU E 103 21.07 -24.80 10.33
C LEU E 103 21.13 -23.39 9.80
N GLU E 104 19.97 -22.92 9.34
CA GLU E 104 19.74 -21.59 8.82
C GLU E 104 18.47 -21.05 9.39
N ARG E 105 18.39 -19.72 9.51
CA ARG E 105 17.16 -19.07 9.92
C ARG E 105 16.65 -18.32 8.71
N PHE E 106 15.39 -18.56 8.33
CA PHE E 106 14.84 -17.97 7.13
C PHE E 106 13.52 -17.27 7.36
N SER E 107 13.16 -16.42 6.40
CA SER E 107 11.88 -15.73 6.33
C SER E 107 11.37 -15.88 4.90
N ALA E 108 10.05 -16.14 4.74
CA ALA E 108 9.44 -16.29 3.42
C ALA E 108 7.94 -15.93 3.39
N ARG E 109 7.42 -15.53 2.22
CA ARG E 109 5.97 -15.27 2.05
C ARG E 109 5.35 -16.47 1.32
N VAL E 110 4.59 -17.23 2.07
CA VAL E 110 4.02 -18.48 1.60
C VAL E 110 2.65 -18.30 0.94
N LEU E 111 2.46 -18.94 -0.21
CA LEU E 111 1.25 -18.93 -1.00
C LEU E 111 0.49 -20.17 -0.61
N SER E 112 -0.60 -20.04 0.14
CA SER E 112 -1.36 -21.23 0.53
C SER E 112 -2.83 -20.91 0.44
N PRO E 113 -3.56 -21.60 -0.48
CA PRO E 113 -4.99 -21.30 -0.65
C PRO E 113 -5.80 -21.65 0.59
N LEU E 114 -6.87 -20.89 0.78
CA LEU E 114 -7.79 -21.00 1.88
C LEU E 114 -9.20 -21.37 1.38
N ASP E 115 -9.94 -22.15 2.22
CA ASP E 115 -11.30 -22.58 1.94
C ASP E 115 -12.22 -21.66 2.68
N PHE E 116 -12.78 -20.69 1.96
CA PHE E 116 -13.65 -19.68 2.58
C PHE E 116 -15.07 -20.10 2.86
N ARG E 117 -15.41 -21.38 2.51
CA ARG E 117 -16.74 -21.95 2.64
C ARG E 117 -17.41 -21.70 4.00
N ARG E 118 -16.67 -21.89 5.11
CA ARG E 118 -17.25 -21.68 6.46
C ARG E 118 -16.93 -20.33 7.14
N TYR E 119 -16.39 -19.34 6.41
CA TYR E 119 -16.02 -18.04 6.95
C TYR E 119 -17.22 -17.35 7.61
N PRO E 120 -17.03 -16.71 8.80
CA PRO E 120 -15.79 -16.57 9.59
C PRO E 120 -15.58 -17.67 10.63
N PHE E 121 -16.26 -18.83 10.48
CA PHE E 121 -16.17 -19.98 11.40
C PHE E 121 -15.28 -21.11 10.83
N ASP E 122 -14.36 -20.74 9.91
CA ASP E 122 -13.49 -21.67 9.21
C ASP E 122 -12.19 -22.00 9.92
N SER E 123 -11.60 -23.11 9.49
CA SER E 123 -10.30 -23.59 9.90
C SER E 123 -9.54 -23.81 8.60
N GLN E 124 -8.20 -23.75 8.67
CA GLN E 124 -7.37 -23.92 7.48
C GLN E 124 -6.16 -24.82 7.77
N THR E 125 -5.56 -25.37 6.70
CA THR E 125 -4.33 -26.13 6.76
C THR E 125 -3.32 -25.43 5.85
N LEU E 126 -2.46 -24.63 6.42
CA LEU E 126 -1.46 -23.95 5.62
C LEU E 126 -0.34 -24.94 5.25
N HIS E 127 0.23 -24.79 4.06
CA HIS E 127 1.31 -25.69 3.63
C HIS E 127 2.61 -24.96 3.37
N ILE E 128 3.69 -25.67 3.62
CA ILE E 128 5.02 -25.21 3.32
C ILE E 128 5.64 -26.43 2.64
N TYR E 129 5.85 -26.36 1.33
CA TYR E 129 6.39 -27.47 0.57
C TYR E 129 7.87 -27.32 0.35
N LEU E 130 8.65 -28.25 0.91
CA LEU E 130 10.09 -28.29 0.76
C LEU E 130 10.44 -29.13 -0.44
N ILE E 131 11.42 -28.70 -1.23
CA ILE E 131 11.79 -29.46 -2.42
C ILE E 131 13.30 -29.52 -2.66
N VAL E 132 13.71 -30.59 -3.32
CA VAL E 132 15.08 -30.81 -3.74
C VAL E 132 15.04 -31.44 -5.11
N ARG E 133 15.89 -30.95 -6.01
CA ARG E 133 15.98 -31.50 -7.35
C ARG E 133 17.26 -32.31 -7.41
N SER E 134 17.14 -33.56 -7.91
CA SER E 134 18.25 -34.49 -8.04
C SER E 134 19.26 -33.97 -9.05
N VAL E 135 20.53 -34.27 -8.79
CA VAL E 135 21.67 -33.90 -9.63
C VAL E 135 21.99 -35.02 -10.62
N ASP E 136 22.95 -34.77 -11.55
CA ASP E 136 23.28 -35.82 -12.52
C ASP E 136 23.98 -37.05 -11.91
N THR E 137 24.97 -36.80 -11.04
CA THR E 137 25.69 -37.86 -10.35
C THR E 137 24.83 -38.67 -9.38
N ARG E 138 23.80 -38.05 -8.73
CA ARG E 138 22.90 -38.78 -7.82
C ARG E 138 21.51 -38.22 -7.47
N ASN E 139 20.64 -39.12 -7.01
CA ASN E 139 19.29 -38.77 -6.62
C ASN E 139 19.22 -38.31 -5.19
N ILE E 140 18.58 -37.17 -4.98
CA ILE E 140 18.43 -36.62 -3.64
C ILE E 140 17.00 -36.78 -3.17
N VAL E 141 16.87 -37.31 -1.95
CA VAL E 141 15.60 -37.58 -1.31
C VAL E 141 15.46 -36.86 0.02
N LEU E 142 14.26 -36.34 0.29
CA LEU E 142 14.00 -35.60 1.53
C LEU E 142 13.36 -36.49 2.58
N ALA E 143 13.63 -36.18 3.85
CA ALA E 143 13.12 -36.92 4.98
C ALA E 143 12.85 -35.97 6.11
N VAL E 144 11.89 -36.30 6.97
CA VAL E 144 11.51 -35.48 8.12
C VAL E 144 12.19 -36.00 9.37
N ASP E 145 12.97 -35.16 10.05
CA ASP E 145 13.55 -35.51 11.34
C ASP E 145 12.58 -34.88 12.34
N LEU E 146 11.58 -35.65 12.82
CA LEU E 146 10.55 -35.15 13.73
C LEU E 146 11.07 -34.43 14.98
N GLU E 147 12.31 -34.70 15.37
CA GLU E 147 13.00 -34.07 16.49
C GLU E 147 13.29 -32.58 16.19
N LYS E 148 13.27 -32.22 14.92
CA LYS E 148 13.61 -30.88 14.44
C LYS E 148 12.45 -30.09 13.75
N VAL E 149 11.23 -30.57 13.98
CA VAL E 149 10.00 -29.95 13.51
C VAL E 149 9.32 -29.44 14.76
N GLY E 150 8.98 -28.18 14.77
CA GLY E 150 8.32 -27.55 15.89
C GLY E 150 7.95 -26.11 15.65
N LYS E 151 7.60 -25.42 16.74
CA LYS E 151 7.24 -24.01 16.80
C LYS E 151 7.44 -23.51 18.23
N ASN E 152 7.80 -22.22 18.41
CA ASN E 152 7.96 -21.71 19.76
C ASN E 152 6.60 -21.36 20.36
N ASP E 153 6.50 -21.38 21.71
CA ASP E 153 5.26 -21.15 22.46
C ASP E 153 4.60 -19.80 22.16
N ASP E 154 5.43 -18.75 21.99
CA ASP E 154 5.01 -17.38 21.67
C ASP E 154 4.50 -17.20 20.21
N VAL E 155 4.62 -18.23 19.32
CA VAL E 155 4.15 -18.12 17.94
C VAL E 155 2.66 -17.89 17.97
N PHE E 156 2.28 -16.66 17.64
CA PHE E 156 0.91 -16.18 17.57
C PHE E 156 0.68 -15.66 16.16
N LEU E 157 -0.51 -15.88 15.62
CA LEU E 157 -0.88 -15.38 14.31
C LEU E 157 -2.19 -14.64 14.56
N THR E 158 -2.13 -13.31 14.56
CA THR E 158 -3.27 -12.42 14.85
C THR E 158 -4.60 -12.88 14.25
N GLY E 159 -5.60 -13.00 15.12
CA GLY E 159 -6.96 -13.40 14.74
C GLY E 159 -7.16 -14.84 14.30
N TRP E 160 -6.18 -15.71 14.64
CA TRP E 160 -6.19 -17.13 14.35
C TRP E 160 -5.66 -17.91 15.54
N ASP E 161 -6.06 -19.19 15.65
CA ASP E 161 -5.55 -20.07 16.69
C ASP E 161 -4.68 -21.12 16.04
N ILE E 162 -3.47 -21.35 16.57
CA ILE E 162 -2.58 -22.35 15.98
C ILE E 162 -2.80 -23.73 16.61
N GLU E 163 -3.40 -24.64 15.83
CA GLU E 163 -3.65 -25.99 16.31
C GLU E 163 -2.41 -26.88 16.31
N SER E 164 -1.74 -27.04 15.14
CA SER E 164 -0.59 -27.94 15.02
C SER E 164 0.33 -27.60 13.88
N PHE E 165 1.62 -27.89 14.05
CA PHE E 165 2.63 -27.78 12.99
C PHE E 165 3.29 -29.14 12.87
N THR E 166 2.91 -29.87 11.83
CA THR E 166 3.36 -31.25 11.58
C THR E 166 3.88 -31.40 10.16
N ALA E 167 4.60 -32.49 9.88
CA ALA E 167 5.11 -32.74 8.54
C ALA E 167 4.72 -34.12 8.08
N VAL E 168 4.29 -34.24 6.82
CA VAL E 168 3.92 -35.53 6.23
C VAL E 168 5.24 -36.22 5.89
N VAL E 169 5.64 -37.18 6.75
CA VAL E 169 6.87 -37.98 6.74
C VAL E 169 7.34 -38.54 5.41
N LYS E 170 6.38 -38.99 4.57
CA LYS E 170 6.63 -39.58 3.26
C LYS E 170 6.67 -38.52 2.15
N PRO E 171 7.86 -38.26 1.56
CA PRO E 171 7.94 -37.26 0.49
C PRO E 171 7.29 -37.70 -0.82
N ALA E 172 6.83 -36.71 -1.60
CA ALA E 172 6.25 -36.92 -2.93
C ALA E 172 7.43 -36.88 -3.90
N ASN E 173 7.82 -38.06 -4.44
CA ASN E 173 8.92 -38.15 -5.40
C ASN E 173 8.36 -38.35 -6.78
N PHE E 174 8.80 -37.50 -7.73
CA PHE E 174 8.26 -37.43 -9.08
C PHE E 174 9.26 -36.83 -10.03
N ALA E 175 9.03 -37.08 -11.32
CA ALA E 175 9.86 -36.58 -12.39
C ALA E 175 9.36 -35.23 -12.79
N LEU E 176 10.28 -34.32 -13.02
CA LEU E 176 9.99 -32.97 -13.46
C LEU E 176 11.11 -32.59 -14.40
N GLU E 177 10.77 -32.35 -15.68
CA GLU E 177 11.74 -31.96 -16.71
C GLU E 177 12.96 -32.91 -16.72
N ASP E 178 12.69 -34.21 -16.94
CA ASP E 178 13.71 -35.26 -17.06
C ASP E 178 14.65 -35.49 -15.85
N ARG E 179 14.26 -35.02 -14.63
CA ARG E 179 15.00 -35.22 -13.35
C ARG E 179 14.05 -35.54 -12.20
N LEU E 180 14.60 -36.13 -11.15
CA LEU E 180 13.81 -36.48 -10.00
C LEU E 180 13.72 -35.32 -9.04
N GLU E 181 12.55 -35.17 -8.46
CA GLU E 181 12.29 -34.13 -7.49
C GLU E 181 11.63 -34.80 -6.27
N SER E 182 12.09 -34.43 -5.05
CA SER E 182 11.59 -34.97 -3.78
C SER E 182 10.92 -33.85 -3.01
N LYS E 183 9.62 -33.98 -2.74
CA LYS E 183 8.88 -32.90 -2.09
C LYS E 183 8.22 -33.28 -0.77
N LEU E 184 8.42 -32.44 0.27
CA LEU E 184 7.85 -32.65 1.59
C LEU E 184 6.75 -31.64 1.86
N ASP E 185 5.72 -32.04 2.65
CA ASP E 185 4.57 -31.20 2.98
C ASP E 185 4.52 -30.86 4.46
N TYR E 186 4.88 -29.62 4.82
CA TYR E 186 4.76 -29.15 6.20
C TYR E 186 3.40 -28.52 6.33
N GLN E 187 2.65 -28.90 7.39
CA GLN E 187 1.27 -28.43 7.60
C GLN E 187 1.02 -27.69 8.89
N LEU E 188 0.56 -26.45 8.72
CA LEU E 188 0.18 -25.57 9.82
C LEU E 188 -1.35 -25.51 9.88
N ARG E 189 -1.92 -26.12 10.93
CA ARG E 189 -3.36 -26.16 11.13
C ARG E 189 -3.77 -25.03 12.04
N ILE E 190 -4.70 -24.24 11.57
CA ILE E 190 -5.17 -23.06 12.27
C ILE E 190 -6.67 -22.99 12.20
N SER E 191 -7.27 -22.21 13.08
CA SER E 191 -8.71 -21.99 13.10
C SER E 191 -8.92 -20.53 13.41
N ARG E 192 -9.83 -19.89 12.65
CA ARG E 192 -10.13 -18.47 12.78
C ARG E 192 -10.85 -18.15 14.07
N GLN E 193 -10.42 -17.07 14.74
CA GLN E 193 -11.02 -16.55 15.95
C GLN E 193 -12.20 -15.68 15.50
N TYR E 194 -13.39 -16.30 15.42
CA TYR E 194 -14.63 -15.69 14.93
C TYR E 194 -15.27 -14.67 15.86
N PHE E 195 -14.86 -14.62 17.14
CA PHE E 195 -15.43 -13.74 18.16
C PHE E 195 -15.86 -12.37 17.68
N SER E 196 -14.90 -11.58 17.21
CA SER E 196 -15.12 -10.20 16.80
C SER E 196 -16.16 -9.98 15.70
N TYR E 197 -16.39 -10.98 14.84
CA TYR E 197 -17.37 -10.88 13.75
C TYR E 197 -18.78 -10.73 14.30
N ILE E 198 -19.02 -11.29 15.50
CA ILE E 198 -20.30 -11.26 16.18
C ILE E 198 -20.72 -9.81 16.52
N PRO E 199 -19.97 -9.06 17.37
CA PRO E 199 -20.40 -7.67 17.65
C PRO E 199 -20.11 -6.63 16.55
N ASN E 200 -19.19 -6.94 15.62
CA ASN E 200 -18.82 -5.98 14.59
C ASN E 200 -19.63 -6.08 13.30
N ILE E 201 -20.03 -7.32 12.91
CA ILE E 201 -20.72 -7.54 11.64
C ILE E 201 -22.05 -8.29 11.75
N ILE E 202 -22.05 -9.47 12.42
CA ILE E 202 -23.25 -10.31 12.56
C ILE E 202 -24.42 -9.59 13.22
N LEU E 203 -24.28 -9.25 14.51
CA LEU E 203 -25.33 -8.54 15.24
C LEU E 203 -25.77 -7.22 14.60
N PRO E 204 -24.86 -6.28 14.24
CA PRO E 204 -25.31 -5.05 13.55
C PRO E 204 -26.15 -5.32 12.31
N MET E 205 -25.76 -6.33 11.51
CA MET E 205 -26.48 -6.75 10.31
C MET E 205 -27.89 -7.26 10.64
N LEU E 206 -28.02 -8.01 11.73
CA LEU E 206 -29.32 -8.53 12.19
C LEU E 206 -30.20 -7.39 12.70
N PHE E 207 -29.64 -6.51 13.55
CA PHE E 207 -30.30 -5.33 14.11
C PHE E 207 -30.95 -4.50 13.02
N ILE E 208 -30.18 -4.13 11.97
CA ILE E 208 -30.72 -3.34 10.86
C ILE E 208 -31.85 -4.05 10.12
N LEU E 209 -31.75 -5.39 9.99
CA LEU E 209 -32.79 -6.20 9.35
C LEU E 209 -34.07 -6.21 10.20
N PHE E 210 -33.92 -6.41 11.52
CA PHE E 210 -35.03 -6.43 12.48
C PHE E 210 -35.72 -5.07 12.48
N ILE E 211 -34.94 -3.97 12.47
CA ILE E 211 -35.46 -2.62 12.36
C ILE E 211 -36.32 -2.46 11.09
N SER E 212 -35.93 -3.08 9.96
CA SER E 212 -36.74 -3.03 8.73
C SER E 212 -38.14 -3.63 8.97
N TRP E 213 -38.20 -4.70 9.78
CA TRP E 213 -39.42 -5.45 10.13
C TRP E 213 -40.43 -4.68 10.99
N THR E 214 -40.02 -3.52 11.57
CA THR E 214 -40.94 -2.68 12.33
C THR E 214 -42.00 -2.08 11.40
N ALA E 215 -41.76 -2.07 10.07
CA ALA E 215 -42.73 -1.58 9.09
C ALA E 215 -44.00 -2.48 9.02
N PHE E 216 -43.93 -3.67 9.64
CA PHE E 216 -45.06 -4.60 9.74
C PHE E 216 -46.06 -4.19 10.87
N TRP E 217 -45.68 -3.16 11.64
CA TRP E 217 -46.47 -2.59 12.72
C TRP E 217 -46.69 -1.10 12.46
N SER E 218 -46.67 -0.71 11.16
CA SER E 218 -46.90 0.66 10.72
C SER E 218 -47.75 0.66 9.46
N THR E 219 -48.66 1.64 9.41
CA THR E 219 -49.61 1.88 8.32
C THR E 219 -49.14 3.05 7.46
N SER E 220 -48.06 3.74 7.89
CA SER E 220 -47.44 4.88 7.23
C SER E 220 -46.50 4.41 6.10
N TYR E 221 -46.94 4.50 4.83
CA TYR E 221 -46.13 4.07 3.68
C TYR E 221 -44.81 4.82 3.63
N GLU E 222 -44.87 6.15 3.73
CA GLU E 222 -43.70 7.04 3.71
C GLU E 222 -42.65 6.70 4.78
N ALA E 223 -43.11 6.30 5.99
CA ALA E 223 -42.21 5.90 7.06
C ALA E 223 -41.63 4.52 6.78
N ASN E 224 -42.45 3.61 6.23
CA ASN E 224 -42.05 2.24 5.87
C ASN E 224 -40.99 2.27 4.77
N VAL E 225 -41.25 3.01 3.68
CA VAL E 225 -40.31 3.19 2.57
C VAL E 225 -38.95 3.66 3.12
N THR E 226 -38.96 4.59 4.09
CA THR E 226 -37.75 5.07 4.76
C THR E 226 -37.09 3.95 5.56
N LEU E 227 -37.86 3.23 6.41
CA LEU E 227 -37.34 2.12 7.22
C LEU E 227 -36.66 1.04 6.40
N VAL E 228 -37.33 0.52 5.37
CA VAL E 228 -36.81 -0.58 4.56
C VAL E 228 -35.65 -0.17 3.65
N VAL E 229 -35.81 0.94 2.94
CA VAL E 229 -34.76 1.43 2.05
C VAL E 229 -33.47 1.80 2.79
N SER E 230 -33.60 2.63 3.86
CA SER E 230 -32.48 3.05 4.69
C SER E 230 -31.68 1.87 5.21
N THR E 231 -32.35 0.89 5.85
CA THR E 231 -31.66 -0.30 6.35
C THR E 231 -31.01 -1.13 5.22
N LEU E 232 -31.65 -1.19 4.02
CA LEU E 232 -31.10 -1.90 2.88
C LEU E 232 -29.75 -1.28 2.48
N ILE E 233 -29.66 0.07 2.55
CA ILE E 233 -28.42 0.81 2.27
C ILE E 233 -27.35 0.40 3.30
N ALA E 234 -27.71 0.37 4.59
CA ALA E 234 -26.80 -0.07 5.64
C ALA E 234 -26.36 -1.50 5.40
N HIS E 235 -27.23 -2.36 4.82
CA HIS E 235 -26.87 -3.75 4.51
C HIS E 235 -25.86 -3.79 3.38
N ILE E 236 -26.08 -2.96 2.33
CA ILE E 236 -25.15 -2.87 1.19
C ILE E 236 -23.75 -2.52 1.72
N ALA E 237 -23.68 -1.58 2.69
CA ALA E 237 -22.44 -1.16 3.35
C ALA E 237 -21.74 -2.37 3.99
N PHE E 238 -22.47 -3.15 4.79
CA PHE E 238 -21.92 -4.35 5.42
C PHE E 238 -21.43 -5.35 4.40
N ASN E 239 -22.24 -5.60 3.34
CA ASN E 239 -21.88 -6.48 2.23
C ASN E 239 -20.55 -6.01 1.64
N ILE E 240 -20.44 -4.73 1.22
CA ILE E 240 -19.21 -4.17 0.67
C ILE E 240 -18.01 -4.36 1.63
N LEU E 241 -18.18 -4.03 2.92
CA LEU E 241 -17.16 -4.18 3.95
C LEU E 241 -16.67 -5.60 4.04
N VAL E 242 -17.60 -6.55 4.04
CA VAL E 242 -17.27 -7.95 4.13
C VAL E 242 -16.53 -8.44 2.87
N GLU E 243 -17.10 -8.15 1.68
CA GLU E 243 -16.51 -8.56 0.40
C GLU E 243 -15.11 -7.96 0.11
N THR E 244 -14.81 -6.74 0.65
CA THR E 244 -13.47 -6.14 0.47
C THR E 244 -12.36 -6.88 1.24
N ASN E 245 -12.70 -7.56 2.36
CA ASN E 245 -11.76 -8.32 3.17
C ASN E 245 -11.68 -9.84 2.79
N LEU E 246 -12.25 -10.19 1.64
CA LEU E 246 -12.25 -11.57 1.18
C LEU E 246 -11.88 -11.62 -0.27
N PRO E 247 -11.26 -12.74 -0.72
CA PRO E 247 -10.98 -12.88 -2.16
C PRO E 247 -12.20 -13.36 -2.92
N LYS E 248 -12.19 -13.18 -4.24
CA LYS E 248 -13.29 -13.63 -5.07
C LYS E 248 -13.25 -15.14 -5.25
N THR E 249 -14.20 -15.84 -4.60
CA THR E 249 -14.32 -17.29 -4.63
C THR E 249 -15.28 -17.80 -5.73
N PRO E 250 -14.92 -18.94 -6.39
CA PRO E 250 -15.83 -19.51 -7.38
C PRO E 250 -16.98 -20.34 -6.74
N TYR E 251 -16.99 -20.41 -5.39
CA TYR E 251 -17.96 -21.13 -4.61
C TYR E 251 -18.70 -20.20 -3.67
N MET E 252 -19.85 -20.63 -3.15
CA MET E 252 -20.60 -19.79 -2.23
C MET E 252 -20.08 -20.00 -0.82
N THR E 253 -19.85 -18.90 -0.10
CA THR E 253 -19.36 -18.95 1.28
C THR E 253 -20.60 -18.86 2.19
N TYR E 254 -20.45 -19.34 3.44
CA TYR E 254 -21.53 -19.31 4.41
C TYR E 254 -22.01 -17.87 4.60
N THR E 255 -21.07 -16.93 4.83
CA THR E 255 -21.33 -15.51 5.00
C THR E 255 -21.97 -14.95 3.75
N GLY E 256 -21.40 -15.29 2.60
CA GLY E 256 -21.88 -14.83 1.31
C GLY E 256 -23.34 -15.15 1.10
N ALA E 257 -23.70 -16.42 1.40
CA ALA E 257 -25.07 -16.96 1.32
C ALA E 257 -26.01 -16.10 2.19
N ILE E 258 -25.72 -15.97 3.52
CA ILE E 258 -26.50 -15.17 4.47
C ILE E 258 -26.71 -13.77 3.95
N ILE E 259 -25.60 -13.06 3.62
CA ILE E 259 -25.60 -11.69 3.11
C ILE E 259 -26.57 -11.56 1.94
N PHE E 260 -26.50 -12.52 0.98
CA PHE E 260 -27.34 -12.55 -0.22
C PHE E 260 -28.80 -12.79 0.10
N MET E 261 -29.06 -13.82 0.92
CA MET E 261 -30.40 -14.22 1.37
C MET E 261 -31.14 -13.00 1.95
N ILE E 262 -30.44 -12.25 2.82
CA ILE E 262 -30.96 -11.03 3.44
C ILE E 262 -31.47 -10.02 2.39
N TYR E 263 -30.81 -9.91 1.21
CA TYR E 263 -31.28 -9.02 0.14
C TYR E 263 -32.71 -9.38 -0.25
N LEU E 264 -32.98 -10.71 -0.43
CA LEU E 264 -34.32 -11.21 -0.79
C LEU E 264 -35.35 -10.75 0.23
N PHE E 265 -34.99 -10.79 1.53
CA PHE E 265 -35.84 -10.32 2.61
C PHE E 265 -36.21 -8.85 2.46
N TYR E 266 -35.24 -7.99 2.15
CA TYR E 266 -35.48 -6.56 1.96
C TYR E 266 -36.38 -6.34 0.73
N PHE E 267 -36.15 -7.14 -0.34
CA PHE E 267 -36.93 -7.05 -1.56
C PHE E 267 -38.39 -7.41 -1.31
N VAL E 268 -38.62 -8.56 -0.65
CA VAL E 268 -39.96 -9.02 -0.32
C VAL E 268 -40.66 -8.02 0.61
N ALA E 269 -39.96 -7.51 1.66
CA ALA E 269 -40.51 -6.51 2.57
C ALA E 269 -40.93 -5.25 1.79
N VAL E 270 -40.16 -4.83 0.76
CA VAL E 270 -40.54 -3.69 -0.08
C VAL E 270 -41.87 -4.01 -0.80
N ILE E 271 -41.97 -5.21 -1.40
CA ILE E 271 -43.18 -5.67 -2.07
C ILE E 271 -44.35 -5.55 -1.09
N GLU E 272 -44.23 -6.20 0.12
CA GLU E 272 -45.26 -6.14 1.17
C GLU E 272 -45.70 -4.68 1.46
N VAL E 273 -44.73 -3.82 1.79
CA VAL E 273 -44.94 -2.38 2.08
C VAL E 273 -45.68 -1.64 0.92
N THR E 274 -45.40 -2.04 -0.34
CA THR E 274 -46.01 -1.49 -1.55
C THR E 274 -47.46 -2.00 -1.63
N VAL E 275 -47.65 -3.34 -1.46
CA VAL E 275 -48.94 -4.04 -1.50
C VAL E 275 -49.91 -3.44 -0.47
N GLN E 276 -49.47 -3.39 0.82
CA GLN E 276 -50.23 -2.82 1.93
C GLN E 276 -50.72 -1.41 1.59
N HIS E 277 -49.84 -0.51 1.13
CA HIS E 277 -50.22 0.84 0.73
C HIS E 277 -51.19 0.83 -0.43
N TYR E 278 -50.88 0.05 -1.50
CA TYR E 278 -51.75 -0.03 -2.68
C TYR E 278 -53.22 -0.37 -2.32
N LEU E 279 -53.44 -1.41 -1.48
CA LEU E 279 -54.75 -1.84 -0.98
C LEU E 279 -55.44 -0.73 -0.18
N LYS E 280 -54.69 -0.02 0.67
CA LYS E 280 -55.18 1.11 1.49
C LYS E 280 -55.76 2.23 0.63
N VAL E 281 -55.01 2.63 -0.41
CA VAL E 281 -55.42 3.68 -1.38
C VAL E 281 -56.69 3.24 -2.16
N GLU E 282 -56.75 1.92 -2.48
CA GLU E 282 -57.81 1.20 -3.20
C GLU E 282 -59.02 0.85 -2.28
N SER E 283 -59.07 1.53 -1.13
CA SER E 283 -60.10 1.43 -0.10
C SER E 283 -60.46 0.03 0.40
N GLN E 284 -59.44 -0.83 0.60
CA GLN E 284 -59.64 -2.16 1.21
C GLN E 284 -58.60 -2.50 2.31
N PRO E 285 -58.59 -1.70 3.41
CA PRO E 285 -57.63 -1.92 4.50
C PRO E 285 -57.74 -3.25 5.24
N ALA E 286 -58.80 -4.02 5.01
CA ALA E 286 -58.97 -5.30 5.68
C ALA E 286 -58.02 -6.35 5.13
N ARG E 287 -57.88 -6.39 3.78
CA ARG E 287 -56.99 -7.34 3.08
C ARG E 287 -55.53 -7.00 3.46
N ALA E 288 -55.19 -5.68 3.37
CA ALA E 288 -53.90 -5.11 3.70
C ALA E 288 -53.52 -5.50 5.12
N ALA E 289 -54.44 -5.27 6.10
CA ALA E 289 -54.25 -5.60 7.51
C ALA E 289 -53.91 -7.06 7.77
N SER E 290 -54.54 -7.99 7.02
CA SER E 290 -54.29 -9.43 7.20
C SER E 290 -53.01 -9.87 6.55
N ILE E 291 -52.57 -9.15 5.48
CA ILE E 291 -51.28 -9.41 4.81
C ILE E 291 -50.17 -9.00 5.78
N THR E 292 -50.26 -7.77 6.35
CA THR E 292 -49.30 -7.21 7.32
C THR E 292 -49.19 -8.09 8.55
N ARG E 293 -50.34 -8.55 9.07
CA ARG E 293 -50.40 -9.43 10.24
C ARG E 293 -49.70 -10.77 10.00
N ALA E 294 -49.83 -11.31 8.77
CA ALA E 294 -49.23 -12.57 8.36
C ALA E 294 -47.71 -12.42 8.28
N SER E 295 -47.27 -11.32 7.62
CA SER E 295 -45.88 -10.93 7.41
C SER E 295 -45.12 -10.87 8.74
N ARG E 296 -45.74 -10.24 9.79
CA ARG E 296 -45.22 -10.12 11.16
C ARG E 296 -44.69 -11.44 11.71
N ILE E 297 -45.31 -12.58 11.31
CA ILE E 297 -44.94 -13.93 11.73
C ILE E 297 -44.09 -14.60 10.66
N ALA E 298 -44.55 -14.55 9.38
CA ALA E 298 -43.89 -15.16 8.24
C ALA E 298 -42.39 -14.78 8.19
N PHE E 299 -42.10 -13.47 8.06
CA PHE E 299 -40.75 -12.92 7.99
C PHE E 299 -39.79 -13.52 9.04
N PRO E 300 -40.02 -13.35 10.38
CA PRO E 300 -39.10 -13.98 11.36
C PRO E 300 -38.98 -15.50 11.23
N VAL E 301 -40.11 -16.18 11.01
CA VAL E 301 -40.18 -17.65 10.88
C VAL E 301 -39.33 -18.16 9.70
N VAL E 302 -39.59 -17.61 8.49
CA VAL E 302 -38.89 -17.96 7.27
C VAL E 302 -37.41 -17.62 7.44
N PHE E 303 -37.08 -16.48 8.06
CA PHE E 303 -35.69 -16.09 8.30
C PHE E 303 -34.97 -17.14 9.16
N LEU E 304 -35.59 -17.50 10.29
CA LEU E 304 -35.08 -18.49 11.23
C LEU E 304 -34.97 -19.88 10.57
N LEU E 305 -35.94 -20.26 9.74
CA LEU E 305 -35.91 -21.55 9.05
C LEU E 305 -34.77 -21.61 8.03
N ALA E 306 -34.70 -20.56 7.18
CA ALA E 306 -33.69 -20.39 6.12
C ALA E 306 -32.27 -20.50 6.69
N ASN E 307 -32.01 -19.84 7.83
CA ASN E 307 -30.72 -19.89 8.51
C ASN E 307 -30.40 -21.29 8.99
N ILE E 308 -31.39 -22.01 9.53
CA ILE E 308 -31.23 -23.40 9.97
C ILE E 308 -30.81 -24.23 8.76
N ILE E 309 -31.55 -24.11 7.62
CA ILE E 309 -31.26 -24.81 6.36
C ILE E 309 -29.83 -24.55 5.92
N LEU E 310 -29.41 -23.26 5.91
CA LEU E 310 -28.07 -22.85 5.53
C LEU E 310 -26.98 -23.44 6.41
N ALA E 311 -27.05 -23.21 7.75
CA ALA E 311 -26.11 -23.74 8.72
C ALA E 311 -25.96 -25.24 8.54
N PHE E 312 -27.07 -25.92 8.23
CA PHE E 312 -27.06 -27.36 7.98
C PHE E 312 -26.22 -27.69 6.75
N LEU E 313 -26.52 -27.02 5.62
CA LEU E 313 -25.81 -27.21 4.36
C LEU E 313 -24.34 -26.92 4.49
N PHE E 314 -23.96 -25.92 5.28
CA PHE E 314 -22.58 -25.50 5.48
C PHE E 314 -21.78 -26.17 6.59
N PHE E 315 -22.42 -26.72 7.64
CA PHE E 315 -21.66 -27.30 8.75
C PHE E 315 -21.91 -28.78 9.10
C1' LMT F . -8.79 4.77 6.28
O1' LMT F . -9.41 3.67 5.58
C1 LMT F . -10.43 4.11 4.63
C2 LMT F . -11.92 3.87 5.03
C3 LMT F . -12.45 4.76 6.20
C4 LMT F . -13.90 5.24 5.96
C5 LMT F . -15.01 4.39 6.57
C6 LMT F . -16.35 4.77 5.92
C7 LMT F . -17.53 3.95 6.46
C8 LMT F . -18.84 4.40 5.82
C9 LMT F . -20.06 3.76 6.50
C10 LMT F . -21.20 3.53 5.50
C11 LMT F . -22.55 3.37 6.20
C12 LMT F . -23.64 4.00 5.36
C1' LMT G . -26.78 8.25 3.47
O1' LMT G . -25.58 7.85 2.71
C1 LMT G . -24.41 7.32 3.39
C2 LMT G . -23.28 7.15 2.34
C3 LMT G . -22.05 6.24 2.74
C4 LMT G . -20.59 6.67 2.26
C5 LMT G . -19.43 5.58 2.32
C6 LMT G . -17.90 6.04 2.22
C7 LMT G . -16.88 4.87 1.99
C8 LMT G . -15.38 5.28 1.83
C9 LMT G . -14.43 4.07 1.60
C10 LMT G . -12.94 4.45 1.51
C11 LMT G . -12.01 3.22 1.45
C12 LMT G . -10.52 3.52 1.27
FAA DSF H . -15.00 3.48 23.72
FAB DSF H . -16.01 5.18 23.05
FAC DSF H . -14.76 6.40 21.24
FAD DSF H . -13.64 4.90 19.14
FAE DSF H . -12.48 6.40 20.21
FAF DSF H . -12.15 4.32 20.54
OAG DSF H . -13.71 5.03 22.73
CAH DSF H . -14.84 4.79 23.60
CAI DSF H . -14.18 5.20 21.38
CAJ DSF H . -13.08 5.21 20.30
C1 PLC I . -7.85 6.71 32.69
C2 PLC I . -8.82 6.90 31.55
C3 PLC I . -10.16 6.40 32.06
C4 PLC I . -5.48 2.90 34.85
C5 PLC I . -5.38 2.72 36.32
C6 PLC I . -6.85 2.54 38.69
C7 PLC I . -7.87 2.88 36.67
C8 PLC I . -6.57 0.84 37.05
C' PLC I . -8.63 9.63 31.36
C1' PLC I . -9.43 10.83 30.76
C2' PLC I . -10.71 10.37 30.05
C3' PLC I . -11.50 11.54 29.52
C4' PLC I . -12.64 11.07 28.62
C5' PLC I . -13.67 12.20 28.45
C6' PLC I . -14.90 11.83 27.59
CB PLC I . -12.28 6.72 30.81
C1B PLC I . -12.90 7.78 29.89
C2B PLC I . -14.03 7.09 29.06
C3B PLC I . -14.95 8.10 28.36
C4B PLC I . -15.93 7.34 27.45
C5B PLC I . -17.37 7.92 27.60
C6B PLC I . -18.39 7.14 26.77
C7B PLC I . -18.47 7.61 25.32
O' PLC I . -7.69 9.86 32.12
OB PLC I . -12.99 6.02 31.50
O2 PLC I . -8.98 8.31 30.99
O3 PLC I . -10.96 6.50 30.86
O1P PLC I . -5.21 6.30 33.62
O2P PLC I . -5.35 4.01 32.17
O3P PLC I . -7.60 5.28 32.69
O4P PLC I . -6.28 4.07 34.63
N PLC I . -6.50 2.38 37.25
P PLC I . -6.06 4.90 33.20
C1' PLC J . -9.34 8.59 36.48
C2' PLC J . -10.02 9.68 35.65
C3' PLC J . -11.47 9.32 35.25
C4' PLC J . -12.02 10.37 34.18
C5' PLC J . -13.47 10.07 33.63
C6' PLC J . -13.90 11.24 32.76
C7' PLC J . -15.16 10.83 32.01
C8' PLC J . -16.15 12.02 31.92
C9' PLC J . -17.35 11.75 30.97
C1' LMT K . -8.14 8.82 1.38
O1' LMT K . -8.92 7.78 2.01
C1 LMT K . -10.06 7.41 1.19
C2 LMT K . -11.39 7.45 1.98
C3 LMT K . -11.74 8.90 2.37
C4 LMT K . -13.24 9.07 2.37
C5 LMT K . -13.87 8.79 3.73
C6 LMT K . -15.38 8.96 3.61
C7 LMT K . -16.15 8.69 4.88
C8 LMT K . -17.52 9.32 4.82
C9 LMT K . -18.35 8.90 6.01
C10 LMT K . -19.79 9.31 5.79
C11 LMT K . -20.66 8.27 6.46
C12 LMT K . -22.06 8.80 6.53
FAA DSF L . -10.36 25.85 8.06
FAB DSF L . -11.67 24.36 9.15
FAC DSF L . -11.74 22.28 7.57
FAD DSF L . -8.72 20.92 6.79
FAE DSF L . -10.37 21.27 5.48
FAF DSF L . -8.93 22.82 5.81
OAG DSF L . -9.88 23.64 8.01
CAH DSF L . -10.93 24.61 8.05
CAI DSF L . -10.40 22.37 7.57
CAJ DSF L . -9.58 21.83 6.39
C1 PLC M . -2.49 33.44 7.24
C2 PLC M . -3.69 32.53 7.04
C3 PLC M . -4.69 32.95 8.12
C4 PLC M . 1.30 33.78 10.47
C5 PLC M . 1.74 35.07 11.04
C6 PLC M . 0.91 37.33 12.45
C7 PLC M . -0.55 35.71 11.87
C8 PLC M . 1.33 35.15 13.37
C' PLC M . -4.37 33.36 4.50
C1' PLC M . -5.57 33.33 3.54
C2' PLC M . -6.77 32.63 4.15
C3' PLC M . -7.96 32.64 3.24
C4' PLC M . -9.07 31.73 3.75
C5' PLC M . -10.40 32.09 3.07
C6' PLC M . -11.61 31.28 3.49
CB PLC M . -7.02 32.10 8.15
C1B PLC M . -8.10 31.72 7.15
C2B PLC M . -9.11 30.79 7.88
C3B PLC M . -10.43 30.57 7.09
C4B PLC M . -11.31 29.54 7.81
C5B PLC M . -12.75 30.04 7.87
C6B PLC M . -13.66 29.07 8.63
C7B PLC M . -14.17 27.92 7.78
O' PLC M . -3.39 34.08 4.19
OB PLC M . -7.32 32.54 9.24
O2 PLC M . -4.40 32.58 5.68
O3 PLC M . -5.71 31.93 7.91
O1P PLC M . 0.30 33.88 6.96
O2P PLC M . 0.58 31.73 8.60
O3P PLC M . -1.81 32.88 8.40
O4P PLC M . 0.18 34.09 9.63
N PLC M . 0.99 35.91 12.04
P PLC M . -0.13 33.07 8.36
C1' PLC N . -3.67 37.82 7.27
C2' PLC N . -4.81 37.53 6.31
C3' PLC N . -6.13 37.05 6.98
C4' PLC N . -7.10 36.45 5.92
C5' PLC N . -8.44 36.01 6.51
C6' PLC N . -9.41 35.70 5.34
C7' PLC N . -10.67 34.96 5.86
C8' PLC N . -11.92 35.44 5.09
C9' PLC N . -13.18 34.64 5.54
C1' LMT O . -9.30 5.42 -4.42
O1' LMT O . -10.02 4.68 -3.42
C1 LMT O . -11.29 4.18 -3.91
C2 LMT O . -12.61 4.68 -3.20
C3 LMT O . -12.65 6.07 -2.51
C4 LMT O . -13.91 6.92 -2.85
C5 LMT O . -15.01 6.90 -1.77
C6 LMT O . -15.69 8.25 -1.60
C7 LMT O . -16.81 8.19 -0.56
C8 LMT O . -17.56 9.51 -0.54
C9 LMT O . -18.39 9.69 0.73
C10 LMT O . -19.71 10.36 0.39
C11 LMT O . -20.54 10.48 1.65
C12 LMT O . -20.84 11.94 1.85
C1' LMT P . -11.58 -0.68 -2.88
O1' LMT P . -12.28 -0.61 -1.63
C1 LMT P . -13.70 -0.63 -1.86
C2 LMT P . -14.55 0.35 -1.00
C3 LMT P . -14.94 1.62 -1.77
C4 LMT P . -16.44 1.74 -2.09
C5 LMT P . -17.01 3.07 -1.57
C6 LMT P . -18.18 3.56 -2.42
C7 LMT P . -18.94 4.72 -1.76
C8 LMT P . -20.16 5.15 -2.61
C9 LMT P . -21.10 6.11 -1.87
C10 LMT P . -22.19 6.67 -2.77
C11 LMT P . -23.25 7.34 -1.90
C12 LMT P . -23.13 8.85 -1.91
FAA DSF Q . -16.78 17.51 -14.03
FAB DSF Q . -15.33 17.70 -15.84
FAC DSF Q . -15.82 15.26 -14.83
FAD DSF Q . -12.98 15.03 -13.12
FAE DSF Q . -14.40 13.43 -13.14
FAF DSF Q . -13.66 14.25 -14.99
OAG DSF Q . -14.65 16.86 -13.82
CAH DSF Q . -15.52 17.77 -14.48
CAI DSF Q . -15.17 15.54 -13.70
CAJ DSF Q . -14.02 14.54 -13.73
C1 PLC R . -10.84 19.24 -26.23
C2 PLC R . -11.72 18.83 -25.07
C3 PLC R . -12.57 20.07 -24.74
C4 PLC R . -6.76 22.07 -26.82
C5 PLC R . -6.60 23.04 -27.92
C6 PLC R . -7.74 25.23 -29.20
C7 PLC R . -8.77 24.20 -27.40
C8 PLC R . -6.53 25.22 -27.13
C' PLC R . -13.12 16.86 -26.38
C1' PLC R . -14.44 16.06 -26.24
C2' PLC R . -15.24 16.47 -24.98
C3' PLC R . -16.54 15.72 -24.87
C4' PLC R . -17.19 15.95 -23.52
C5' PLC R . -18.66 15.55 -23.59
C6' PLC R . -19.45 15.75 -22.31
CB PLC R . -14.49 19.99 -23.15
C1B PLC R . -15.61 19.00 -22.76
C2B PLC R . -16.14 19.44 -21.38
C3B PLC R . -17.44 18.74 -21.00
C4B PLC R . -17.81 19.10 -19.55
C5B PLC R . -19.30 19.45 -19.44
C6B PLC R . -19.71 19.88 -18.03
C7B PLC R . -20.00 18.70 -17.10
O' PLC R . -12.48 16.75 -27.45
OB PLC R . -14.70 21.19 -23.09
O2 PLC R . -12.67 17.66 -25.30
O3 PLC R . -13.26 19.58 -23.55
O1P PLC R . -8.46 18.97 -27.68
O2P PLC R . -7.21 19.61 -25.34
O3P PLC R . -9.83 20.07 -25.61
O4P PLC R . -8.08 21.51 -26.97
N PLC R . -7.35 24.31 -28.09
P PLC R . -8.32 19.98 -26.35
C1' PLC S . -13.27 21.12 -29.57
C2' PLC S . -14.41 20.14 -29.29
C3' PLC S . -15.39 20.72 -28.24
C4' PLC S . -16.32 19.60 -27.73
C5' PLC S . -17.29 20.05 -26.62
C6' PLC S . -18.37 18.96 -26.41
C7' PLC S . -19.17 19.27 -25.13
C8' PLC S . -20.64 18.90 -25.33
C9' PLC S . -21.45 19.06 -24.04
FAA DSF T . -22.17 -7.67 -15.92
FAB DSF T . -23.02 -5.63 -15.59
FAC DSF T . -22.16 -4.72 -13.28
FAD DSF T . -19.21 -6.01 -13.14
FAE DSF T . -20.47 -5.90 -11.47
FAF DSF T . -20.37 -7.73 -12.64
OAG DSF T . -22.51 -6.92 -13.80
CAH DSF T . -22.99 -6.90 -15.16
CAI DSF T . -21.54 -5.89 -13.59
CAJ DSF T . -20.38 -6.41 -12.68
C1 PLC U . -20.96 -16.40 -21.64
C2 PLC U . -21.42 -15.40 -20.58
C3 PLC U . -22.50 -14.60 -21.28
C4 PLC U . -18.09 -16.29 -25.71
C5 PLC U . -18.45 -16.97 -26.98
C6 PLC U . -20.42 -17.21 -28.93
C7 PLC U . -20.69 -15.88 -27.11
C8 PLC U . -18.87 -15.43 -28.69
C' PLC U . -22.40 -17.25 -18.77
C1' PLC U . -23.37 -17.30 -17.55
C2' PLC U . -23.97 -15.92 -17.25
C3' PLC U . -24.96 -16.00 -16.11
C4' PLC U . -25.39 -14.60 -15.67
C5' PLC U . -26.68 -14.68 -14.84
C6' PLC U . -27.24 -13.35 -14.33
CB PLC U . -23.93 -13.00 -20.07
C1B PLC U . -24.61 -12.90 -18.69
C2B PLC U . -24.96 -11.40 -18.42
C3B PLC U . -25.92 -11.19 -17.24
C4B PLC U . -26.10 -9.69 -16.98
C5B PLC U . -27.57 -9.35 -16.73
C6B PLC U . -27.80 -7.86 -16.54
C7B PLC U . -27.55 -7.40 -15.12
O' PLC U . -22.01 -18.34 -19.21
OB PLC U . -24.46 -12.48 -21.03
O2 PLC U . -22.01 -15.98 -19.30
O3 PLC U . -22.75 -13.62 -20.26
O1P PLC U . -18.91 -18.08 -22.66
O2P PLC U . -17.50 -15.77 -22.94
O3P PLC U . -20.13 -15.61 -22.52
O4P PLC U . -19.20 -16.50 -24.83
N PLC U . -19.56 -16.59 -27.91
P PLC U . -18.86 -16.48 -23.21
C1' PLC V . -24.43 -18.61 -23.55
C2' PLC V . -25.17 -18.65 -22.19
C3' PLC V . -25.95 -17.32 -21.95
C4' PLC V . -26.43 -17.20 -20.45
C5' PLC V . -27.31 -15.94 -20.20
C6' PLC V . -27.86 -16.03 -18.82
C7' PLC V . -28.58 -14.70 -18.49
C8' PLC V . -29.85 -14.96 -17.62
C9' PLC V . -30.47 -13.67 -17.12
C1' LMT W . -10.25 -1.51 4.81
O1' LMT W . -10.68 -1.54 3.44
C1 LMT W . -11.12 -0.23 2.99
C2 LMT W . -12.61 -0.16 2.52
C3 LMT W . -13.65 -0.26 3.68
C4 LMT W . -14.83 0.74 3.53
C5 LMT W . -16.19 0.12 3.19
C6 LMT W . -17.16 1.23 2.77
C7 LMT W . -18.55 0.74 2.34
C8 LMT W . -19.46 1.94 1.96
C9 LMT W . -20.92 1.52 1.63
C10 LMT W . -21.75 2.71 1.08
C11 LMT W . -23.20 2.34 0.83
C12 LMT W . -23.93 3.63 0.60
FAA DSF X . -21.49 -15.68 8.87
FAB DSF X . -23.20 -14.38 8.13
FAC DSF X . -22.31 -12.02 7.86
FAD DSF X . -19.22 -11.89 7.41
FAE DSF X . -20.22 -10.90 8.98
FAF DSF X . -19.17 -12.71 9.39
OAG DSF X . -21.54 -13.52 9.41
CAH DSF X . -22.34 -14.66 9.14
CAI DSF X . -21.24 -12.81 8.20
CAJ DSF X . -19.92 -12.07 8.49
C1 PLC Y . -19.19 -24.11 14.88
C2 PLC Y . -19.72 -22.73 14.49
C3 PLC Y . -21.12 -22.98 13.94
C4 PLC Y . -17.38 -28.09 12.51
C5 PLC Y . -17.77 -29.48 12.86
C6 PLC Y . -19.93 -31.22 13.17
C7 PLC Y . -20.23 -29.02 12.62
C8 PLC Y . -18.95 -30.46 11.10
C' PLC Y . -19.74 -21.63 17.02
C1' PLC Y . -20.40 -20.44 17.78
C2' PLC Y . -21.31 -19.60 16.87
C3' PLC Y . -21.97 -18.47 17.61
C4' PLC Y . -22.67 -17.53 16.66
C5' PLC Y . -23.69 -16.67 17.44
C6' PLC Y . -24.50 -15.67 16.62
CB PLC Y . -22.69 -21.13 13.39
C1B PLC Y . -23.07 -19.77 13.97
C2B PLC Y . -23.76 -18.96 12.86
C3B PLC Y . -24.47 -17.71 13.37
C4B PLC Y . -25.01 -16.90 12.17
C5B PLC Y . -26.46 -16.43 12.44
C6B PLC Y . -27.08 -15.65 11.26
C7B PLC Y . -26.69 -14.19 11.24
O' PLC Y . -19.11 -22.48 17.68
OB PLC Y . -23.53 -21.79 12.79
O2 PLC Y . -19.83 -21.68 15.62
O3 PLC Y . -21.45 -21.64 13.48
O1P PLC Y . -17.02 -25.85 15.33
O2P PLC Y . -16.44 -25.37 12.71
O3P PLC Y . -18.83 -24.73 13.60
O4P PLC Y . -18.15 -27.24 13.35
N PLC Y . -19.11 -30.10 12.62
P PLC Y . -17.52 -25.77 13.72
C1' PLC Z . -22.05 -26.32 17.53
C2' PLC Z . -22.50 -24.99 18.14
C3' PLC Z . -23.71 -24.34 17.38
C4' PLC Z . -23.92 -22.88 17.85
C5' PLC Z . -25.04 -22.12 17.09
C6' PLC Z . -25.29 -20.77 17.80
C7' PLC Z . -26.14 -19.84 16.91
C8' PLC Z . -27.15 -19.09 17.81
C9' PLC Z . -27.97 -18.06 17.04
#